data_3KTM
#
_entry.id   3KTM
#
_cell.length_a   143.990
_cell.length_b   143.990
_cell.length_c   351.190
_cell.angle_alpha   90.00
_cell.angle_beta   90.00
_cell.angle_gamma   120.00
#
_symmetry.space_group_name_H-M   'H 3'
#
loop_
_entity.id
_entity.type
_entity.pdbx_description
1 polymer 'Amyloid beta A4 protein'
2 non-polymer (3R)-butane-1,3-diol
3 non-polymer 'SULFATE ION'
4 non-polymer 'ACETATE ION'
5 water water
#
_entity_poly.entity_id   1
_entity_poly.type   'polypeptide(L)'
_entity_poly.pdbx_seq_one_letter_code
;MLEVPTDGNAGLLAEPQIAMFCGRLNMHMNVQNGKWDSDPSGTKTCIDTKEGILQYCQEVYPELQITNVVEANQPVTIQN
WCKRGRKQCKTHPHFVIPYRCLVGEFVSDALLVPDKCKFLHQERMDVCETHLHWHTVAKETCSEKSTNLHDYGMLLPCGI
DKFRGVEFVCCPLAIEGRKLAAALEHHHHHH
;
_entity_poly.pdbx_strand_id   A,B,C,D,E,F,G,H
#
# COMPACT_ATOMS: atom_id res chain seq x y z
N LEU A 12 -1.20 -8.26 -12.96
CA LEU A 12 -1.69 -8.79 -11.66
C LEU A 12 -2.31 -10.19 -11.87
N LEU A 13 -1.46 -11.22 -11.79
CA LEU A 13 -1.91 -12.59 -12.01
C LEU A 13 -2.45 -13.30 -10.75
N ALA A 14 -2.65 -12.56 -9.67
CA ALA A 14 -3.17 -13.15 -8.43
C ALA A 14 -3.81 -12.09 -7.54
N GLU A 15 -4.73 -12.51 -6.67
CA GLU A 15 -5.37 -11.55 -5.78
C GLU A 15 -4.53 -11.30 -4.54
N PRO A 16 -4.22 -10.03 -4.26
CA PRO A 16 -3.41 -9.75 -3.07
C PRO A 16 -4.12 -10.15 -1.78
N GLN A 17 -3.38 -10.77 -0.88
CA GLN A 17 -3.95 -11.15 0.40
C GLN A 17 -2.85 -11.51 1.41
N ILE A 18 -3.17 -11.46 2.70
CA ILE A 18 -2.20 -11.80 3.72
C ILE A 18 -2.74 -12.94 4.57
N ALA A 19 -1.84 -13.77 5.09
CA ALA A 19 -2.23 -14.91 5.90
C ALA A 19 -1.38 -14.89 7.13
N MET A 20 -1.99 -15.20 8.27
CA MET A 20 -1.25 -15.19 9.51
C MET A 20 -1.39 -16.49 10.30
N PHE A 21 -0.43 -16.72 11.19
CA PHE A 21 -0.40 -17.86 12.10
C PHE A 21 0.45 -17.39 13.26
N CYS A 22 -0.19 -16.96 14.34
CA CYS A 22 0.57 -16.46 15.47
C CYS A 22 1.69 -17.40 15.86
N GLY A 23 2.88 -16.82 15.99
CA GLY A 23 4.06 -17.58 16.33
C GLY A 23 4.97 -17.62 15.11
N ARG A 24 4.42 -17.34 13.94
CA ARG A 24 5.22 -17.35 12.74
C ARG A 24 5.09 -16.02 11.97
N LEU A 25 5.97 -15.78 11.02
CA LEU A 25 5.94 -14.55 10.26
C LEU A 25 4.79 -14.56 9.26
N ASN A 26 4.12 -13.43 9.11
CA ASN A 26 3.01 -13.33 8.18
C ASN A 26 3.39 -13.70 6.77
N MET A 27 2.43 -14.28 6.05
CA MET A 27 2.60 -14.67 4.66
C MET A 27 1.71 -13.77 3.82
N HIS A 28 2.05 -13.59 2.56
CA HIS A 28 1.24 -12.76 1.68
C HIS A 28 1.32 -13.33 0.26
N MET A 29 0.25 -13.16 -0.49
CA MET A 29 0.18 -13.68 -1.83
C MET A 29 1.06 -12.90 -2.78
N ASN A 30 1.90 -13.61 -3.51
CA ASN A 30 2.75 -12.98 -4.48
C ASN A 30 1.85 -12.72 -5.69
N VAL A 31 1.56 -11.46 -5.98
CA VAL A 31 0.66 -11.18 -7.10
C VAL A 31 1.22 -11.44 -8.50
N GLN A 32 2.51 -11.76 -8.59
CA GLN A 32 3.11 -12.04 -9.89
C GLN A 32 2.99 -13.51 -10.27
N ASN A 33 3.46 -14.41 -9.40
CA ASN A 33 3.38 -15.83 -9.67
C ASN A 33 2.14 -16.53 -9.13
N GLY A 34 1.70 -16.16 -7.93
CA GLY A 34 0.51 -16.78 -7.35
C GLY A 34 0.81 -17.68 -6.17
N LYS A 35 1.99 -17.49 -5.60
CA LYS A 35 2.43 -18.29 -4.47
C LYS A 35 2.59 -17.44 -3.19
N TRP A 36 2.64 -18.11 -2.04
CA TRP A 36 2.80 -17.41 -0.78
C TRP A 36 4.26 -17.11 -0.50
N ASP A 37 4.55 -15.91 -0.02
CA ASP A 37 5.92 -15.57 0.32
C ASP A 37 5.84 -15.14 1.77
N SER A 38 6.97 -15.02 2.45
CA SER A 38 6.95 -14.64 3.85
C SER A 38 7.22 -13.13 4.02
N ASP A 39 6.92 -12.58 5.20
CA ASP A 39 7.12 -11.17 5.46
C ASP A 39 8.49 -10.70 4.97
N PRO A 40 8.49 -9.74 4.03
CA PRO A 40 9.67 -9.15 3.41
C PRO A 40 10.82 -8.73 4.33
N SER A 41 10.49 -8.25 5.53
CA SER A 41 11.52 -7.82 6.46
C SER A 41 11.86 -8.90 7.47
N GLY A 42 11.14 -10.01 7.42
CA GLY A 42 11.38 -11.11 8.35
C GLY A 42 11.15 -10.70 9.79
N THR A 43 10.23 -9.76 10.03
CA THR A 43 9.95 -9.26 11.38
C THR A 43 8.49 -9.20 11.83
N LYS A 44 7.57 -9.11 10.86
CA LYS A 44 6.15 -9.00 11.16
C LYS A 44 5.40 -10.28 11.54
N THR A 45 4.78 -10.25 12.72
CA THR A 45 4.01 -11.35 13.27
C THR A 45 2.50 -11.12 13.14
N CYS A 46 1.70 -12.12 13.50
CA CYS A 46 0.25 -12.02 13.39
C CYS A 46 -0.25 -10.71 13.99
N ILE A 47 -1.29 -10.16 13.38
CA ILE A 47 -1.90 -8.89 13.77
C ILE A 47 -3.26 -9.11 14.44
N ASP A 48 -3.56 -8.28 15.45
CA ASP A 48 -4.79 -8.41 16.24
C ASP A 48 -5.99 -7.54 15.83
N THR A 49 -5.77 -6.47 15.07
CA THR A 49 -6.88 -5.61 14.69
C THR A 49 -7.08 -5.49 13.18
N LYS A 50 -8.30 -5.18 12.78
CA LYS A 50 -8.62 -5.04 11.39
C LYS A 50 -7.85 -3.87 10.81
N GLU A 51 -7.66 -2.85 11.63
CA GLU A 51 -6.94 -1.66 11.22
C GLU A 51 -5.48 -2.02 10.97
N GLY A 52 -4.94 -2.90 11.81
CA GLY A 52 -3.57 -3.32 11.66
C GLY A 52 -3.39 -4.21 10.44
N ILE A 53 -4.36 -5.09 10.20
CA ILE A 53 -4.31 -5.99 9.07
C ILE A 53 -4.34 -5.16 7.78
N LEU A 54 -5.18 -4.12 7.77
CA LEU A 54 -5.28 -3.27 6.60
C LEU A 54 -3.94 -2.55 6.35
N GLN A 55 -3.28 -2.13 7.42
CA GLN A 55 -1.99 -1.44 7.28
C GLN A 55 -0.95 -2.40 6.70
N TYR A 56 -0.92 -3.63 7.21
CA TYR A 56 0.03 -4.63 6.73
C TYR A 56 -0.17 -4.87 5.23
N CYS A 57 -1.43 -4.98 4.81
CA CYS A 57 -1.76 -5.18 3.41
C CYS A 57 -1.12 -4.07 2.60
N GLN A 58 -1.35 -2.82 3.04
CA GLN A 58 -0.82 -1.67 2.34
C GLN A 58 0.70 -1.64 2.35
N GLU A 59 1.31 -2.09 3.46
CA GLU A 59 2.77 -2.08 3.55
C GLU A 59 3.36 -3.08 2.55
N VAL A 60 2.75 -4.26 2.46
CA VAL A 60 3.20 -5.32 1.57
C VAL A 60 2.93 -5.11 0.08
N TYR A 61 1.89 -4.33 -0.24
CA TYR A 61 1.53 -4.03 -1.63
C TYR A 61 1.55 -2.53 -1.85
N PRO A 62 2.74 -1.91 -1.70
CA PRO A 62 2.86 -0.46 -1.88
C PRO A 62 2.43 0.06 -3.25
N GLU A 63 2.46 -0.80 -4.26
CA GLU A 63 2.09 -0.38 -5.59
C GLU A 63 0.57 -0.43 -5.85
N LEU A 64 -0.21 -0.92 -4.88
CA LEU A 64 -1.66 -0.99 -5.05
C LEU A 64 -2.40 -0.12 -4.04
N GLN A 65 -3.59 0.32 -4.39
CA GLN A 65 -4.36 1.15 -3.47
C GLN A 65 -5.28 0.27 -2.62
N ILE A 66 -4.72 -0.32 -1.56
CA ILE A 66 -5.50 -1.18 -0.68
C ILE A 66 -6.44 -0.27 0.11
N THR A 67 -7.75 -0.49 -0.04
CA THR A 67 -8.72 0.36 0.63
C THR A 67 -9.55 -0.30 1.73
N ASN A 68 -9.41 -1.61 1.89
CA ASN A 68 -10.16 -2.30 2.93
C ASN A 68 -9.71 -3.74 2.94
N VAL A 69 -10.20 -4.52 3.90
CA VAL A 69 -9.87 -5.94 3.97
C VAL A 69 -11.12 -6.73 4.36
N VAL A 70 -11.12 -8.01 4.02
CA VAL A 70 -12.22 -8.90 4.36
C VAL A 70 -11.70 -10.33 4.39
N GLU A 71 -12.17 -11.11 5.37
CA GLU A 71 -11.79 -12.50 5.50
C GLU A 71 -12.13 -13.29 4.24
N ALA A 72 -11.31 -14.27 3.90
CA ALA A 72 -11.62 -15.14 2.77
C ALA A 72 -12.72 -16.08 3.28
N ASN A 73 -13.53 -16.64 2.39
CA ASN A 73 -14.62 -17.51 2.77
C ASN A 73 -14.17 -18.92 3.18
N GLN A 74 -12.98 -19.30 2.74
CA GLN A 74 -12.50 -20.63 3.03
C GLN A 74 -11.01 -20.65 3.33
N PRO A 75 -10.58 -21.55 4.22
CA PRO A 75 -9.18 -21.68 4.60
C PRO A 75 -8.32 -22.28 3.50
N VAL A 76 -7.03 -22.01 3.56
CA VAL A 76 -6.08 -22.51 2.58
C VAL A 76 -4.96 -23.15 3.40
N THR A 77 -4.17 -24.00 2.75
CA THR A 77 -3.06 -24.66 3.43
C THR A 77 -1.77 -24.01 2.97
N ILE A 78 -1.01 -23.51 3.93
CA ILE A 78 0.25 -22.85 3.64
C ILE A 78 1.38 -23.58 4.33
N GLN A 79 2.46 -23.83 3.58
CA GLN A 79 3.63 -24.53 4.14
C GLN A 79 4.83 -23.60 4.16
N ASN A 80 5.83 -24.00 4.95
CA ASN A 80 7.09 -23.27 5.06
C ASN A 80 7.03 -21.93 5.78
N TRP A 81 6.33 -21.90 6.91
CA TRP A 81 6.22 -20.69 7.68
C TRP A 81 7.54 -20.45 8.39
N CYS A 82 8.07 -19.24 8.26
CA CYS A 82 9.32 -18.90 8.92
C CYS A 82 9.00 -18.33 10.30
N LYS A 83 9.98 -18.38 11.20
CA LYS A 83 9.80 -17.85 12.55
C LYS A 83 10.80 -16.68 12.70
N ARG A 84 10.39 -15.62 13.39
CA ARG A 84 11.28 -14.48 13.58
C ARG A 84 12.49 -14.98 14.35
N GLY A 85 13.67 -14.72 13.83
CA GLY A 85 14.87 -15.19 14.50
C GLY A 85 15.41 -16.48 13.90
N ARG A 86 14.58 -17.51 13.79
CA ARG A 86 14.99 -18.81 13.23
C ARG A 86 15.45 -18.74 11.78
N LYS A 87 16.45 -19.53 11.43
CA LYS A 87 16.96 -19.56 10.06
C LYS A 87 16.10 -20.49 9.24
N GLN A 88 15.71 -21.59 9.86
CA GLN A 88 14.91 -22.62 9.21
C GLN A 88 13.41 -22.38 9.11
N CYS A 89 12.89 -22.38 7.89
CA CYS A 89 11.47 -22.23 7.65
C CYS A 89 10.98 -23.66 7.32
N LYS A 90 10.68 -24.43 8.36
CA LYS A 90 10.24 -25.81 8.17
C LYS A 90 8.90 -25.97 7.46
N THR A 91 8.87 -26.81 6.42
CA THR A 91 7.66 -27.09 5.66
C THR A 91 6.72 -27.82 6.63
N HIS A 92 6.07 -27.06 7.50
CA HIS A 92 5.15 -27.60 8.51
C HIS A 92 3.76 -26.99 8.28
N PRO A 93 3.03 -27.51 7.27
CA PRO A 93 1.68 -27.08 6.87
C PRO A 93 0.69 -26.61 7.94
N HIS A 94 0.00 -25.52 7.62
CA HIS A 94 -1.05 -24.93 8.47
C HIS A 94 -2.24 -24.52 7.59
N PHE A 95 -3.43 -24.73 8.13
CA PHE A 95 -4.68 -24.41 7.43
C PHE A 95 -5.16 -23.11 8.05
N VAL A 96 -5.18 -22.05 7.24
CA VAL A 96 -5.60 -20.76 7.78
C VAL A 96 -6.52 -20.01 6.85
N ILE A 97 -7.25 -19.06 7.43
CA ILE A 97 -8.15 -18.23 6.64
C ILE A 97 -7.44 -16.91 6.34
N PRO A 98 -7.09 -16.68 5.07
CA PRO A 98 -6.42 -15.45 4.65
C PRO A 98 -7.34 -14.23 4.77
N TYR A 99 -6.76 -13.06 4.61
CA TYR A 99 -7.54 -11.82 4.60
C TYR A 99 -7.29 -11.31 3.20
N ARG A 100 -8.35 -10.98 2.48
CA ARG A 100 -8.19 -10.47 1.12
C ARG A 100 -7.94 -8.99 1.25
N CYS A 101 -6.94 -8.49 0.54
CA CYS A 101 -6.64 -7.07 0.56
C CYS A 101 -7.44 -6.49 -0.58
N LEU A 102 -8.57 -5.87 -0.28
CA LEU A 102 -9.41 -5.30 -1.33
C LEU A 102 -8.78 -4.04 -1.92
N VAL A 103 -8.84 -3.90 -3.25
CA VAL A 103 -8.22 -2.73 -3.89
C VAL A 103 -9.18 -1.76 -4.57
N GLY A 104 -8.87 -0.48 -4.42
CA GLY A 104 -9.67 0.57 -5.03
C GLY A 104 -11.12 0.67 -4.58
N GLU A 105 -11.95 1.24 -5.46
CA GLU A 105 -13.36 1.41 -5.23
C GLU A 105 -13.99 0.02 -5.09
N PHE A 106 -14.76 -0.16 -4.02
CA PHE A 106 -15.40 -1.44 -3.74
C PHE A 106 -16.45 -1.89 -4.74
N VAL A 107 -16.35 -3.16 -5.13
CA VAL A 107 -17.33 -3.79 -6.01
C VAL A 107 -17.58 -5.18 -5.43
N SER A 108 -18.85 -5.56 -5.32
CA SER A 108 -19.20 -6.84 -4.74
C SER A 108 -18.69 -8.00 -5.59
N ASP A 109 -18.32 -9.10 -4.93
CA ASP A 109 -17.84 -10.29 -5.61
C ASP A 109 -18.84 -10.84 -6.60
N ALA A 110 -18.37 -11.32 -7.74
CA ALA A 110 -19.29 -11.94 -8.70
C ALA A 110 -19.36 -13.37 -8.16
N LEU A 111 -20.55 -13.95 -8.11
CA LEU A 111 -20.65 -15.31 -7.61
C LEU A 111 -21.26 -16.18 -8.69
N LEU A 112 -20.78 -17.41 -8.77
CA LEU A 112 -21.31 -18.36 -9.74
C LEU A 112 -22.59 -18.93 -9.17
N VAL A 113 -23.64 -18.90 -9.98
CA VAL A 113 -24.92 -19.43 -9.57
C VAL A 113 -25.18 -20.73 -10.35
N PRO A 114 -25.00 -21.89 -9.70
CA PRO A 114 -25.23 -23.15 -10.41
C PRO A 114 -26.71 -23.27 -10.74
N ASP A 115 -27.03 -23.94 -11.84
CA ASP A 115 -28.42 -24.07 -12.26
C ASP A 115 -29.39 -24.54 -11.17
N LYS A 116 -30.56 -23.90 -11.17
CA LYS A 116 -31.65 -24.19 -10.21
C LYS A 116 -31.37 -23.60 -8.82
N CYS A 117 -30.21 -23.00 -8.64
CA CYS A 117 -29.92 -22.38 -7.36
C CYS A 117 -30.37 -20.94 -7.51
N LYS A 118 -30.52 -20.24 -6.40
CA LYS A 118 -30.97 -18.87 -6.47
C LYS A 118 -30.01 -17.87 -5.85
N PHE A 119 -29.88 -16.73 -6.53
CA PHE A 119 -29.03 -15.63 -6.04
C PHE A 119 -29.92 -14.73 -5.17
N LEU A 120 -29.53 -14.57 -3.91
CA LEU A 120 -30.28 -13.74 -2.97
C LEU A 120 -29.32 -12.74 -2.32
N HIS A 121 -29.89 -11.76 -1.62
CA HIS A 121 -29.08 -10.75 -0.92
C HIS A 121 -29.91 -10.03 0.13
N GLN A 122 -29.26 -9.56 1.18
CA GLN A 122 -29.91 -8.85 2.27
C GLN A 122 -29.05 -7.71 2.67
N GLU A 123 -29.67 -6.59 3.05
CA GLU A 123 -28.94 -5.41 3.48
C GLU A 123 -29.82 -4.50 4.30
N ARG A 124 -29.19 -3.59 5.03
CA ARG A 124 -29.91 -2.67 5.88
C ARG A 124 -28.98 -1.49 6.02
N MET A 125 -29.48 -0.30 5.72
CA MET A 125 -28.67 0.92 5.82
C MET A 125 -28.26 1.22 7.24
N ASP A 126 -28.94 0.62 8.21
CA ASP A 126 -28.57 0.89 9.59
C ASP A 126 -27.88 -0.23 10.34
N VAL A 127 -27.29 -1.19 9.63
CA VAL A 127 -26.54 -2.23 10.32
C VAL A 127 -25.12 -2.25 9.76
N CYS A 128 -24.14 -2.40 10.63
CA CYS A 128 -22.76 -2.45 10.20
C CYS A 128 -22.16 -3.62 10.97
N GLU A 129 -22.10 -4.77 10.31
CA GLU A 129 -21.61 -6.01 10.89
C GLU A 129 -20.38 -6.63 10.22
N THR A 130 -19.89 -7.70 10.85
CA THR A 130 -18.73 -8.44 10.38
C THR A 130 -19.03 -9.50 9.33
N HIS A 131 -17.94 -10.01 8.75
CA HIS A 131 -17.99 -11.05 7.74
C HIS A 131 -18.66 -12.28 8.35
N LEU A 132 -18.28 -12.63 9.57
CA LEU A 132 -18.89 -13.76 10.25
C LEU A 132 -20.41 -13.56 10.42
N HIS A 133 -20.82 -12.38 10.90
CA HIS A 133 -22.25 -12.15 11.05
C HIS A 133 -22.97 -12.38 9.72
N TRP A 134 -22.47 -11.78 8.63
CA TRP A 134 -23.13 -11.92 7.33
C TRP A 134 -23.11 -13.34 6.78
N HIS A 135 -22.07 -14.07 7.12
CA HIS A 135 -21.97 -15.47 6.71
C HIS A 135 -23.12 -16.22 7.40
N THR A 136 -23.32 -15.95 8.69
CA THR A 136 -24.38 -16.63 9.42
C THR A 136 -25.75 -16.29 8.84
N VAL A 137 -25.99 -15.01 8.58
CA VAL A 137 -27.27 -14.61 8.00
C VAL A 137 -27.52 -15.42 6.75
N ALA A 138 -26.57 -15.40 5.82
CA ALA A 138 -26.69 -16.16 4.57
C ALA A 138 -26.96 -17.63 4.83
N LYS A 139 -26.19 -18.25 5.72
CA LYS A 139 -26.37 -19.66 6.03
C LYS A 139 -27.77 -19.91 6.59
N GLU A 140 -28.16 -19.16 7.61
CA GLU A 140 -29.47 -19.36 8.19
C GLU A 140 -30.60 -19.16 7.18
N THR A 141 -30.45 -18.19 6.28
CA THR A 141 -31.49 -17.96 5.28
C THR A 141 -31.70 -19.15 4.34
N CYS A 142 -30.60 -19.80 3.92
CA CYS A 142 -30.75 -20.94 3.02
C CYS A 142 -31.26 -22.12 3.83
N SER A 143 -30.68 -22.31 5.01
CA SER A 143 -31.07 -23.41 5.90
C SER A 143 -32.57 -23.38 6.16
N GLU A 144 -33.10 -22.19 6.42
CA GLU A 144 -34.53 -22.02 6.67
C GLU A 144 -35.36 -22.60 5.53
N LYS A 145 -34.98 -22.31 4.29
CA LYS A 145 -35.75 -22.85 3.17
C LYS A 145 -35.29 -24.28 2.83
N SER A 146 -34.56 -24.90 3.74
CA SER A 146 -34.08 -26.26 3.54
C SER A 146 -33.23 -26.38 2.29
N THR A 147 -32.21 -25.54 2.19
CA THR A 147 -31.34 -25.55 1.03
C THR A 147 -29.89 -25.41 1.48
N ASN A 148 -28.96 -25.36 0.54
CA ASN A 148 -27.56 -25.24 0.90
C ASN A 148 -26.93 -23.94 0.46
N LEU A 149 -26.06 -23.40 1.30
CA LEU A 149 -25.35 -22.16 1.00
C LEU A 149 -24.16 -22.57 0.16
N HIS A 150 -24.12 -22.10 -1.08
CA HIS A 150 -23.03 -22.45 -1.96
C HIS A 150 -21.94 -21.41 -1.98
N ASP A 151 -22.32 -20.14 -1.85
CA ASP A 151 -21.33 -19.09 -1.88
C ASP A 151 -21.97 -17.79 -1.38
N TYR A 152 -21.14 -16.85 -0.94
CA TYR A 152 -21.63 -15.56 -0.47
C TYR A 152 -20.56 -14.48 -0.52
N GLY A 153 -21.00 -13.23 -0.56
CA GLY A 153 -20.07 -12.12 -0.60
C GLY A 153 -20.62 -10.96 0.21
N MET A 154 -19.73 -10.05 0.59
CA MET A 154 -20.13 -8.90 1.36
C MET A 154 -20.72 -7.83 0.43
N LEU A 155 -21.49 -6.91 1.01
CA LEU A 155 -22.10 -5.81 0.27
C LEU A 155 -21.97 -4.54 1.13
N LEU A 156 -21.86 -3.40 0.46
CA LEU A 156 -21.82 -2.10 1.12
C LEU A 156 -20.88 -1.99 2.33
N PRO A 157 -19.60 -1.71 2.10
CA PRO A 157 -18.73 -1.61 3.27
C PRO A 157 -19.02 -0.33 4.06
N CYS A 158 -18.96 -0.43 5.39
CA CYS A 158 -19.23 0.71 6.28
C CYS A 158 -18.09 0.89 7.30
N GLY A 159 -16.99 0.19 7.09
CA GLY A 159 -15.86 0.31 7.99
C GLY A 159 -14.81 -0.69 7.58
N ILE A 160 -13.67 -0.70 8.27
CA ILE A 160 -12.60 -1.64 7.93
C ILE A 160 -13.14 -3.04 8.24
N ASP A 161 -13.33 -3.82 7.20
CA ASP A 161 -13.85 -5.18 7.33
C ASP A 161 -15.19 -5.19 8.05
N LYS A 162 -16.08 -4.29 7.62
CA LYS A 162 -17.43 -4.17 8.16
C LYS A 162 -18.34 -3.91 6.98
N PHE A 163 -19.48 -4.59 6.93
CA PHE A 163 -20.41 -4.41 5.81
C PHE A 163 -21.87 -4.32 6.22
N ARG A 164 -22.69 -3.74 5.35
CA ARG A 164 -24.11 -3.57 5.63
C ARG A 164 -25.00 -4.64 5.02
N GLY A 165 -24.40 -5.66 4.39
CA GLY A 165 -25.22 -6.68 3.77
C GLY A 165 -24.43 -7.84 3.22
N VAL A 166 -25.14 -8.80 2.63
CA VAL A 166 -24.51 -10.00 2.11
C VAL A 166 -25.25 -10.45 0.86
N GLU A 167 -24.52 -10.99 -0.10
CA GLU A 167 -25.10 -11.50 -1.32
C GLU A 167 -24.71 -12.95 -1.23
N PHE A 168 -25.61 -13.85 -1.61
CA PHE A 168 -25.29 -15.27 -1.47
C PHE A 168 -26.09 -16.14 -2.42
N VAL A 169 -25.70 -17.40 -2.52
CA VAL A 169 -26.38 -18.35 -3.39
C VAL A 169 -26.88 -19.54 -2.60
N CYS A 170 -28.16 -19.88 -2.81
CA CYS A 170 -28.77 -21.01 -2.12
C CYS A 170 -29.06 -22.10 -3.15
N CYS A 171 -28.79 -23.34 -2.77
CA CYS A 171 -29.00 -24.44 -3.69
C CYS A 171 -29.90 -25.54 -3.15
N PRO A 172 -30.67 -26.17 -4.05
CA PRO A 172 -31.60 -27.26 -3.75
C PRO A 172 -30.81 -28.46 -3.25
N LEU A 173 -31.40 -29.26 -2.38
CA LEU A 173 -30.71 -30.45 -1.91
C LEU A 173 -30.56 -31.38 -3.11
N ALA A 174 -31.49 -31.27 -4.07
CA ALA A 174 -31.44 -32.11 -5.25
C ALA A 174 -32.29 -31.54 -6.38
N ILE A 175 -31.98 -31.92 -7.61
CA ILE A 175 -32.72 -31.45 -8.77
C ILE A 175 -33.31 -32.66 -9.48
N GLU A 176 -34.63 -32.71 -9.53
CA GLU A 176 -35.37 -33.80 -10.15
C GLU A 176 -34.90 -35.15 -9.66
N GLY A 177 -34.76 -35.27 -8.35
CA GLY A 177 -34.35 -36.52 -7.76
C GLY A 177 -32.88 -36.67 -7.47
N ARG A 178 -32.03 -36.23 -8.40
CA ARG A 178 -30.60 -36.36 -8.15
C ARG A 178 -29.99 -35.29 -7.26
N LYS A 179 -29.32 -35.74 -6.21
CA LYS A 179 -28.64 -34.89 -5.24
C LYS A 179 -27.65 -33.91 -5.93
N LEU A 180 -27.60 -32.68 -5.43
CA LEU A 180 -26.72 -31.64 -5.97
C LEU A 180 -25.64 -31.39 -4.92
N ALA A 181 -24.41 -31.83 -5.20
CA ALA A 181 -23.31 -31.69 -4.25
C ALA A 181 -22.12 -30.82 -4.63
N ALA A 182 -21.24 -30.60 -3.65
CA ALA A 182 -20.01 -29.82 -3.79
C ALA A 182 -19.23 -30.07 -2.51
N ALA A 183 -17.92 -29.79 -2.52
CA ALA A 183 -17.09 -30.00 -1.31
C ALA A 183 -16.22 -28.78 -1.00
N LEU A 184 -15.98 -28.53 0.29
CA LEU A 184 -15.17 -27.39 0.71
C LEU A 184 -14.97 -27.14 2.22
N GLU A 185 -14.20 -26.09 2.49
CA GLU A 185 -13.88 -25.47 3.79
C GLU A 185 -13.54 -26.11 5.14
N HIS A 186 -13.05 -27.35 5.19
CA HIS A 186 -12.68 -27.95 6.49
C HIS A 186 -11.54 -28.97 6.43
N ALA B 10 -22.66 -15.39 19.07
CA ALA B 10 -21.83 -14.18 19.33
C ALA B 10 -20.96 -14.37 20.58
N GLY B 11 -20.05 -13.43 20.80
CA GLY B 11 -19.16 -13.45 21.96
C GLY B 11 -19.86 -12.91 23.21
N LEU B 12 -20.72 -13.73 23.77
CA LEU B 12 -21.48 -13.37 24.95
C LEU B 12 -20.78 -13.82 26.22
N LEU B 13 -21.20 -13.30 27.36
CA LEU B 13 -20.61 -13.67 28.64
C LEU B 13 -21.51 -14.61 29.46
N ALA B 14 -20.91 -15.34 30.38
CA ALA B 14 -21.68 -16.22 31.26
C ALA B 14 -22.38 -15.29 32.24
N GLU B 15 -23.62 -15.58 32.59
CA GLU B 15 -24.32 -14.69 33.50
C GLU B 15 -23.55 -14.53 34.81
N PRO B 16 -23.34 -13.27 35.24
CA PRO B 16 -22.62 -13.03 36.49
C PRO B 16 -23.39 -13.53 37.73
N GLN B 17 -22.68 -14.16 38.66
CA GLN B 17 -23.30 -14.69 39.88
C GLN B 17 -22.27 -15.06 40.95
N ILE B 18 -22.72 -15.06 42.21
CA ILE B 18 -21.84 -15.39 43.31
C ILE B 18 -22.39 -16.59 44.09
N ALA B 19 -21.47 -17.35 44.68
CA ALA B 19 -21.81 -18.53 45.46
C ALA B 19 -21.09 -18.50 46.82
N MET B 20 -21.83 -18.83 47.87
CA MET B 20 -21.27 -18.81 49.23
C MET B 20 -21.32 -20.16 49.97
N PHE B 21 -20.40 -20.31 50.92
CA PHE B 21 -20.30 -21.51 51.74
C PHE B 21 -19.55 -21.11 53.00
N CYS B 22 -20.28 -20.63 54.02
CA CYS B 22 -19.66 -20.20 55.27
C CYS B 22 -18.47 -21.05 55.68
N GLY B 23 -17.39 -20.38 56.06
CA GLY B 23 -16.19 -21.09 56.43
C GLY B 23 -15.22 -21.09 55.28
N ARG B 24 -15.65 -20.53 54.15
CA ARG B 24 -14.81 -20.43 52.98
C ARG B 24 -15.00 -19.08 52.30
N LEU B 25 -14.12 -18.80 51.34
CA LEU B 25 -14.17 -17.54 50.59
C LEU B 25 -15.24 -17.66 49.51
N ASN B 26 -15.99 -16.57 49.31
CA ASN B 26 -17.02 -16.54 48.28
C ASN B 26 -16.48 -16.91 46.91
N MET B 27 -17.38 -17.38 46.06
CA MET B 27 -17.05 -17.75 44.70
C MET B 27 -17.92 -16.85 43.80
N HIS B 28 -17.45 -16.57 42.60
CA HIS B 28 -18.23 -15.76 41.67
C HIS B 28 -17.91 -16.34 40.31
N MET B 29 -18.84 -16.18 39.38
CA MET B 29 -18.64 -16.73 38.05
C MET B 29 -17.73 -15.82 37.24
N ASN B 30 -16.73 -16.41 36.60
CA ASN B 30 -15.80 -15.68 35.72
C ASN B 30 -16.60 -15.58 34.42
N VAL B 31 -17.28 -14.46 34.22
CA VAL B 31 -18.11 -14.25 33.05
C VAL B 31 -17.43 -14.48 31.69
N GLN B 32 -16.10 -14.52 31.66
CA GLN B 32 -15.37 -14.71 30.42
C GLN B 32 -15.14 -16.16 30.01
N ASN B 33 -14.90 -17.04 30.98
CA ASN B 33 -14.63 -18.44 30.68
C ASN B 33 -15.67 -19.41 31.25
N GLY B 34 -16.66 -18.89 31.95
CA GLY B 34 -17.71 -19.73 32.50
C GLY B 34 -17.38 -20.53 33.75
N LYS B 35 -16.14 -20.53 34.21
CA LYS B 35 -15.76 -21.29 35.41
C LYS B 35 -15.82 -20.42 36.67
N TRP B 36 -15.88 -21.05 37.84
CA TRP B 36 -15.95 -20.30 39.10
C TRP B 36 -14.55 -19.90 39.57
N ASP B 37 -14.46 -18.75 40.22
CA ASP B 37 -13.20 -18.22 40.75
C ASP B 37 -13.45 -17.85 42.21
N SER B 38 -12.38 -17.79 43.00
CA SER B 38 -12.53 -17.44 44.41
C SER B 38 -12.53 -15.93 44.60
N ASP B 39 -12.73 -15.47 45.83
CA ASP B 39 -12.76 -14.03 46.11
C ASP B 39 -11.44 -13.38 45.73
N PRO B 40 -11.50 -12.31 44.91
CA PRO B 40 -10.32 -11.57 44.44
C PRO B 40 -9.39 -11.08 45.54
N SER B 41 -9.97 -10.56 46.62
CA SER B 41 -9.18 -10.05 47.73
C SER B 41 -8.78 -11.14 48.72
N GLY B 42 -9.33 -12.34 48.53
CA GLY B 42 -9.03 -13.45 49.41
C GLY B 42 -9.45 -13.23 50.85
N THR B 43 -10.53 -12.50 51.08
CA THR B 43 -10.96 -12.26 52.45
C THR B 43 -12.48 -12.25 52.65
N LYS B 44 -13.23 -11.96 51.60
CA LYS B 44 -14.68 -11.92 51.70
C LYS B 44 -15.27 -13.32 51.89
N THR B 45 -16.16 -13.45 52.87
CA THR B 45 -16.78 -14.73 53.16
C THR B 45 -18.31 -14.63 53.14
N CYS B 46 -18.98 -15.76 53.33
CA CYS B 46 -20.44 -15.79 53.30
C CYS B 46 -21.13 -14.56 53.90
N ILE B 47 -22.12 -14.04 53.17
CA ILE B 47 -22.89 -12.85 53.55
C ILE B 47 -24.27 -13.26 54.07
N ASP B 48 -24.87 -12.43 54.91
CA ASP B 48 -26.18 -12.77 55.45
C ASP B 48 -27.30 -11.76 55.20
N THR B 49 -27.15 -10.96 54.16
CA THR B 49 -28.20 -9.99 53.82
C THR B 49 -28.22 -9.80 52.32
N LYS B 50 -29.40 -9.50 51.78
CA LYS B 50 -29.54 -9.28 50.36
C LYS B 50 -28.69 -8.09 49.97
N GLU B 51 -28.89 -6.97 50.66
CA GLU B 51 -28.11 -5.75 50.39
C GLU B 51 -26.63 -6.09 50.30
N GLY B 52 -26.17 -6.95 51.20
CA GLY B 52 -24.78 -7.35 51.23
C GLY B 52 -24.38 -8.22 50.07
N ILE B 53 -25.28 -9.07 49.61
CA ILE B 53 -24.96 -9.92 48.48
C ILE B 53 -24.87 -9.03 47.23
N LEU B 54 -25.78 -8.05 47.15
CA LEU B 54 -25.80 -7.11 46.05
C LEU B 54 -24.47 -6.34 46.00
N GLN B 55 -24.06 -5.79 47.15
CA GLN B 55 -22.81 -5.04 47.21
C GLN B 55 -21.62 -5.90 46.83
N TYR B 56 -21.67 -7.18 47.20
CA TYR B 56 -20.57 -8.06 46.87
C TYR B 56 -20.51 -8.28 45.37
N CYS B 57 -21.69 -8.34 44.74
CA CYS B 57 -21.79 -8.53 43.30
C CYS B 57 -21.10 -7.34 42.61
N GLN B 58 -21.44 -6.13 43.05
CA GLN B 58 -20.85 -4.93 42.51
C GLN B 58 -19.33 -4.94 42.64
N GLU B 59 -18.84 -5.43 43.78
CA GLU B 59 -17.42 -5.49 44.04
C GLU B 59 -16.62 -6.35 43.08
N VAL B 60 -17.16 -7.51 42.72
CA VAL B 60 -16.45 -8.43 41.85
C VAL B 60 -16.74 -8.24 40.36
N TYR B 61 -17.76 -7.43 40.09
CA TYR B 61 -18.16 -7.11 38.73
C TYR B 61 -18.24 -5.59 38.64
N PRO B 62 -17.11 -4.91 38.90
CA PRO B 62 -17.02 -3.45 38.86
C PRO B 62 -17.42 -2.82 37.53
N GLU B 63 -17.23 -3.55 36.44
CA GLU B 63 -17.59 -3.04 35.12
C GLU B 63 -19.04 -3.26 34.70
N LEU B 64 -19.87 -3.79 35.60
CA LEU B 64 -21.27 -4.06 35.26
C LEU B 64 -22.16 -3.28 36.22
N GLN B 65 -23.33 -2.86 35.76
CA GLN B 65 -24.25 -2.12 36.61
C GLN B 65 -25.21 -3.09 37.30
N ILE B 66 -24.78 -3.63 38.43
CA ILE B 66 -25.57 -4.58 39.21
C ILE B 66 -26.70 -3.82 39.89
N THR B 67 -27.94 -4.14 39.58
CA THR B 67 -29.07 -3.42 40.17
C THR B 67 -29.95 -4.29 41.08
N ASN B 68 -29.54 -5.53 41.29
CA ASN B 68 -30.32 -6.43 42.13
C ASN B 68 -29.74 -7.83 42.14
N VAL B 69 -30.31 -8.68 42.99
CA VAL B 69 -29.87 -10.06 43.09
C VAL B 69 -31.10 -10.95 43.26
N VAL B 70 -30.95 -12.22 42.92
CA VAL B 70 -32.01 -13.20 43.05
C VAL B 70 -31.40 -14.60 43.04
N GLU B 71 -31.96 -15.47 43.88
CA GLU B 71 -31.48 -16.85 43.97
C GLU B 71 -31.65 -17.54 42.63
N ALA B 72 -30.69 -18.37 42.28
CA ALA B 72 -30.80 -19.15 41.05
C ALA B 72 -31.82 -20.20 41.51
N ASN B 73 -32.41 -20.95 40.58
CA ASN B 73 -33.39 -21.92 40.99
C ASN B 73 -32.86 -23.22 41.57
N GLN B 74 -31.78 -23.72 40.99
CA GLN B 74 -31.24 -24.98 41.48
C GLN B 74 -29.78 -24.88 41.92
N PRO B 75 -29.42 -25.68 42.93
CA PRO B 75 -28.05 -25.70 43.46
C PRO B 75 -27.10 -26.19 42.38
N VAL B 76 -25.82 -25.87 42.55
CA VAL B 76 -24.80 -26.28 41.60
C VAL B 76 -23.64 -26.84 42.42
N THR B 77 -22.84 -27.71 41.82
CA THR B 77 -21.69 -28.30 42.49
C THR B 77 -20.44 -27.45 42.23
N ILE B 78 -19.83 -26.93 43.28
CA ILE B 78 -18.63 -26.11 43.11
C ILE B 78 -17.42 -26.72 43.82
N GLN B 79 -16.40 -27.04 43.02
CA GLN B 79 -15.15 -27.64 43.50
C GLN B 79 -14.07 -26.66 44.00
N ASN B 80 -13.23 -27.16 44.90
CA ASN B 80 -12.11 -26.43 45.47
C ASN B 80 -12.34 -25.02 46.00
N TRP B 81 -12.96 -24.92 47.18
CA TRP B 81 -13.17 -23.62 47.77
C TRP B 81 -11.87 -23.22 48.50
N CYS B 82 -11.76 -21.96 48.90
CA CYS B 82 -10.54 -21.48 49.57
C CYS B 82 -10.78 -20.93 50.96
N LYS B 83 -9.73 -20.95 51.78
CA LYS B 83 -9.78 -20.39 53.13
C LYS B 83 -9.19 -18.99 52.97
N ARG B 84 -9.49 -18.09 53.90
CA ARG B 84 -8.96 -16.73 53.85
C ARG B 84 -7.50 -16.76 53.40
N GLY B 85 -7.12 -15.82 52.54
CA GLY B 85 -5.74 -15.78 52.07
C GLY B 85 -5.43 -16.58 50.83
N ARG B 86 -6.33 -17.47 50.43
CA ARG B 86 -6.15 -18.28 49.24
C ARG B 86 -4.85 -19.08 49.15
N LYS B 87 -4.39 -19.57 50.30
CA LYS B 87 -3.16 -20.36 50.37
C LYS B 87 -3.48 -21.86 50.22
N GLN B 88 -4.65 -22.27 50.74
CA GLN B 88 -5.10 -23.65 50.66
C GLN B 88 -6.49 -23.69 49.99
N CYS B 89 -6.54 -24.17 48.75
CA CYS B 89 -7.82 -24.24 48.04
C CYS B 89 -8.19 -25.62 47.51
N LYS B 90 -7.58 -26.67 48.04
CA LYS B 90 -7.92 -28.02 47.60
C LYS B 90 -8.96 -28.52 48.60
N THR B 91 -10.21 -28.66 48.15
CA THR B 91 -11.28 -29.10 49.03
C THR B 91 -12.37 -29.94 48.37
N HIS B 92 -13.26 -30.44 49.23
CA HIS B 92 -14.38 -31.26 48.81
C HIS B 92 -15.46 -30.38 48.19
N PRO B 93 -15.96 -30.76 47.00
CA PRO B 93 -16.99 -29.97 46.34
C PRO B 93 -18.16 -29.73 47.27
N HIS B 94 -18.94 -28.70 46.97
CA HIS B 94 -20.11 -28.36 47.77
C HIS B 94 -21.28 -28.01 46.88
N PHE B 95 -22.47 -28.40 47.34
CA PHE B 95 -23.69 -28.15 46.62
C PHE B 95 -24.26 -26.86 47.19
N VAL B 96 -24.33 -25.82 46.37
CA VAL B 96 -24.87 -24.55 46.84
C VAL B 96 -25.75 -23.89 45.78
N ILE B 97 -26.70 -23.06 46.22
CA ILE B 97 -27.55 -22.34 45.28
C ILE B 97 -26.92 -20.96 45.11
N PRO B 98 -26.42 -20.66 43.89
CA PRO B 98 -25.79 -19.39 43.59
C PRO B 98 -26.78 -18.25 43.61
N TYR B 99 -26.26 -17.03 43.56
CA TYR B 99 -27.09 -15.84 43.50
C TYR B 99 -26.78 -15.20 42.14
N ARG B 100 -27.81 -14.92 41.36
CA ARG B 100 -27.61 -14.26 40.07
C ARG B 100 -27.47 -12.76 40.35
N CYS B 101 -26.39 -12.16 39.85
CA CYS B 101 -26.17 -10.73 40.01
C CYS B 101 -26.94 -10.11 38.84
N LEU B 102 -28.06 -9.46 39.11
CA LEU B 102 -28.85 -8.89 38.03
C LEU B 102 -28.31 -7.55 37.55
N VAL B 103 -28.09 -7.45 36.23
CA VAL B 103 -27.55 -6.24 35.62
C VAL B 103 -28.56 -5.30 34.98
N GLY B 104 -28.27 -4.01 35.05
CA GLY B 104 -29.13 -3.02 34.43
C GLY B 104 -30.62 -3.10 34.67
N GLU B 105 -31.39 -2.92 33.60
CA GLU B 105 -32.84 -2.93 33.69
C GLU B 105 -33.41 -4.36 33.70
N PHE B 106 -34.24 -4.68 34.68
CA PHE B 106 -34.83 -6.03 34.83
C PHE B 106 -35.87 -6.43 33.79
N VAL B 107 -35.67 -7.62 33.22
CA VAL B 107 -36.61 -8.15 32.25
C VAL B 107 -36.87 -9.62 32.59
N SER B 108 -38.13 -10.02 32.60
CA SER B 108 -38.56 -11.40 32.90
C SER B 108 -37.79 -12.45 32.12
N ASP B 109 -37.41 -13.52 32.79
CA ASP B 109 -36.68 -14.59 32.11
C ASP B 109 -37.58 -15.23 31.09
N ALA B 110 -36.96 -15.88 30.11
CA ALA B 110 -37.73 -16.58 29.12
C ALA B 110 -37.75 -18.03 29.61
N LEU B 111 -38.93 -18.66 29.56
CA LEU B 111 -39.04 -20.04 29.99
C LEU B 111 -39.46 -20.96 28.85
N LEU B 112 -38.84 -22.14 28.82
CA LEU B 112 -39.19 -23.16 27.83
C LEU B 112 -40.43 -23.88 28.30
N VAL B 113 -41.40 -24.01 27.41
CA VAL B 113 -42.63 -24.73 27.73
C VAL B 113 -42.57 -26.07 26.99
N PRO B 114 -42.06 -27.12 27.66
CA PRO B 114 -41.96 -28.44 27.00
C PRO B 114 -43.32 -29.02 26.65
N ASP B 115 -43.31 -30.14 25.93
CA ASP B 115 -44.53 -30.80 25.50
C ASP B 115 -45.52 -31.13 26.62
N LYS B 116 -46.79 -30.81 26.36
CA LYS B 116 -47.85 -31.08 27.33
C LYS B 116 -47.87 -30.16 28.54
N CYS B 117 -46.88 -29.28 28.66
CA CYS B 117 -46.85 -28.34 29.77
C CYS B 117 -47.56 -27.04 29.43
N LYS B 118 -47.83 -26.25 30.46
CA LYS B 118 -48.52 -24.98 30.28
C LYS B 118 -47.71 -23.85 30.92
N PHE B 119 -47.81 -22.65 30.34
CA PHE B 119 -47.11 -21.46 30.84
C PHE B 119 -48.09 -20.60 31.62
N LEU B 120 -47.80 -20.32 32.88
CA LEU B 120 -48.67 -19.50 33.71
C LEU B 120 -47.85 -18.42 34.38
N HIS B 121 -48.54 -17.38 34.85
CA HIS B 121 -47.90 -16.29 35.55
C HIS B 121 -48.87 -15.60 36.52
N GLN B 122 -48.36 -15.16 37.65
CA GLN B 122 -49.20 -14.50 38.64
C GLN B 122 -48.53 -13.24 39.16
N GLU B 123 -49.29 -12.14 39.19
CA GLU B 123 -48.75 -10.89 39.68
C GLU B 123 -49.74 -10.13 40.55
N ARG B 124 -49.31 -9.77 41.75
CA ARG B 124 -50.15 -9.03 42.70
C ARG B 124 -49.47 -7.69 42.97
N MET B 125 -50.02 -6.62 42.39
CA MET B 125 -49.48 -5.26 42.52
C MET B 125 -49.49 -4.69 43.93
N ASP B 126 -50.15 -5.36 44.87
CA ASP B 126 -50.21 -4.87 46.24
C ASP B 126 -49.30 -5.63 47.18
N VAL B 127 -48.54 -6.59 46.63
CA VAL B 127 -47.63 -7.43 47.41
C VAL B 127 -46.18 -7.17 47.03
N CYS B 128 -45.25 -7.49 47.93
CA CYS B 128 -43.83 -7.35 47.66
C CYS B 128 -43.13 -8.44 48.47
N GLU B 129 -43.14 -9.63 47.90
CA GLU B 129 -42.58 -10.83 48.54
C GLU B 129 -41.18 -11.27 48.14
N THR B 130 -40.72 -12.30 48.82
CA THR B 130 -39.40 -12.87 48.60
C THR B 130 -39.42 -13.86 47.44
N HIS B 131 -38.23 -14.34 47.08
CA HIS B 131 -38.11 -15.31 46.01
C HIS B 131 -38.75 -16.63 46.49
N LEU B 132 -38.52 -16.97 47.76
CA LEU B 132 -39.06 -18.20 48.35
C LEU B 132 -40.58 -18.19 48.30
N HIS B 133 -41.18 -17.06 48.65
CA HIS B 133 -42.63 -16.93 48.62
C HIS B 133 -43.17 -17.31 47.25
N TRP B 134 -42.67 -16.63 46.22
CA TRP B 134 -43.12 -16.86 44.85
C TRP B 134 -42.81 -18.27 44.35
N HIS B 135 -41.73 -18.86 44.83
CA HIS B 135 -41.40 -20.23 44.44
C HIS B 135 -42.55 -21.10 44.94
N THR B 136 -42.97 -20.82 46.18
CA THR B 136 -44.05 -21.56 46.81
C THR B 136 -45.35 -21.37 46.07
N VAL B 137 -45.70 -20.12 45.78
CA VAL B 137 -46.94 -19.85 45.04
C VAL B 137 -46.97 -20.60 43.71
N ALA B 138 -45.82 -20.69 43.05
CA ALA B 138 -45.72 -21.39 41.79
C ALA B 138 -45.91 -22.90 41.99
N LYS B 139 -45.25 -23.42 43.02
CA LYS B 139 -45.31 -24.83 43.33
C LYS B 139 -46.73 -25.26 43.71
N GLU B 140 -47.39 -24.49 44.56
CA GLU B 140 -48.74 -24.89 44.91
C GLU B 140 -49.75 -24.67 43.80
N THR B 141 -49.52 -23.68 42.95
CA THR B 141 -50.47 -23.46 41.86
C THR B 141 -50.42 -24.62 40.87
N CYS B 142 -49.26 -25.23 40.69
CA CYS B 142 -49.19 -26.37 39.78
C CYS B 142 -49.84 -27.57 40.47
N SER B 143 -49.60 -27.70 41.78
CA SER B 143 -50.16 -28.79 42.57
C SER B 143 -51.68 -28.80 42.58
N GLU B 144 -52.28 -27.65 42.86
CA GLU B 144 -53.73 -27.55 42.88
C GLU B 144 -54.33 -28.05 41.57
N LYS B 145 -53.57 -27.96 40.50
CA LYS B 145 -54.03 -28.41 39.19
C LYS B 145 -53.49 -29.82 38.90
N SER B 146 -53.08 -30.51 39.95
CA SER B 146 -52.54 -31.85 39.82
C SER B 146 -51.44 -31.95 38.77
N THR B 147 -50.49 -31.01 38.83
CA THR B 147 -49.36 -30.95 37.91
C THR B 147 -48.10 -30.61 38.69
N ASN B 148 -46.95 -30.69 38.02
CA ASN B 148 -45.66 -30.40 38.66
C ASN B 148 -44.96 -29.13 38.13
N LEU B 149 -44.37 -28.37 39.05
CA LEU B 149 -43.64 -27.14 38.69
C LEU B 149 -42.33 -27.50 38.02
N HIS B 150 -42.20 -27.15 36.74
CA HIS B 150 -41.00 -27.47 35.98
C HIS B 150 -39.94 -26.36 36.05
N ASP B 151 -40.38 -25.11 35.98
CA ASP B 151 -39.46 -23.99 36.03
C ASP B 151 -40.23 -22.71 36.31
N TYR B 152 -39.53 -21.68 36.73
CA TYR B 152 -40.18 -20.40 37.03
C TYR B 152 -39.16 -19.29 37.06
N GLY B 153 -39.67 -18.06 37.16
CA GLY B 153 -38.83 -16.88 37.21
C GLY B 153 -39.58 -15.75 37.87
N MET B 154 -38.84 -14.78 38.42
CA MET B 154 -39.47 -13.66 39.10
C MET B 154 -40.06 -12.61 38.14
N LEU B 155 -40.99 -11.82 38.64
CA LEU B 155 -41.64 -10.75 37.88
C LEU B 155 -41.70 -9.51 38.74
N LEU B 156 -41.77 -8.36 38.07
CA LEU B 156 -41.88 -7.06 38.72
C LEU B 156 -41.11 -6.86 40.02
N PRO B 157 -39.80 -6.57 39.94
CA PRO B 157 -39.04 -6.36 41.18
C PRO B 157 -39.56 -5.12 41.94
N CYS B 158 -39.50 -5.15 43.27
CA CYS B 158 -39.97 -4.07 44.15
C CYS B 158 -39.00 -3.82 45.29
N GLY B 159 -37.82 -4.45 45.23
CA GLY B 159 -36.82 -4.27 46.26
C GLY B 159 -35.66 -5.23 46.05
N ILE B 160 -34.63 -5.15 46.88
CA ILE B 160 -33.49 -6.04 46.74
C ILE B 160 -33.94 -7.48 46.95
N ASP B 161 -34.03 -8.23 45.87
CA ASP B 161 -34.48 -9.62 45.91
C ASP B 161 -35.92 -9.70 46.40
N LYS B 162 -36.73 -8.72 46.01
CA LYS B 162 -38.15 -8.66 46.37
C LYS B 162 -38.94 -8.48 45.07
N PHE B 163 -39.96 -9.31 44.85
CA PHE B 163 -40.75 -9.24 43.63
C PHE B 163 -42.27 -9.27 43.83
N ARG B 164 -42.99 -8.72 42.86
CA ARG B 164 -44.45 -8.64 42.90
C ARG B 164 -45.15 -9.77 42.15
N GLY B 165 -44.38 -10.73 41.63
CA GLY B 165 -45.04 -11.79 40.89
C GLY B 165 -44.14 -12.93 40.51
N VAL B 166 -44.69 -13.86 39.73
CA VAL B 166 -43.93 -15.02 39.30
C VAL B 166 -44.52 -15.60 38.01
N GLU B 167 -43.66 -16.12 37.16
CA GLU B 167 -44.07 -16.74 35.91
C GLU B 167 -43.53 -18.15 35.99
N PHE B 168 -44.33 -19.13 35.59
CA PHE B 168 -43.85 -20.50 35.68
C PHE B 168 -44.44 -21.44 34.65
N VAL B 169 -43.91 -22.66 34.66
CA VAL B 169 -44.33 -23.71 33.75
C VAL B 169 -44.71 -24.99 34.52
N CYS B 170 -45.97 -25.41 34.37
CA CYS B 170 -46.48 -26.63 35.01
C CYS B 170 -46.44 -27.78 34.02
N CYS B 171 -46.09 -28.97 34.51
CA CYS B 171 -46.04 -30.15 33.64
C CYS B 171 -46.69 -31.40 34.25
N PRO B 172 -46.90 -32.44 33.44
CA PRO B 172 -47.50 -33.69 33.89
C PRO B 172 -46.64 -34.33 34.99
N LEU B 173 -47.27 -34.75 36.08
CA LEU B 173 -46.55 -35.37 37.20
C LEU B 173 -45.66 -36.54 36.82
N ALA B 174 -46.25 -37.56 36.19
CA ALA B 174 -45.48 -38.74 35.80
C ALA B 174 -44.81 -39.32 37.04
N ILE B 175 -45.59 -39.50 38.09
CA ILE B 175 -45.06 -40.04 39.34
C ILE B 175 -45.89 -41.25 39.77
N GLU B 176 -45.21 -42.24 40.32
CA GLU B 176 -45.86 -43.47 40.78
C GLU B 176 -46.43 -43.36 42.20
N GLY B 177 -47.74 -43.28 42.29
CA GLY B 177 -48.40 -43.20 43.59
C GLY B 177 -48.54 -44.59 44.19
N ARG B 178 -49.21 -44.67 45.35
CA ARG B 178 -49.40 -45.96 46.01
C ARG B 178 -50.51 -45.97 47.04
N LYS B 179 -50.92 -47.17 47.43
CA LYS B 179 -51.96 -47.34 48.44
C LYS B 179 -51.59 -48.44 49.43
N LEU B 180 -52.28 -48.46 50.56
CA LEU B 180 -52.00 -49.48 51.57
C LEU B 180 -53.08 -50.58 51.61
N ALA B 181 -52.60 -51.81 51.75
CA ALA B 181 -53.46 -52.99 51.85
C ALA B 181 -53.25 -53.57 53.25
N ALA B 182 -54.11 -53.20 54.20
CA ALA B 182 -53.98 -53.70 55.57
C ALA B 182 -55.22 -54.43 56.06
N ALA C 10 19.22 4.61 24.12
CA ALA C 10 17.72 4.62 24.10
C ALA C 10 17.22 3.36 23.38
N GLY C 11 16.23 3.55 22.49
CA GLY C 11 15.69 2.45 21.70
C GLY C 11 16.36 2.44 20.33
N LEU C 12 17.69 2.45 20.34
CA LEU C 12 18.48 2.48 19.14
C LEU C 12 18.58 1.13 18.45
N LEU C 13 18.48 1.16 17.12
CA LEU C 13 18.56 -0.04 16.30
C LEU C 13 19.99 -0.29 15.85
N ALA C 14 20.27 -1.51 15.38
CA ALA C 14 21.59 -1.88 14.89
C ALA C 14 21.67 -1.43 13.44
N GLU C 15 22.83 -0.97 13.00
CA GLU C 15 22.95 -0.51 11.62
C GLU C 15 22.54 -1.56 10.62
N PRO C 16 21.62 -1.22 9.71
CA PRO C 16 21.20 -2.21 8.72
C PRO C 16 22.34 -2.57 7.75
N GLN C 17 22.42 -3.84 7.38
CA GLN C 17 23.46 -4.27 6.46
C GLN C 17 23.19 -5.69 5.92
N ILE C 18 23.79 -5.97 4.77
CA ILE C 18 23.62 -7.27 4.13
C ILE C 18 24.96 -7.95 3.91
N ALA C 19 24.97 -9.27 4.01
CA ALA C 19 26.19 -10.04 3.81
C ALA C 19 25.89 -11.16 2.81
N MET C 20 26.81 -11.36 1.88
CA MET C 20 26.66 -12.39 0.85
C MET C 20 27.79 -13.45 0.83
N PHE C 21 27.46 -14.63 0.32
CA PHE C 21 28.41 -15.74 0.19
C PHE C 21 27.87 -16.65 -0.91
N CYS C 22 28.24 -16.39 -2.16
CA CYS C 22 27.75 -17.17 -3.30
C CYS C 22 27.59 -18.64 -3.00
N GLY C 23 26.44 -19.19 -3.41
CA GLY C 23 26.15 -20.58 -3.16
C GLY C 23 25.27 -20.71 -1.93
N ARG C 24 24.91 -19.56 -1.37
CA ARG C 24 24.05 -19.48 -0.19
C ARG C 24 23.14 -18.27 -0.27
N LEU C 25 22.14 -18.24 0.62
CA LEU C 25 21.20 -17.14 0.65
C LEU C 25 21.80 -15.95 1.38
N ASN C 26 21.50 -14.75 0.88
CA ASN C 26 22.00 -13.55 1.52
C ASN C 26 21.60 -13.48 2.98
N MET C 27 22.37 -12.76 3.77
CA MET C 27 22.09 -12.58 5.18
C MET C 27 21.92 -11.07 5.32
N HIS C 28 21.12 -10.64 6.29
CA HIS C 28 20.94 -9.21 6.53
C HIS C 28 20.87 -9.10 8.05
N MET C 29 21.28 -7.93 8.56
CA MET C 29 21.26 -7.69 9.99
C MET C 29 19.85 -7.37 10.47
N ASN C 30 19.39 -8.10 11.48
CA ASN C 30 18.07 -7.84 12.06
C ASN C 30 18.31 -6.63 12.93
N VAL C 31 17.87 -5.45 12.48
CA VAL C 31 18.13 -4.23 13.25
C VAL C 31 17.54 -4.17 14.65
N GLN C 32 16.66 -5.10 14.99
CA GLN C 32 16.04 -5.08 16.33
C GLN C 32 16.76 -5.86 17.41
N ASN C 33 17.43 -6.95 17.02
CA ASN C 33 18.16 -7.78 17.99
C ASN C 33 19.66 -7.88 17.73
N GLY C 34 20.12 -7.24 16.65
CA GLY C 34 21.53 -7.26 16.32
C GLY C 34 22.12 -8.56 15.76
N LYS C 35 21.28 -9.58 15.54
CA LYS C 35 21.76 -10.85 15.00
C LYS C 35 21.44 -10.99 13.52
N TRP C 36 22.23 -11.78 12.79
CA TRP C 36 21.98 -11.96 11.35
C TRP C 36 20.80 -12.91 11.06
N ASP C 37 20.05 -12.60 10.01
CA ASP C 37 18.91 -13.41 9.56
C ASP C 37 19.13 -13.74 8.08
N SER C 38 18.50 -14.82 7.61
CA SER C 38 18.63 -15.23 6.22
C SER C 38 17.65 -14.50 5.33
N ASP C 39 17.71 -14.75 4.03
CA ASP C 39 16.81 -14.08 3.09
C ASP C 39 15.34 -14.39 3.38
N PRO C 40 14.52 -13.35 3.55
CA PRO C 40 13.09 -13.48 3.84
C PRO C 40 12.30 -14.36 2.86
N SER C 41 12.60 -14.23 1.58
CA SER C 41 11.90 -15.02 0.57
C SER C 41 12.56 -16.37 0.35
N GLY C 42 13.71 -16.59 0.98
CA GLY C 42 14.42 -17.84 0.83
C GLY C 42 14.89 -18.13 -0.59
N THR C 43 15.19 -17.09 -1.37
CA THR C 43 15.63 -17.28 -2.74
C THR C 43 16.73 -16.36 -3.23
N LYS C 44 16.89 -15.20 -2.61
CA LYS C 44 17.93 -14.27 -3.05
C LYS C 44 19.34 -14.76 -2.71
N THR C 45 20.22 -14.68 -3.70
CA THR C 45 21.61 -15.12 -3.54
C THR C 45 22.57 -13.97 -3.81
N CYS C 46 23.86 -14.24 -3.64
CA CYS C 46 24.87 -13.22 -3.84
C CYS C 46 24.60 -12.35 -5.09
N ILE C 47 24.78 -11.03 -4.94
CA ILE C 47 24.56 -10.06 -6.01
C ILE C 47 25.91 -9.63 -6.56
N ASP C 48 25.95 -9.13 -7.79
CA ASP C 48 27.22 -8.72 -8.39
C ASP C 48 27.29 -7.27 -8.88
N THR C 49 26.36 -6.43 -8.43
CA THR C 49 26.40 -5.01 -8.79
C THR C 49 26.03 -4.17 -7.59
N LYS C 50 26.57 -2.97 -7.51
CA LYS C 50 26.27 -2.09 -6.40
C LYS C 50 24.78 -1.81 -6.43
N GLU C 51 24.29 -1.44 -7.61
CA GLU C 51 22.87 -1.17 -7.81
C GLU C 51 22.02 -2.34 -7.29
N GLY C 52 22.50 -3.55 -7.53
CA GLY C 52 21.78 -4.72 -7.06
C GLY C 52 21.83 -4.85 -5.54
N ILE C 53 22.98 -4.51 -4.96
CA ILE C 53 23.17 -4.54 -3.50
C ILE C 53 22.16 -3.56 -2.89
N LEU C 54 22.14 -2.35 -3.45
CA LEU C 54 21.24 -1.31 -3.01
C LEU C 54 19.79 -1.78 -3.09
N GLN C 55 19.41 -2.37 -4.21
CA GLN C 55 18.04 -2.85 -4.36
C GLN C 55 17.69 -3.92 -3.33
N TYR C 56 18.64 -4.79 -3.03
CA TYR C 56 18.38 -5.84 -2.06
C TYR C 56 18.18 -5.24 -0.67
N CYS C 57 18.92 -4.18 -0.36
CA CYS C 57 18.82 -3.51 0.95
C CYS C 57 17.40 -3.02 1.14
N GLN C 58 16.91 -2.27 0.15
CA GLN C 58 15.57 -1.71 0.17
C GLN C 58 14.54 -2.80 0.36
N GLU C 59 14.79 -3.95 -0.24
CA GLU C 59 13.87 -5.07 -0.18
C GLU C 59 13.72 -5.66 1.23
N VAL C 60 14.82 -5.82 1.95
CA VAL C 60 14.77 -6.39 3.28
C VAL C 60 14.55 -5.37 4.39
N TYR C 61 14.65 -4.10 4.03
CA TYR C 61 14.44 -2.99 4.96
C TYR C 61 13.41 -2.07 4.33
N PRO C 62 12.22 -2.61 4.04
CA PRO C 62 11.12 -1.85 3.43
C PRO C 62 10.74 -0.56 4.17
N GLU C 63 10.84 -0.57 5.51
CA GLU C 63 10.50 0.62 6.28
C GLU C 63 11.60 1.68 6.42
N LEU C 64 12.74 1.51 5.76
CA LEU C 64 13.83 2.50 5.85
C LEU C 64 14.12 3.10 4.47
N GLN C 65 14.57 4.35 4.43
CA GLN C 65 14.86 4.97 3.15
C GLN C 65 16.34 4.75 2.87
N ILE C 66 16.64 3.64 2.20
CA ILE C 66 18.01 3.32 1.89
C ILE C 66 18.37 4.03 0.60
N THR C 67 19.39 4.88 0.68
CA THR C 67 19.82 5.69 -0.45
C THR C 67 21.23 5.41 -0.98
N ASN C 68 21.90 4.39 -0.45
CA ASN C 68 23.24 4.07 -0.88
C ASN C 68 23.77 2.86 -0.14
N VAL C 69 24.93 2.39 -0.57
CA VAL C 69 25.58 1.26 0.09
C VAL C 69 27.08 1.50 0.07
N VAL C 70 27.77 0.83 0.99
CA VAL C 70 29.21 0.95 1.10
C VAL C 70 29.68 -0.24 1.91
N GLU C 71 30.79 -0.84 1.49
CA GLU C 71 31.31 -2.01 2.19
C GLU C 71 31.77 -1.61 3.57
N ALA C 72 31.56 -2.51 4.53
CA ALA C 72 32.02 -2.26 5.90
C ALA C 72 33.53 -2.35 5.77
N ASN C 73 34.27 -1.86 6.77
CA ASN C 73 35.73 -1.91 6.67
C ASN C 73 36.35 -3.27 6.92
N GLN C 74 35.81 -4.01 7.86
CA GLN C 74 36.37 -5.30 8.19
C GLN C 74 35.38 -6.46 8.05
N PRO C 75 35.87 -7.63 7.63
CA PRO C 75 34.99 -8.78 7.48
C PRO C 75 34.50 -9.26 8.85
N VAL C 76 33.41 -10.01 8.84
CA VAL C 76 32.78 -10.54 10.05
C VAL C 76 32.50 -12.03 9.86
N THR C 77 32.43 -12.76 10.98
CA THR C 77 32.14 -14.19 10.95
C THR C 77 30.65 -14.44 11.12
N ILE C 78 30.02 -15.04 10.11
CA ILE C 78 28.58 -15.32 10.13
C ILE C 78 28.29 -16.81 10.08
N GLN C 79 27.64 -17.31 11.13
CA GLN C 79 27.29 -18.72 11.22
C GLN C 79 25.99 -19.13 10.55
N ASN C 80 25.88 -20.42 10.26
CA ASN C 80 24.70 -21.04 9.65
C ASN C 80 24.05 -20.37 8.46
N TRP C 81 24.67 -20.47 7.29
CA TRP C 81 24.05 -19.91 6.11
C TRP C 81 23.01 -20.91 5.60
N CYS C 82 22.12 -20.47 4.72
CA CYS C 82 21.07 -21.33 4.17
C CYS C 82 21.16 -21.50 2.67
N LYS C 83 20.59 -22.61 2.19
CA LYS C 83 20.54 -22.90 0.76
C LYS C 83 19.11 -22.52 0.35
N ARG C 84 18.90 -22.24 -0.93
CA ARG C 84 17.57 -21.86 -1.42
C ARG C 84 16.46 -22.65 -0.71
N GLY C 85 15.39 -21.97 -0.29
CA GLY C 85 14.29 -22.66 0.37
C GLY C 85 14.37 -22.71 1.89
N ARG C 86 15.55 -22.43 2.42
CA ARG C 86 15.76 -22.40 3.86
C ARG C 86 15.33 -23.65 4.63
N LYS C 87 15.61 -24.82 4.05
CA LYS C 87 15.30 -26.08 4.72
C LYS C 87 16.56 -26.63 5.40
N GLN C 88 17.72 -26.34 4.82
CA GLN C 88 19.02 -26.77 5.35
C GLN C 88 19.86 -25.52 5.68
N CYS C 89 19.99 -25.17 6.96
CA CYS C 89 20.78 -24.00 7.32
C CYS C 89 21.87 -24.23 8.36
N LYS C 90 22.23 -25.48 8.61
CA LYS C 90 23.30 -25.75 9.57
C LYS C 90 24.58 -25.83 8.75
N THR C 91 25.48 -24.87 8.90
CA THR C 91 26.71 -24.92 8.15
C THR C 91 27.92 -24.27 8.80
N HIS C 92 29.03 -24.37 8.07
CA HIS C 92 30.32 -23.86 8.45
C HIS C 92 30.35 -22.34 8.36
N PRO C 93 30.78 -21.67 9.45
CA PRO C 93 30.85 -20.20 9.51
C PRO C 93 31.67 -19.66 8.34
N HIS C 94 31.37 -18.43 7.92
CA HIS C 94 32.13 -17.82 6.82
C HIS C 94 32.56 -16.40 7.15
N PHE C 95 33.75 -16.05 6.67
CA PHE C 95 34.30 -14.73 6.93
C PHE C 95 33.95 -13.89 5.71
N VAL C 96 33.01 -12.94 5.88
CA VAL C 96 32.60 -12.08 4.78
C VAL C 96 32.56 -10.61 5.14
N ILE C 97 32.75 -9.75 4.15
CA ILE C 97 32.70 -8.32 4.38
C ILE C 97 31.30 -7.84 4.06
N PRO C 98 30.56 -7.40 5.08
CA PRO C 98 29.20 -6.90 4.93
C PRO C 98 29.10 -5.63 4.10
N TYR C 99 27.88 -5.28 3.74
CA TYR C 99 27.63 -4.06 3.01
C TYR C 99 26.70 -3.25 3.93
N ARG C 100 27.07 -2.01 4.20
CA ARG C 100 26.23 -1.18 5.03
C ARG C 100 25.14 -0.59 4.14
N CYS C 101 23.90 -0.71 4.57
CA CYS C 101 22.78 -0.14 3.83
C CYS C 101 22.65 1.28 4.38
N LEU C 102 23.12 2.27 3.63
CA LEU C 102 23.04 3.65 4.11
C LEU C 102 21.64 4.22 3.97
N VAL C 103 21.15 4.76 5.08
CA VAL C 103 19.82 5.31 5.16
C VAL C 103 19.76 6.84 5.07
N GLY C 104 18.72 7.34 4.43
CA GLY C 104 18.52 8.76 4.33
C GLY C 104 19.66 9.66 3.84
N GLU C 105 19.87 10.77 4.54
CA GLU C 105 20.92 11.72 4.15
C GLU C 105 22.28 11.27 4.67
N PHE C 106 23.27 11.29 3.78
CA PHE C 106 24.62 10.85 4.13
C PHE C 106 25.41 11.81 4.99
N VAL C 107 26.04 11.28 6.03
CA VAL C 107 26.88 12.07 6.92
C VAL C 107 28.13 11.23 7.23
N SER C 108 29.29 11.86 7.18
CA SER C 108 30.55 11.16 7.48
C SER C 108 30.54 10.42 8.82
N ASP C 109 31.15 9.25 8.86
CA ASP C 109 31.23 8.49 10.09
C ASP C 109 32.05 9.25 11.10
N ALA C 110 31.81 9.00 12.37
CA ALA C 110 32.59 9.62 13.42
C ALA C 110 33.75 8.65 13.69
N LEU C 111 34.99 9.15 13.63
CA LEU C 111 36.15 8.31 13.85
C LEU C 111 36.82 8.57 15.20
N LEU C 112 37.21 7.50 15.88
CA LEU C 112 37.86 7.62 17.16
C LEU C 112 39.35 7.77 16.89
N VAL C 113 39.96 8.82 17.44
CA VAL C 113 41.39 9.05 17.26
C VAL C 113 42.11 8.67 18.56
N PRO C 114 42.63 7.44 18.64
CA PRO C 114 43.34 6.95 19.82
C PRO C 114 44.64 7.69 20.10
N ASP C 115 45.20 7.45 21.29
CA ASP C 115 46.43 8.12 21.72
C ASP C 115 47.61 8.04 20.73
N LYS C 116 48.19 9.21 20.44
CA LYS C 116 49.33 9.31 19.55
C LYS C 116 48.98 9.21 18.07
N CYS C 117 47.71 9.02 17.74
CA CYS C 117 47.30 8.96 16.34
C CYS C 117 46.77 10.32 15.88
N LYS C 118 46.62 10.50 14.57
CA LYS C 118 46.13 11.76 14.03
C LYS C 118 44.98 11.52 13.05
N PHE C 119 44.08 12.49 12.97
CA PHE C 119 42.92 12.44 12.09
C PHE C 119 43.19 13.25 10.84
N LEU C 120 43.06 12.60 9.68
CA LEU C 120 43.30 13.28 8.41
C LEU C 120 42.15 13.00 7.45
N HIS C 121 42.02 13.86 6.45
CA HIS C 121 40.96 13.68 5.47
C HIS C 121 41.39 14.24 4.12
N GLN C 122 40.93 13.59 3.04
CA GLN C 122 41.29 14.04 1.71
C GLN C 122 40.06 14.02 0.81
N GLU C 123 39.84 15.12 0.10
CA GLU C 123 38.69 15.22 -0.78
C GLU C 123 39.05 15.89 -2.10
N ARG C 124 38.73 15.21 -3.20
CA ARG C 124 39.00 15.72 -4.54
C ARG C 124 37.66 15.87 -5.26
N MET C 125 37.17 17.11 -5.35
CA MET C 125 35.88 17.39 -5.99
C MET C 125 35.81 17.07 -7.48
N ASP C 126 36.94 16.72 -8.09
CA ASP C 126 36.96 16.40 -9.52
C ASP C 126 36.94 14.90 -9.81
N VAL C 127 37.05 14.08 -8.77
CA VAL C 127 37.06 12.63 -8.93
C VAL C 127 35.87 11.93 -8.29
N CYS C 128 35.51 10.76 -8.81
CA CYS C 128 34.42 9.98 -8.27
C CYS C 128 34.85 8.52 -8.25
N GLU C 129 35.55 8.14 -7.19
CA GLU C 129 36.09 6.79 -7.03
C GLU C 129 35.33 5.82 -6.16
N THR C 130 35.85 4.60 -6.17
CA THR C 130 35.30 3.48 -5.42
C THR C 130 35.74 3.50 -3.96
N HIS C 131 35.18 2.59 -3.18
CA HIS C 131 35.54 2.46 -1.78
C HIS C 131 36.99 1.97 -1.74
N LEU C 132 37.28 0.93 -2.53
CA LEU C 132 38.64 0.37 -2.60
C LEU C 132 39.70 1.43 -2.90
N HIS C 133 39.41 2.31 -3.84
CA HIS C 133 40.34 3.38 -4.21
C HIS C 133 40.67 4.23 -2.98
N TRP C 134 39.63 4.68 -2.30
CA TRP C 134 39.80 5.53 -1.12
C TRP C 134 40.46 4.82 0.04
N HIS C 135 40.22 3.52 0.20
CA HIS C 135 40.88 2.78 1.27
C HIS C 135 42.39 2.82 0.97
N THR C 136 42.74 2.62 -0.30
CA THR C 136 44.14 2.65 -0.70
C THR C 136 44.75 4.03 -0.48
N VAL C 137 44.06 5.07 -0.92
CA VAL C 137 44.56 6.43 -0.74
C VAL C 137 44.82 6.71 0.74
N ALA C 138 44.03 6.12 1.61
CA ALA C 138 44.19 6.31 3.04
C ALA C 138 45.39 5.53 3.54
N LYS C 139 45.45 4.25 3.18
CA LYS C 139 46.56 3.39 3.60
C LYS C 139 47.91 3.97 3.16
N GLU C 140 47.98 4.37 1.90
CA GLU C 140 49.20 4.93 1.36
C GLU C 140 49.59 6.24 2.01
N THR C 141 48.60 7.07 2.30
CA THR C 141 48.90 8.35 2.93
C THR C 141 49.49 8.16 4.31
N CYS C 142 49.05 7.14 5.04
CA CYS C 142 49.61 6.92 6.37
C CYS C 142 51.01 6.35 6.20
N SER C 143 51.18 5.48 5.20
CA SER C 143 52.48 4.88 4.94
C SER C 143 53.50 5.96 4.62
N GLU C 144 53.18 6.85 3.67
CA GLU C 144 54.12 7.90 3.32
C GLU C 144 54.66 8.66 4.54
N LYS C 145 53.91 8.63 5.65
CA LYS C 145 54.37 9.31 6.85
C LYS C 145 54.85 8.31 7.89
N SER C 146 55.21 7.12 7.42
CA SER C 146 55.69 6.06 8.29
C SER C 146 54.76 5.78 9.46
N THR C 147 53.46 5.71 9.16
CA THR C 147 52.45 5.42 10.17
C THR C 147 51.53 4.35 9.60
N ASN C 148 50.59 3.90 10.41
CA ASN C 148 49.66 2.87 9.99
C ASN C 148 48.19 3.32 9.95
N LEU C 149 47.44 2.85 8.97
CA LEU C 149 46.02 3.21 8.86
C LEU C 149 45.21 2.44 9.91
N HIS C 150 44.57 3.17 10.84
CA HIS C 150 43.79 2.52 11.89
C HIS C 150 42.30 2.40 11.55
N ASP C 151 41.74 3.44 10.94
CA ASP C 151 40.32 3.43 10.57
C ASP C 151 40.07 4.49 9.52
N TYR C 152 38.96 4.37 8.82
CA TYR C 152 38.62 5.36 7.79
C TYR C 152 37.15 5.28 7.47
N GLY C 153 36.68 6.26 6.72
CA GLY C 153 35.29 6.31 6.31
C GLY C 153 35.19 7.13 5.04
N MET C 154 34.11 6.92 4.28
CA MET C 154 33.94 7.65 3.04
C MET C 154 33.42 9.08 3.21
N LEU C 155 33.72 9.93 2.23
CA LEU C 155 33.27 11.31 2.25
C LEU C 155 32.65 11.64 0.90
N LEU C 156 31.76 12.63 0.90
CA LEU C 156 31.12 13.12 -0.33
C LEU C 156 30.66 12.08 -1.34
N PRO C 157 29.54 11.38 -1.07
CA PRO C 157 29.08 10.39 -2.05
C PRO C 157 28.74 11.05 -3.41
N CYS C 158 29.06 10.36 -4.51
CA CYS C 158 28.82 10.87 -5.87
C CYS C 158 28.19 9.78 -6.75
N GLY C 159 27.80 8.67 -6.15
CA GLY C 159 27.20 7.59 -6.93
C GLY C 159 26.91 6.39 -6.04
N ILE C 160 26.34 5.32 -6.58
CA ILE C 160 26.07 4.18 -5.72
C ILE C 160 27.41 3.59 -5.32
N ASP C 161 27.77 3.73 -4.05
CA ASP C 161 29.04 3.25 -3.53
C ASP C 161 30.22 3.92 -4.23
N LYS C 162 30.08 5.22 -4.49
CA LYS C 162 31.12 6.02 -5.13
C LYS C 162 31.26 7.32 -4.31
N PHE C 163 32.50 7.68 -3.97
CA PHE C 163 32.73 8.87 -3.17
C PHE C 163 33.84 9.79 -3.68
N ARG C 164 33.83 11.04 -3.24
CA ARG C 164 34.84 12.00 -3.67
C ARG C 164 35.92 12.24 -2.63
N GLY C 165 35.93 11.45 -1.55
CA GLY C 165 36.95 11.66 -0.54
C GLY C 165 37.03 10.57 0.51
N VAL C 166 37.91 10.77 1.47
CA VAL C 166 38.09 9.81 2.56
C VAL C 166 38.60 10.50 3.81
N GLU C 167 38.18 9.99 4.97
CA GLU C 167 38.61 10.54 6.25
C GLU C 167 39.24 9.35 6.97
N PHE C 168 40.41 9.55 7.57
CA PHE C 168 41.08 8.44 8.24
C PHE C 168 41.91 8.83 9.44
N VAL C 169 42.34 7.80 10.17
CA VAL C 169 43.18 7.95 11.36
C VAL C 169 44.47 7.15 11.20
N CYS C 170 45.61 7.85 11.26
CA CYS C 170 46.94 7.21 11.15
C CYS C 170 47.50 6.97 12.55
N CYS C 171 48.17 5.84 12.74
CA CYS C 171 48.75 5.52 14.04
C CYS C 171 50.20 5.02 14.01
N PRO C 172 50.88 5.03 15.16
CA PRO C 172 52.27 4.55 15.25
C PRO C 172 52.33 3.09 14.82
N LEU C 173 53.29 2.77 13.95
CA LEU C 173 53.41 1.41 13.46
C LEU C 173 53.52 0.33 14.53
N ALA C 174 54.49 0.46 15.44
CA ALA C 174 54.69 -0.53 16.50
C ALA C 174 54.85 -1.91 15.87
N ILE C 175 55.75 -1.99 14.90
CA ILE C 175 56.01 -3.22 14.17
C ILE C 175 57.48 -3.59 14.31
N GLU C 176 57.77 -4.87 14.44
CA GLU C 176 59.15 -5.32 14.58
C GLU C 176 59.80 -5.51 13.21
N GLY C 177 60.71 -4.60 12.88
CA GLY C 177 61.43 -4.68 11.62
C GLY C 177 62.63 -5.61 11.75
N ARG C 178 63.42 -5.73 10.68
CA ARG C 178 64.58 -6.60 10.69
C ARG C 178 65.53 -6.34 9.54
N LYS C 179 66.75 -6.84 9.72
CA LYS C 179 67.80 -6.73 8.73
C LYS C 179 68.43 -8.11 8.57
N LEU C 180 69.35 -8.24 7.63
CA LEU C 180 69.96 -9.52 7.39
C LEU C 180 71.45 -9.49 7.70
N ALA C 181 71.92 -10.55 8.36
CA ALA C 181 73.35 -10.70 8.66
C ALA C 181 73.79 -11.75 7.63
N ALA C 182 74.60 -11.34 6.66
CA ALA C 182 75.03 -12.26 5.61
C ALA C 182 76.52 -12.13 5.36
N ALA C 183 77.16 -13.22 4.93
CA ALA C 183 78.59 -13.22 4.66
C ALA C 183 78.94 -12.39 3.42
N LEU D 12 -6.97 9.30 52.86
CA LEU D 12 -5.86 8.58 52.16
C LEU D 12 -4.65 8.40 53.06
N LEU D 13 -4.38 7.16 53.45
CA LEU D 13 -3.26 6.86 54.32
C LEU D 13 -2.14 6.16 53.55
N ALA D 14 -2.18 6.29 52.23
CA ALA D 14 -1.19 5.71 51.34
C ALA D 14 -1.46 6.27 49.96
N GLU D 15 -0.44 6.36 49.14
CA GLU D 15 -0.60 6.88 47.79
C GLU D 15 -1.17 5.79 46.87
N PRO D 16 -2.19 6.13 46.09
CA PRO D 16 -2.78 5.14 45.18
C PRO D 16 -1.74 4.77 44.12
N GLN D 17 -1.62 3.48 43.84
CA GLN D 17 -0.66 3.02 42.84
C GLN D 17 -0.95 1.59 42.39
N ILE D 18 -0.47 1.23 41.21
CA ILE D 18 -0.70 -0.12 40.69
C ILE D 18 0.63 -0.78 40.39
N ALA D 19 0.68 -2.10 40.53
CA ALA D 19 1.88 -2.86 40.27
C ALA D 19 1.49 -4.02 39.40
N MET D 20 2.34 -4.37 38.44
CA MET D 20 2.03 -5.45 37.53
C MET D 20 3.19 -6.40 37.36
N PHE D 21 2.84 -7.65 37.06
CA PHE D 21 3.81 -8.71 36.83
C PHE D 21 3.17 -9.60 35.79
N CYS D 22 3.54 -9.44 34.53
CA CYS D 22 2.93 -10.23 33.48
C CYS D 22 2.84 -11.69 33.83
N GLY D 23 1.63 -12.23 33.66
CA GLY D 23 1.37 -13.63 33.98
C GLY D 23 0.49 -13.71 35.21
N ARG D 24 0.45 -12.62 35.98
CA ARG D 24 -0.35 -12.58 37.19
C ARG D 24 -1.33 -11.39 37.14
N LEU D 25 -2.26 -11.36 38.09
CA LEU D 25 -3.23 -10.29 38.12
C LEU D 25 -2.64 -9.03 38.73
N ASN D 26 -3.02 -7.88 38.19
CA ASN D 26 -2.52 -6.60 38.67
C ASN D 26 -2.78 -6.40 40.16
N MET D 27 -1.85 -5.71 40.81
CA MET D 27 -1.95 -5.40 42.23
C MET D 27 -2.14 -3.90 42.30
N HIS D 28 -2.76 -3.43 43.38
CA HIS D 28 -2.96 -2.00 43.57
C HIS D 28 -2.93 -1.71 45.06
N MET D 29 -2.42 -0.53 45.40
CA MET D 29 -2.27 -0.09 46.77
C MET D 29 -3.62 0.21 47.39
N ASN D 30 -3.89 -0.40 48.54
CA ASN D 30 -5.12 -0.13 49.27
C ASN D 30 -4.86 1.20 49.97
N VAL D 31 -5.55 2.26 49.56
CA VAL D 31 -5.28 3.54 50.17
C VAL D 31 -5.85 3.72 51.58
N GLN D 32 -6.51 2.70 52.10
CA GLN D 32 -7.04 2.76 53.47
C GLN D 32 -6.03 2.19 54.48
N ASN D 33 -5.60 0.94 54.26
CA ASN D 33 -4.65 0.32 55.18
C ASN D 33 -3.17 0.47 54.80
N GLY D 34 -2.86 0.42 53.51
CA GLY D 34 -1.46 0.59 53.10
C GLY D 34 -0.85 -0.68 52.54
N LYS D 35 -1.71 -1.66 52.29
CA LYS D 35 -1.29 -2.96 51.77
C LYS D 35 -1.71 -3.18 50.33
N TRP D 36 -1.07 -4.15 49.68
CA TRP D 36 -1.36 -4.47 48.30
C TRP D 36 -2.51 -5.46 48.15
N ASP D 37 -3.47 -5.15 47.29
CA ASP D 37 -4.62 -6.02 47.02
C ASP D 37 -4.52 -6.46 45.57
N SER D 38 -5.30 -7.46 45.18
CA SER D 38 -5.24 -7.91 43.79
C SER D 38 -6.44 -7.38 43.00
N ASP D 39 -6.35 -7.44 41.67
CA ASP D 39 -7.43 -6.93 40.82
C ASP D 39 -8.78 -7.37 41.33
N PRO D 40 -9.64 -6.39 41.68
CA PRO D 40 -11.00 -6.58 42.20
C PRO D 40 -11.88 -7.57 41.43
N SER D 41 -11.75 -7.60 40.11
CA SER D 41 -12.56 -8.51 39.31
C SER D 41 -11.84 -9.83 39.08
N GLY D 42 -10.61 -9.92 39.53
CA GLY D 42 -9.86 -11.13 39.33
C GLY D 42 -9.68 -11.45 37.86
N THR D 43 -9.68 -10.45 37.00
CA THR D 43 -9.51 -10.72 35.57
C THR D 43 -8.45 -9.92 34.83
N LYS D 44 -8.05 -8.78 35.38
CA LYS D 44 -7.07 -7.92 34.70
C LYS D 44 -5.58 -8.13 34.89
N THR D 45 -4.93 -8.39 33.77
CA THR D 45 -3.49 -8.65 33.72
C THR D 45 -2.62 -7.43 33.36
N CYS D 46 -1.31 -7.63 33.38
CA CYS D 46 -0.35 -6.56 33.07
C CYS D 46 -0.77 -5.80 31.81
N ILE D 47 -0.56 -4.48 31.84
CA ILE D 47 -0.93 -3.58 30.75
C ILE D 47 0.30 -3.07 30.00
N ASP D 48 0.19 -2.90 28.68
CA ASP D 48 1.31 -2.47 27.83
C ASP D 48 1.46 -0.99 27.53
N THR D 49 0.41 -0.20 27.70
CA THR D 49 0.53 1.22 27.40
C THR D 49 0.22 2.17 28.55
N LYS D 50 0.79 3.36 28.46
CA LYS D 50 0.59 4.36 29.48
C LYS D 50 -0.88 4.73 29.57
N GLU D 51 -1.55 4.85 28.43
CA GLU D 51 -2.95 5.20 28.43
C GLU D 51 -3.73 4.09 29.13
N GLY D 52 -3.31 2.84 28.91
CA GLY D 52 -3.97 1.72 29.55
C GLY D 52 -3.76 1.73 31.05
N ILE D 53 -2.53 1.99 31.49
CA ILE D 53 -2.20 2.04 32.90
C ILE D 53 -3.04 3.10 33.59
N LEU D 54 -3.14 4.27 32.95
CA LEU D 54 -3.93 5.35 33.50
C LEU D 54 -5.41 4.92 33.64
N GLN D 55 -5.94 4.21 32.63
CA GLN D 55 -7.33 3.73 32.68
C GLN D 55 -7.52 2.79 33.85
N TYR D 56 -6.57 1.87 34.02
CA TYR D 56 -6.64 0.92 35.11
C TYR D 56 -6.63 1.65 36.47
N CYS D 57 -5.74 2.64 36.61
CA CYS D 57 -5.66 3.42 37.84
C CYS D 57 -7.05 4.00 38.12
N GLN D 58 -7.66 4.59 37.12
CA GLN D 58 -8.99 5.20 37.29
C GLN D 58 -10.07 4.16 37.56
N GLU D 59 -9.91 2.98 36.99
CA GLU D 59 -10.86 1.89 37.21
C GLU D 59 -10.82 1.52 38.70
N VAL D 60 -9.61 1.23 39.18
CA VAL D 60 -9.37 0.83 40.55
C VAL D 60 -9.65 1.87 41.64
N TYR D 61 -9.54 3.16 41.29
CA TYR D 61 -9.77 4.21 42.27
C TYR D 61 -10.87 5.14 41.81
N PRO D 62 -12.08 4.61 41.58
CA PRO D 62 -13.22 5.41 41.11
C PRO D 62 -13.50 6.68 41.91
N GLU D 63 -13.18 6.66 43.20
CA GLU D 63 -13.43 7.82 44.07
C GLU D 63 -12.39 8.93 43.96
N LEU D 64 -11.29 8.69 43.25
CA LEU D 64 -10.24 9.69 43.11
C LEU D 64 -10.21 10.19 41.69
N GLN D 65 -9.67 11.38 41.49
CA GLN D 65 -9.56 11.93 40.16
C GLN D 65 -8.15 11.68 39.68
N ILE D 66 -7.89 10.49 39.15
CA ILE D 66 -6.56 10.16 38.65
C ILE D 66 -6.38 10.90 37.34
N THR D 67 -5.35 11.75 37.26
CA THR D 67 -5.17 12.53 36.05
C THR D 67 -3.95 12.17 35.23
N ASN D 68 -3.09 11.32 35.76
CA ASN D 68 -1.86 10.92 35.05
C ASN D 68 -1.19 9.82 35.86
N VAL D 69 -0.15 9.21 35.28
CA VAL D 69 0.61 8.19 35.97
C VAL D 69 2.12 8.41 35.73
N VAL D 70 2.93 7.86 36.61
CA VAL D 70 4.39 7.97 36.50
C VAL D 70 4.98 6.81 37.27
N GLU D 71 6.03 6.19 36.74
CA GLU D 71 6.59 5.08 37.46
C GLU D 71 7.32 5.51 38.73
N ALA D 72 7.29 4.64 39.73
CA ALA D 72 7.95 4.91 41.00
C ALA D 72 9.46 4.89 40.75
N ASN D 73 10.23 5.57 41.59
CA ASN D 73 11.66 5.62 41.41
C ASN D 73 12.38 4.37 41.89
N GLN D 74 11.69 3.56 42.67
CA GLN D 74 12.30 2.35 43.20
C GLN D 74 11.32 1.18 43.24
N PRO D 75 11.83 -0.03 43.01
CA PRO D 75 10.99 -1.21 43.03
C PRO D 75 10.58 -1.57 44.44
N VAL D 76 9.54 -2.39 44.53
CA VAL D 76 9.02 -2.85 45.81
C VAL D 76 8.79 -4.35 45.68
N THR D 77 8.81 -5.05 46.82
CA THR D 77 8.58 -6.50 46.81
C THR D 77 7.12 -6.75 47.12
N ILE D 78 6.44 -7.48 46.25
CA ILE D 78 5.05 -7.80 46.47
C ILE D 78 4.90 -9.33 46.44
N GLN D 79 4.16 -9.86 47.40
CA GLN D 79 3.93 -11.30 47.50
C GLN D 79 2.44 -11.61 47.40
N ASN D 80 2.14 -12.87 47.06
CA ASN D 80 0.77 -13.37 46.94
C ASN D 80 0.07 -12.96 45.66
N TRP D 81 0.80 -12.99 44.55
CA TRP D 81 0.19 -12.63 43.29
C TRP D 81 -0.73 -13.75 42.84
N CYS D 82 -1.96 -13.40 42.49
CA CYS D 82 -2.92 -14.39 42.02
C CYS D 82 -2.80 -14.52 40.52
N LYS D 83 -3.27 -15.63 39.98
CA LYS D 83 -3.23 -15.87 38.54
C LYS D 83 -4.68 -15.94 38.08
N ARG D 84 -4.97 -15.43 36.89
CA ARG D 84 -6.34 -15.48 36.41
C ARG D 84 -6.71 -16.96 36.28
N GLY D 85 -7.86 -17.35 36.81
CA GLY D 85 -8.27 -18.74 36.72
C GLY D 85 -7.91 -19.58 37.94
N ARG D 86 -6.64 -19.54 38.33
CA ARG D 86 -6.11 -20.29 39.47
C ARG D 86 -6.72 -19.84 40.80
N LYS D 87 -7.00 -20.78 41.68
CA LYS D 87 -7.59 -20.46 42.99
C LYS D 87 -6.54 -20.02 44.00
N GLN D 88 -5.37 -20.63 43.93
CA GLN D 88 -4.31 -20.33 44.88
C GLN D 88 -3.37 -19.20 44.50
N CYS D 89 -3.28 -18.21 45.37
CA CYS D 89 -2.38 -17.08 45.16
C CYS D 89 -1.14 -17.37 46.01
N LYS D 90 -0.18 -18.06 45.40
CA LYS D 90 1.07 -18.44 46.07
C LYS D 90 1.92 -17.26 46.54
N THR D 91 2.29 -17.25 47.82
CA THR D 91 3.14 -16.20 48.38
C THR D 91 4.51 -16.38 47.72
N HIS D 92 4.64 -15.96 46.47
CA HIS D 92 5.87 -16.12 45.71
C HIS D 92 6.38 -14.73 45.29
N PRO D 93 6.98 -13.99 46.23
CA PRO D 93 7.53 -12.64 46.06
C PRO D 93 8.17 -12.24 44.73
N HIS D 94 7.84 -11.01 44.32
CA HIS D 94 8.35 -10.38 43.11
C HIS D 94 8.74 -8.94 43.45
N PHE D 95 9.82 -8.48 42.82
CA PHE D 95 10.35 -7.13 43.00
C PHE D 95 9.88 -6.39 41.75
N VAL D 96 8.95 -5.46 41.91
CA VAL D 96 8.42 -4.75 40.75
C VAL D 96 8.39 -3.25 40.98
N ILE D 97 8.39 -2.50 39.89
CA ILE D 97 8.34 -1.04 39.97
C ILE D 97 6.90 -0.62 39.72
N PRO D 98 6.23 -0.15 40.76
CA PRO D 98 4.84 0.27 40.62
C PRO D 98 4.70 1.56 39.79
N TYR D 99 3.47 1.87 39.41
CA TYR D 99 3.16 3.10 38.71
C TYR D 99 2.31 3.87 39.72
N ARG D 100 2.63 5.13 39.94
CA ARG D 100 1.90 5.96 40.87
C ARG D 100 0.74 6.57 40.14
N CYS D 101 -0.43 6.52 40.73
CA CYS D 101 -1.61 7.10 40.12
C CYS D 101 -1.69 8.53 40.61
N LEU D 102 -1.20 9.47 39.81
CA LEU D 102 -1.23 10.87 40.21
C LEU D 102 -2.66 11.39 40.29
N VAL D 103 -2.94 12.15 41.33
CA VAL D 103 -4.27 12.69 41.59
C VAL D 103 -4.44 14.20 41.40
N GLY D 104 -5.53 14.60 40.79
CA GLY D 104 -5.81 16.02 40.59
C GLY D 104 -4.77 16.86 39.85
N GLU D 105 -4.71 18.14 40.21
CA GLU D 105 -3.78 19.06 39.57
C GLU D 105 -2.37 18.68 39.95
N PHE D 106 -1.51 18.60 38.95
CA PHE D 106 -0.13 18.19 39.20
C PHE D 106 0.69 19.13 40.06
N VAL D 107 1.43 18.54 41.00
CA VAL D 107 2.35 19.30 41.85
C VAL D 107 3.59 18.44 41.94
N SER D 108 4.76 19.04 41.74
CA SER D 108 5.99 18.25 41.81
C SER D 108 6.26 17.65 43.18
N ASP D 109 6.92 16.48 43.21
CA ASP D 109 7.24 15.81 44.48
C ASP D 109 8.13 16.66 45.35
N ALA D 110 7.89 16.65 46.65
CA ALA D 110 8.75 17.37 47.58
C ALA D 110 9.92 16.39 47.79
N LEU D 111 11.15 16.88 47.76
CA LEU D 111 12.27 15.97 47.94
C LEU D 111 13.07 16.42 49.14
N LEU D 112 13.56 15.46 49.91
CA LEU D 112 14.39 15.80 51.06
C LEU D 112 15.82 16.08 50.57
N VAL D 113 16.38 17.18 51.03
CA VAL D 113 17.73 17.53 50.66
C VAL D 113 18.66 17.34 51.85
N PRO D 114 19.41 16.22 51.89
CA PRO D 114 20.30 16.06 53.04
C PRO D 114 21.39 17.12 53.02
N ASP D 115 21.80 17.55 54.20
CA ASP D 115 22.82 18.57 54.38
C ASP D 115 24.03 18.45 53.47
N LYS D 116 24.39 19.59 52.89
CA LYS D 116 25.52 19.73 51.98
C LYS D 116 25.22 19.19 50.57
N CYS D 117 24.06 18.58 50.38
CA CYS D 117 23.69 18.08 49.06
C CYS D 117 23.01 19.27 48.38
N LYS D 118 22.81 19.19 47.08
CA LYS D 118 22.20 20.31 46.38
C LYS D 118 20.95 19.98 45.62
N PHE D 119 19.96 20.87 45.71
CA PHE D 119 18.72 20.67 44.98
C PHE D 119 18.87 21.38 43.61
N LEU D 120 18.66 20.63 42.54
CA LEU D 120 18.78 21.15 41.17
C LEU D 120 17.58 20.78 40.33
N HIS D 121 17.46 21.41 39.17
CA HIS D 121 16.36 21.11 38.25
C HIS D 121 16.70 21.55 36.84
N GLN D 122 16.16 20.81 35.87
CA GLN D 122 16.38 21.09 34.46
C GLN D 122 15.07 20.89 33.73
N GLU D 123 14.83 21.71 32.72
CA GLU D 123 13.61 21.58 31.92
C GLU D 123 13.74 22.34 30.61
N ARG D 124 12.82 22.04 29.69
CA ARG D 124 12.78 22.68 28.40
C ARG D 124 11.32 22.70 27.98
N MET D 125 10.84 23.87 27.56
CA MET D 125 9.46 24.01 27.12
C MET D 125 9.23 23.17 25.87
N ASP D 126 10.32 22.83 25.19
CA ASP D 126 10.21 22.11 23.94
C ASP D 126 10.63 20.65 23.93
N VAL D 127 10.74 20.02 25.08
CA VAL D 127 11.03 18.58 25.07
C VAL D 127 9.96 17.89 25.90
N CYS D 128 9.53 16.73 25.45
CA CYS D 128 8.54 15.93 26.15
C CYS D 128 9.13 14.52 26.21
N GLU D 129 9.60 14.13 27.39
CA GLU D 129 10.22 12.83 27.58
C GLU D 129 9.69 11.94 28.71
N THR D 130 10.27 10.75 28.78
CA THR D 130 9.88 9.73 29.74
C THR D 130 10.59 9.84 31.08
N HIS D 131 10.01 9.17 32.07
CA HIS D 131 10.56 9.13 33.42
C HIS D 131 12.00 8.62 33.32
N LEU D 132 12.21 7.60 32.49
CA LEU D 132 13.53 7.04 32.31
C LEU D 132 14.52 8.06 31.73
N HIS D 133 14.09 8.84 30.75
CA HIS D 133 14.96 9.84 30.17
C HIS D 133 15.43 10.81 31.25
N TRP D 134 14.47 11.41 31.98
CA TRP D 134 14.79 12.37 33.03
C TRP D 134 15.62 11.76 34.16
N HIS D 135 15.39 10.49 34.45
CA HIS D 135 16.17 9.85 35.49
C HIS D 135 17.61 9.88 35.04
N THR D 136 17.84 9.52 33.78
CA THR D 136 19.19 9.52 33.24
C THR D 136 19.81 10.90 33.21
N VAL D 137 19.02 11.90 32.82
CA VAL D 137 19.54 13.26 32.78
C VAL D 137 20.04 13.67 34.14
N ALA D 138 19.21 13.45 35.16
CA ALA D 138 19.58 13.80 36.53
C ALA D 138 20.81 12.99 36.98
N LYS D 139 20.84 11.70 36.68
CA LYS D 139 21.98 10.90 37.08
C LYS D 139 23.22 11.45 36.41
N GLU D 140 23.15 11.70 35.10
CA GLU D 140 24.29 12.23 34.35
C GLU D 140 24.81 13.54 34.94
N THR D 141 23.91 14.48 35.23
CA THR D 141 24.31 15.75 35.82
C THR D 141 25.07 15.59 37.14
N CYS D 142 24.62 14.70 38.05
CA CYS D 142 25.35 14.53 39.31
C CYS D 142 26.67 13.81 39.04
N SER D 143 26.63 12.75 38.22
CA SER D 143 27.85 12.00 37.89
C SER D 143 28.91 12.96 37.33
N GLU D 144 28.49 13.88 36.47
CA GLU D 144 29.39 14.86 35.89
C GLU D 144 30.12 15.62 36.98
N LYS D 145 29.38 16.06 38.00
CA LYS D 145 29.95 16.81 39.11
C LYS D 145 30.68 15.90 40.12
N SER D 146 30.78 14.61 39.80
CA SER D 146 31.44 13.66 40.70
C SER D 146 30.67 13.62 42.02
N THR D 147 29.36 13.37 41.94
CA THR D 147 28.52 13.30 43.13
C THR D 147 27.50 12.20 42.98
N ASN D 148 26.64 12.03 43.99
CA ASN D 148 25.63 10.99 43.94
C ASN D 148 24.19 11.49 43.80
N LEU D 149 23.40 10.76 43.02
CA LEU D 149 22.01 11.10 42.81
C LEU D 149 21.26 10.50 43.97
N HIS D 150 20.69 11.34 44.82
CA HIS D 150 19.98 10.87 45.97
C HIS D 150 18.48 10.71 45.73
N ASP D 151 17.90 11.58 44.92
CA ASP D 151 16.45 11.55 44.70
C ASP D 151 16.12 12.47 43.51
N TYR D 152 14.98 12.23 42.87
CA TYR D 152 14.54 13.07 41.75
C TYR D 152 13.04 12.98 41.58
N GLY D 153 12.49 13.90 40.80
CA GLY D 153 11.07 13.91 40.56
C GLY D 153 10.82 14.54 39.20
N MET D 154 9.66 14.26 38.62
CA MET D 154 9.30 14.79 37.32
C MET D 154 8.77 16.19 37.48
N LEU D 155 8.87 16.97 36.41
CA LEU D 155 8.37 18.33 36.39
C LEU D 155 7.59 18.57 35.08
N LEU D 156 6.63 19.49 35.11
CA LEU D 156 5.89 19.83 33.91
C LEU D 156 5.35 18.68 33.06
N PRO D 157 4.24 18.05 33.48
CA PRO D 157 3.77 16.96 32.61
C PRO D 157 3.28 17.50 31.24
N CYS D 158 3.56 16.78 30.17
CA CYS D 158 3.16 17.17 28.81
C CYS D 158 2.41 16.05 28.12
N GLY D 159 2.04 15.02 28.87
CA GLY D 159 1.33 13.91 28.30
C GLY D 159 1.18 12.85 29.35
N ILE D 160 0.61 11.70 29.00
CA ILE D 160 0.45 10.64 29.97
C ILE D 160 1.80 10.02 30.26
N ASP D 161 2.29 10.25 31.46
CA ASP D 161 3.59 9.73 31.87
C ASP D 161 4.69 10.30 30.98
N LYS D 162 4.59 11.60 30.67
CA LYS D 162 5.58 12.32 29.87
C LYS D 162 5.80 13.66 30.55
N PHE D 163 7.05 14.09 30.65
CA PHE D 163 7.34 15.34 31.33
C PHE D 163 8.37 16.21 30.60
N ARG D 164 8.43 17.48 30.98
CA ARG D 164 9.35 18.41 30.35
C ARG D 164 10.59 18.70 31.15
N GLY D 165 10.71 18.10 32.32
CA GLY D 165 11.88 18.37 33.14
C GLY D 165 11.99 17.46 34.32
N VAL D 166 13.03 17.69 35.12
CA VAL D 166 13.30 16.86 36.28
C VAL D 166 13.86 17.70 37.42
N GLU D 167 13.51 17.33 38.65
CA GLU D 167 14.04 18.01 39.83
C GLU D 167 14.82 16.90 40.55
N PHE D 168 16.01 17.21 41.04
CA PHE D 168 16.79 16.16 41.69
C PHE D 168 17.73 16.68 42.77
N VAL D 169 18.33 15.74 43.49
CA VAL D 169 19.24 16.09 44.55
C VAL D 169 20.56 15.40 44.32
N CYS D 170 21.65 16.19 44.35
CA CYS D 170 22.99 15.65 44.19
C CYS D 170 23.70 15.71 45.54
N CYS D 171 24.47 14.68 45.84
CA CYS D 171 25.20 14.60 47.09
C CYS D 171 26.69 14.37 46.95
N PRO D 172 27.47 14.98 47.86
CA PRO D 172 28.93 14.85 47.87
C PRO D 172 29.25 13.40 48.21
N LEU D 173 30.39 12.90 47.76
CA LEU D 173 30.76 11.53 48.11
C LEU D 173 31.13 11.53 49.60
N ALA D 174 31.48 12.70 50.12
CA ALA D 174 31.85 12.82 51.52
C ALA D 174 31.79 14.26 52.02
N ILE D 175 31.66 14.42 53.34
CA ILE D 175 31.62 15.75 53.96
C ILE D 175 32.69 15.81 55.05
N GLU D 176 33.63 16.74 54.89
CA GLU D 176 34.76 16.93 55.81
C GLU D 176 35.49 15.60 56.08
N GLY D 177 35.75 14.84 55.02
CA GLY D 177 36.46 13.59 55.20
C GLY D 177 35.59 12.35 55.35
N ARG D 178 34.50 12.45 56.11
CA ARG D 178 33.63 11.30 56.29
C ARG D 178 32.64 11.08 55.13
N LYS D 179 32.66 9.86 54.59
CA LYS D 179 31.80 9.43 53.51
C LYS D 179 30.32 9.68 53.85
N LEU D 180 29.51 9.93 52.83
CA LEU D 180 28.07 10.16 52.99
C LEU D 180 27.39 9.03 52.23
N ALA D 181 26.76 8.09 52.94
CA ALA D 181 26.13 6.97 52.25
C ALA D 181 24.63 6.85 52.43
N ALA D 182 24.04 5.92 51.69
CA ALA D 182 22.61 5.61 51.74
C ALA D 182 22.35 4.38 50.87
N ALA D 183 21.40 3.55 51.29
CA ALA D 183 21.04 2.35 50.55
C ALA D 183 19.64 2.55 49.96
N LEU D 184 19.50 2.35 48.66
CA LEU D 184 18.20 2.54 48.03
C LEU D 184 17.62 1.21 47.55
N ALA E 10 -33.04 -14.35 -13.04
CA ALA E 10 -32.51 -13.02 -12.64
C ALA E 10 -31.61 -12.48 -13.77
N GLY E 11 -31.02 -11.29 -13.55
CA GLY E 11 -30.14 -10.70 -14.53
C GLY E 11 -28.78 -11.36 -14.55
N LEU E 12 -28.80 -12.69 -14.59
CA LEU E 12 -27.60 -13.52 -14.59
C LEU E 12 -26.89 -13.61 -15.94
N LEU E 13 -25.56 -13.61 -15.90
CA LEU E 13 -24.76 -13.68 -17.10
C LEU E 13 -24.27 -15.10 -17.42
N ALA E 14 -23.84 -15.28 -18.67
CA ALA E 14 -23.29 -16.56 -19.10
C ALA E 14 -21.89 -16.56 -18.50
N GLU E 15 -21.35 -17.72 -18.15
CA GLU E 15 -20.02 -17.73 -17.53
C GLU E 15 -18.97 -17.28 -18.50
N PRO E 16 -18.13 -16.31 -18.09
CA PRO E 16 -17.07 -15.82 -18.98
C PRO E 16 -16.03 -16.92 -19.34
N GLN E 17 -15.60 -16.93 -20.59
CA GLN E 17 -14.62 -17.90 -21.06
C GLN E 17 -14.12 -17.57 -22.46
N ILE E 18 -12.90 -18.01 -22.76
CA ILE E 18 -12.33 -17.78 -24.06
C ILE E 18 -11.98 -19.10 -24.75
N ALA E 19 -12.02 -19.09 -26.06
CA ALA E 19 -11.72 -20.28 -26.85
C ALA E 19 -10.66 -19.93 -27.89
N MET E 20 -9.75 -20.85 -28.13
CA MET E 20 -8.67 -20.63 -29.08
C MET E 20 -8.51 -21.70 -30.15
N PHE E 21 -7.97 -21.28 -31.29
CA PHE E 21 -7.70 -22.17 -32.43
C PHE E 21 -6.62 -21.50 -33.26
N CYS E 22 -5.37 -21.86 -33.01
CA CYS E 22 -4.23 -21.27 -33.72
C CYS E 22 -4.49 -21.05 -35.20
N GLY E 23 -4.11 -19.87 -35.68
CA GLY E 23 -4.35 -19.54 -37.07
C GLY E 23 -5.60 -18.70 -37.18
N ARG E 24 -6.24 -18.46 -36.05
CA ARG E 24 -7.45 -17.66 -36.02
C ARG E 24 -7.46 -16.75 -34.81
N LEU E 25 -8.39 -15.80 -34.81
CA LEU E 25 -8.54 -14.86 -33.71
C LEU E 25 -9.28 -15.53 -32.55
N ASN E 26 -8.84 -15.25 -31.33
CA ASN E 26 -9.46 -15.82 -30.16
C ASN E 26 -10.95 -15.54 -30.11
N MET E 27 -11.68 -16.40 -29.40
CA MET E 27 -13.11 -16.24 -29.23
C MET E 27 -13.35 -16.09 -27.73
N HIS E 28 -14.39 -15.37 -27.34
CA HIS E 28 -14.70 -15.23 -25.93
C HIS E 28 -16.21 -15.25 -25.81
N MET E 29 -16.70 -15.73 -24.68
CA MET E 29 -18.13 -15.81 -24.46
C MET E 29 -18.73 -14.43 -24.17
N ASN E 30 -19.76 -14.06 -24.92
CA ASN E 30 -20.44 -12.80 -24.71
C ASN E 30 -21.35 -13.06 -23.52
N VAL E 31 -20.93 -12.65 -22.32
CA VAL E 31 -21.70 -12.89 -21.10
C VAL E 31 -23.16 -12.41 -21.08
N GLN E 32 -23.52 -11.52 -22.00
CA GLN E 32 -24.88 -11.00 -22.02
C GLN E 32 -25.89 -11.78 -22.88
N ASN E 33 -25.44 -12.35 -23.98
CA ASN E 33 -26.34 -13.10 -24.87
C ASN E 33 -25.98 -14.56 -24.99
N GLY E 34 -24.88 -14.95 -24.38
CA GLY E 34 -24.48 -16.34 -24.39
C GLY E 34 -23.85 -16.88 -25.65
N LYS E 35 -23.71 -16.06 -26.67
CA LYS E 35 -23.11 -16.48 -27.94
C LYS E 35 -21.61 -16.09 -27.98
N TRP E 36 -20.82 -16.77 -28.81
CA TRP E 36 -19.40 -16.43 -28.89
C TRP E 36 -19.09 -15.22 -29.79
N ASP E 37 -18.09 -14.43 -29.40
CA ASP E 37 -17.67 -13.26 -30.16
C ASP E 37 -16.19 -13.40 -30.49
N SER E 38 -15.73 -12.66 -31.50
CA SER E 38 -14.33 -12.72 -31.89
C SER E 38 -13.50 -11.74 -31.07
N ASP E 39 -12.19 -11.69 -31.31
CA ASP E 39 -11.35 -10.79 -30.54
C ASP E 39 -11.71 -9.35 -30.84
N PRO E 40 -12.01 -8.56 -29.79
CA PRO E 40 -12.37 -7.15 -29.97
C PRO E 40 -11.35 -6.32 -30.76
N SER E 41 -10.06 -6.53 -30.53
CA SER E 41 -9.05 -5.77 -31.24
C SER E 41 -8.77 -6.36 -32.61
N GLY E 42 -9.29 -7.55 -32.85
CA GLY E 42 -9.07 -8.20 -34.13
C GLY E 42 -7.63 -8.60 -34.38
N THR E 43 -6.85 -8.85 -33.33
CA THR E 43 -5.46 -9.22 -33.51
C THR E 43 -4.94 -10.33 -32.59
N LYS E 44 -5.58 -10.52 -31.44
CA LYS E 44 -5.13 -11.55 -30.51
C LYS E 44 -5.39 -12.96 -31.04
N THR E 45 -4.34 -13.78 -31.00
CA THR E 45 -4.37 -15.16 -31.48
C THR E 45 -4.07 -16.16 -30.35
N CYS E 46 -4.19 -17.45 -30.65
CA CYS E 46 -3.95 -18.51 -29.67
C CYS E 46 -2.76 -18.20 -28.75
N ILE E 47 -2.96 -18.42 -27.46
CA ILE E 47 -1.95 -18.17 -26.45
C ILE E 47 -1.34 -19.49 -26.00
N ASP E 48 -0.11 -19.44 -25.48
CA ASP E 48 0.62 -20.64 -25.08
C ASP E 48 0.99 -20.77 -23.60
N THR E 49 0.47 -19.89 -22.76
CA THR E 49 0.75 -19.96 -21.33
C THR E 49 -0.51 -19.72 -20.54
N LYS E 50 -0.58 -20.30 -19.35
CA LYS E 50 -1.73 -20.12 -18.49
C LYS E 50 -1.82 -18.62 -18.17
N GLU E 51 -0.69 -18.07 -17.71
CA GLU E 51 -0.58 -16.65 -17.38
C GLU E 51 -1.13 -15.82 -18.53
N GLY E 52 -0.80 -16.21 -19.74
CA GLY E 52 -1.26 -15.49 -20.91
C GLY E 52 -2.75 -15.58 -21.14
N ILE E 53 -3.32 -16.75 -20.86
CA ILE E 53 -4.76 -16.94 -21.02
C ILE E 53 -5.45 -16.07 -19.96
N LEU E 54 -4.93 -16.12 -18.74
CA LEU E 54 -5.48 -15.31 -17.67
C LEU E 54 -5.46 -13.84 -18.10
N GLN E 55 -4.31 -13.39 -18.61
CA GLN E 55 -4.18 -11.99 -19.08
C GLN E 55 -5.19 -11.67 -20.17
N TYR E 56 -5.44 -12.62 -21.07
CA TYR E 56 -6.39 -12.37 -22.14
C TYR E 56 -7.83 -12.27 -21.63
N CYS E 57 -8.15 -13.04 -20.58
CA CYS E 57 -9.49 -13.00 -19.99
C CYS E 57 -9.74 -11.61 -19.45
N GLN E 58 -8.79 -11.09 -18.67
CA GLN E 58 -8.92 -9.76 -18.10
C GLN E 58 -9.08 -8.70 -19.17
N GLU E 59 -8.44 -8.90 -20.31
CA GLU E 59 -8.54 -7.95 -21.41
C GLU E 59 -9.93 -7.87 -22.02
N VAL E 60 -10.59 -9.01 -22.21
CA VAL E 60 -11.92 -9.00 -22.80
C VAL E 60 -13.04 -8.81 -21.79
N TYR E 61 -12.74 -9.01 -20.52
CA TYR E 61 -13.74 -8.83 -19.45
C TYR E 61 -13.16 -7.83 -18.48
N PRO E 62 -12.92 -6.60 -18.95
CA PRO E 62 -12.35 -5.54 -18.13
C PRO E 62 -13.15 -5.22 -16.86
N GLU E 63 -14.47 -5.41 -16.92
CA GLU E 63 -15.32 -5.12 -15.76
C GLU E 63 -15.46 -6.28 -14.76
N LEU E 64 -14.74 -7.37 -14.95
CA LEU E 64 -14.80 -8.51 -14.03
C LEU E 64 -13.42 -8.70 -13.40
N GLN E 65 -13.37 -9.19 -12.16
CA GLN E 65 -12.09 -9.44 -11.50
C GLN E 65 -11.69 -10.91 -11.76
N ILE E 66 -11.01 -11.14 -12.88
CA ILE E 66 -10.56 -12.49 -13.24
C ILE E 66 -9.33 -12.83 -12.42
N THR E 67 -9.44 -13.86 -11.58
CA THR E 67 -8.34 -14.26 -10.70
C THR E 67 -7.71 -15.61 -11.02
N ASN E 68 -8.15 -16.21 -12.11
CA ASN E 68 -7.61 -17.51 -12.49
C ASN E 68 -8.30 -18.04 -13.72
N VAL E 69 -7.83 -19.18 -14.20
CA VAL E 69 -8.46 -19.83 -15.35
C VAL E 69 -8.35 -21.33 -15.13
N VAL E 70 -9.21 -22.06 -15.82
CA VAL E 70 -9.24 -23.51 -15.77
C VAL E 70 -9.95 -23.99 -17.03
N GLU E 71 -9.47 -25.10 -17.58
CA GLU E 71 -10.07 -25.65 -18.79
C GLU E 71 -11.45 -26.18 -18.50
N ALA E 72 -12.35 -26.00 -19.45
CA ALA E 72 -13.71 -26.52 -19.31
C ALA E 72 -13.50 -28.03 -19.39
N ASN E 73 -14.49 -28.83 -19.00
CA ASN E 73 -14.29 -30.26 -19.08
C ASN E 73 -14.47 -30.85 -20.46
N GLN E 74 -15.44 -30.36 -21.21
CA GLN E 74 -15.65 -30.91 -22.54
C GLN E 74 -15.50 -29.87 -23.66
N PRO E 75 -15.05 -30.31 -24.83
CA PRO E 75 -14.89 -29.38 -25.95
C PRO E 75 -16.25 -28.93 -26.44
N VAL E 76 -16.29 -27.81 -27.16
CA VAL E 76 -17.52 -27.28 -27.71
C VAL E 76 -17.27 -26.92 -29.19
N THR E 77 -18.33 -26.87 -29.98
CA THR E 77 -18.19 -26.53 -31.40
C THR E 77 -18.44 -25.05 -31.61
N ILE E 78 -17.45 -24.36 -32.15
CA ILE E 78 -17.55 -22.91 -32.39
C ILE E 78 -17.57 -22.62 -33.90
N GLN E 79 -18.61 -21.96 -34.37
CA GLN E 79 -18.72 -21.62 -35.78
C GLN E 79 -18.13 -20.24 -36.14
N ASN E 80 -17.73 -20.09 -37.40
CA ASN E 80 -17.19 -18.85 -37.97
C ASN E 80 -16.07 -18.12 -37.24
N TRP E 81 -14.86 -18.65 -37.29
CA TRP E 81 -13.72 -17.98 -36.66
C TRP E 81 -13.22 -16.90 -37.63
N CYS E 82 -12.43 -15.96 -37.13
CA CYS E 82 -11.91 -14.87 -37.97
C CYS E 82 -10.40 -14.89 -38.09
N LYS E 83 -9.92 -14.23 -39.15
CA LYS E 83 -8.51 -14.08 -39.44
C LYS E 83 -8.16 -12.67 -38.97
N ARG E 84 -6.90 -12.42 -38.62
CA ARG E 84 -6.49 -11.09 -38.17
C ARG E 84 -7.24 -10.00 -38.95
N GLY E 85 -7.72 -8.97 -38.26
CA GLY E 85 -8.43 -7.90 -38.94
C GLY E 85 -9.93 -8.06 -39.01
N ARG E 86 -10.41 -9.28 -38.80
CA ARG E 86 -11.85 -9.57 -38.82
C ARG E 86 -12.56 -9.12 -40.09
N LYS E 87 -11.91 -9.36 -41.23
CA LYS E 87 -12.48 -9.01 -42.53
C LYS E 87 -13.16 -10.23 -43.14
N GLN E 88 -12.60 -11.41 -42.88
CA GLN E 88 -13.19 -12.66 -43.37
C GLN E 88 -13.43 -13.58 -42.18
N CYS E 89 -14.70 -13.76 -41.82
CA CYS E 89 -15.03 -14.60 -40.68
C CYS E 89 -15.94 -15.77 -41.03
N LYS E 90 -16.07 -16.09 -42.30
CA LYS E 90 -16.91 -17.22 -42.70
C LYS E 90 -16.00 -18.45 -42.70
N THR E 91 -16.17 -19.35 -41.73
CA THR E 91 -15.33 -20.53 -41.67
C THR E 91 -15.98 -21.82 -41.20
N HIS E 92 -15.19 -22.89 -41.28
CA HIS E 92 -15.60 -24.23 -40.88
C HIS E 92 -15.56 -24.35 -39.35
N PRO E 93 -16.66 -24.81 -38.75
CA PRO E 93 -16.74 -24.97 -37.29
C PRO E 93 -15.51 -25.68 -36.74
N HIS E 94 -15.23 -25.47 -35.45
CA HIS E 94 -14.08 -26.12 -34.82
C HIS E 94 -14.44 -26.64 -33.44
N PHE E 95 -13.89 -27.80 -33.12
CA PHE E 95 -14.13 -28.45 -31.85
C PHE E 95 -12.99 -28.04 -30.94
N VAL E 96 -13.26 -27.19 -29.95
CA VAL E 96 -12.23 -26.72 -29.04
C VAL E 96 -12.64 -26.81 -27.57
N ILE E 97 -11.65 -26.89 -26.68
CA ILE E 97 -11.88 -26.94 -25.24
C ILE E 97 -11.73 -25.50 -24.74
N PRO E 98 -12.83 -24.84 -24.35
CA PRO E 98 -12.67 -23.46 -23.88
C PRO E 98 -11.96 -23.39 -22.53
N TYR E 99 -11.58 -22.18 -22.14
CA TYR E 99 -10.96 -21.98 -20.84
C TYR E 99 -11.96 -21.11 -20.10
N ARG E 100 -12.28 -21.50 -18.86
CA ARG E 100 -13.21 -20.73 -18.03
C ARG E 100 -12.45 -19.62 -17.34
N CYS E 101 -12.91 -18.39 -17.48
CA CYS E 101 -12.27 -17.28 -16.81
C CYS E 101 -12.85 -17.25 -15.38
N LEU E 102 -12.08 -17.64 -14.39
CA LEU E 102 -12.57 -17.66 -13.00
C LEU E 102 -12.56 -16.25 -12.39
N VAL E 103 -13.70 -15.85 -11.82
CA VAL E 103 -13.86 -14.53 -11.24
C VAL E 103 -13.85 -14.49 -9.73
N GLY E 104 -13.30 -13.42 -9.18
CA GLY E 104 -13.26 -13.24 -7.75
C GLY E 104 -12.74 -14.40 -6.90
N GLU E 105 -13.47 -14.72 -5.84
CA GLU E 105 -13.06 -15.76 -4.92
C GLU E 105 -13.50 -17.14 -5.43
N PHE E 106 -12.58 -18.11 -5.40
CA PHE E 106 -12.85 -19.45 -5.90
C PHE E 106 -13.70 -20.34 -4.97
N VAL E 107 -14.73 -20.94 -5.54
CA VAL E 107 -15.59 -21.85 -4.81
C VAL E 107 -15.85 -23.06 -5.72
N SER E 108 -15.71 -24.27 -5.16
CA SER E 108 -15.92 -25.52 -5.90
C SER E 108 -17.23 -25.55 -6.68
N ASP E 109 -17.18 -26.10 -7.89
CA ASP E 109 -18.39 -26.21 -8.71
C ASP E 109 -19.37 -27.14 -8.00
N ALA E 110 -20.65 -27.02 -8.31
CA ALA E 110 -21.63 -27.91 -7.72
C ALA E 110 -21.80 -29.02 -8.74
N LEU E 111 -21.81 -30.27 -8.31
CA LEU E 111 -21.95 -31.37 -9.25
C LEU E 111 -23.23 -32.15 -9.03
N LEU E 112 -23.89 -32.51 -10.11
CA LEU E 112 -25.11 -33.31 -10.04
C LEU E 112 -24.72 -34.76 -9.84
N VAL E 113 -25.32 -35.43 -8.86
CA VAL E 113 -25.04 -36.84 -8.63
C VAL E 113 -26.25 -37.62 -9.13
N PRO E 114 -26.21 -38.07 -10.40
CA PRO E 114 -27.35 -38.82 -10.94
C PRO E 114 -27.60 -40.14 -10.23
N ASP E 115 -28.70 -40.79 -10.59
CA ASP E 115 -29.09 -42.05 -9.98
C ASP E 115 -28.05 -43.17 -10.06
N LYS E 116 -27.78 -43.78 -8.90
CA LYS E 116 -26.82 -44.88 -8.78
C LYS E 116 -25.35 -44.44 -8.77
N CYS E 117 -25.10 -43.14 -8.88
CA CYS E 117 -23.72 -42.66 -8.86
C CYS E 117 -23.37 -42.21 -7.45
N LYS E 118 -22.08 -41.95 -7.22
CA LYS E 118 -21.62 -41.48 -5.92
C LYS E 118 -20.73 -40.25 -6.09
N PHE E 119 -20.74 -39.38 -5.09
CA PHE E 119 -19.94 -38.16 -5.11
C PHE E 119 -18.67 -38.41 -4.30
N LEU E 120 -17.52 -38.07 -4.88
CA LEU E 120 -16.23 -38.28 -4.21
C LEU E 120 -15.32 -37.08 -4.38
N HIS E 121 -14.34 -36.96 -3.50
CA HIS E 121 -13.40 -35.85 -3.60
C HIS E 121 -12.05 -36.21 -2.98
N GLN E 122 -10.98 -35.77 -3.62
CA GLN E 122 -9.64 -36.06 -3.14
C GLN E 122 -8.85 -34.77 -3.10
N GLU E 123 -8.13 -34.55 -2.00
CA GLU E 123 -7.34 -33.36 -1.85
C GLU E 123 -6.04 -33.67 -1.11
N ARG E 124 -4.92 -33.30 -1.71
CA ARG E 124 -3.63 -33.52 -1.08
C ARG E 124 -2.98 -32.15 -0.89
N MET E 125 -2.94 -31.71 0.37
CA MET E 125 -2.39 -30.39 0.75
C MET E 125 -0.90 -30.19 0.47
N ASP E 126 -0.22 -31.25 0.08
CA ASP E 126 1.22 -31.20 -0.21
C ASP E 126 1.57 -31.16 -1.70
N VAL E 127 0.56 -31.27 -2.56
CA VAL E 127 0.77 -31.25 -4.02
C VAL E 127 0.10 -30.05 -4.66
N CYS E 128 0.59 -29.65 -5.83
CA CYS E 128 0.02 -28.52 -6.57
C CYS E 128 0.11 -28.86 -8.06
N GLU E 129 -0.88 -29.63 -8.51
CA GLU E 129 -0.96 -30.11 -9.88
C GLU E 129 -1.84 -29.36 -10.87
N THR E 130 -1.83 -29.87 -12.10
CA THR E 130 -2.58 -29.32 -13.21
C THR E 130 -4.00 -29.85 -13.28
N HIS E 131 -4.76 -29.32 -14.22
CA HIS E 131 -6.13 -29.73 -14.40
C HIS E 131 -6.10 -31.17 -14.92
N LEU E 132 -5.26 -31.40 -15.92
CA LEU E 132 -5.10 -32.71 -16.55
C LEU E 132 -4.73 -33.77 -15.52
N HIS E 133 -3.85 -33.43 -14.58
CA HIS E 133 -3.46 -34.40 -13.56
C HIS E 133 -4.67 -34.82 -12.74
N TRP E 134 -5.45 -33.84 -12.27
CA TRP E 134 -6.62 -34.14 -11.44
C TRP E 134 -7.73 -34.82 -12.21
N HIS E 135 -7.82 -34.57 -13.52
CA HIS E 135 -8.83 -35.27 -14.30
C HIS E 135 -8.47 -36.75 -14.24
N THR E 136 -7.21 -37.03 -14.53
CA THR E 136 -6.68 -38.38 -14.52
C THR E 136 -6.89 -39.04 -13.16
N VAL E 137 -6.56 -38.32 -12.09
CA VAL E 137 -6.72 -38.86 -10.74
C VAL E 137 -8.17 -39.27 -10.51
N ALA E 138 -9.10 -38.51 -11.08
CA ALA E 138 -10.51 -38.79 -10.92
C ALA E 138 -10.94 -39.98 -11.79
N LYS E 139 -10.51 -39.98 -13.04
CA LYS E 139 -10.87 -41.06 -13.95
C LYS E 139 -10.37 -42.38 -13.40
N GLU E 140 -9.12 -42.39 -12.95
CA GLU E 140 -8.53 -43.58 -12.38
C GLU E 140 -9.25 -44.05 -11.13
N THR E 141 -9.57 -43.13 -10.23
CA THR E 141 -10.25 -43.53 -9.00
C THR E 141 -11.59 -44.18 -9.26
N CYS E 142 -12.30 -43.73 -10.30
CA CYS E 142 -13.59 -44.34 -10.63
C CYS E 142 -13.32 -45.73 -11.21
N SER E 143 -12.28 -45.83 -12.03
CA SER E 143 -11.91 -47.09 -12.65
C SER E 143 -11.58 -48.14 -11.60
N GLU E 144 -10.74 -47.77 -10.66
CA GLU E 144 -10.35 -48.72 -9.63
C GLU E 144 -11.55 -49.34 -8.91
N LYS E 145 -12.70 -48.68 -8.97
CA LYS E 145 -13.89 -49.23 -8.31
C LYS E 145 -14.88 -49.67 -9.39
N SER E 146 -14.34 -49.97 -10.57
CA SER E 146 -15.12 -50.40 -11.73
C SER E 146 -16.36 -49.55 -12.01
N THR E 147 -16.14 -48.25 -12.11
CA THR E 147 -17.20 -47.31 -12.43
C THR E 147 -16.64 -46.28 -13.41
N ASN E 148 -17.50 -45.40 -13.90
CA ASN E 148 -17.09 -44.41 -14.87
C ASN E 148 -17.16 -42.98 -14.32
N LEU E 149 -16.17 -42.15 -14.69
CA LEU E 149 -16.15 -40.75 -14.27
C LEU E 149 -17.20 -39.98 -15.07
N HIS E 150 -18.20 -39.45 -14.37
CA HIS E 150 -19.29 -38.71 -15.02
C HIS E 150 -19.04 -37.22 -15.11
N ASP E 151 -18.47 -36.65 -14.06
CA ASP E 151 -18.17 -35.23 -14.05
C ASP E 151 -17.20 -34.95 -12.92
N TYR E 152 -16.58 -33.78 -12.97
CA TYR E 152 -15.61 -33.42 -11.95
C TYR E 152 -15.38 -31.92 -11.95
N GLY E 153 -14.63 -31.46 -10.94
CA GLY E 153 -14.30 -30.06 -10.83
C GLY E 153 -13.08 -29.91 -9.94
N MET E 154 -12.33 -28.84 -10.14
CA MET E 154 -11.13 -28.59 -9.35
C MET E 154 -11.45 -28.15 -7.92
N LEU E 155 -10.48 -28.34 -7.03
CA LEU E 155 -10.59 -27.96 -5.64
C LEU E 155 -9.28 -27.28 -5.22
N LEU E 156 -9.38 -26.38 -4.25
CA LEU E 156 -8.20 -25.71 -3.71
C LEU E 156 -7.15 -25.15 -4.67
N PRO E 157 -7.42 -24.00 -5.32
CA PRO E 157 -6.40 -23.46 -6.24
C PRO E 157 -5.08 -23.15 -5.50
N CYS E 158 -3.96 -23.33 -6.19
CA CYS E 158 -2.63 -23.10 -5.61
C CYS E 158 -1.73 -22.40 -6.62
N GLY E 159 -2.33 -21.95 -7.73
CA GLY E 159 -1.56 -21.26 -8.75
C GLY E 159 -2.43 -21.02 -9.98
N ILE E 160 -1.88 -20.37 -11.00
CA ILE E 160 -2.66 -20.13 -12.20
C ILE E 160 -2.97 -21.49 -12.80
N ASP E 161 -4.24 -21.89 -12.78
CA ASP E 161 -4.65 -23.19 -13.30
C ASP E 161 -3.89 -24.33 -12.63
N LYS E 162 -3.67 -24.22 -11.32
CA LYS E 162 -3.00 -25.24 -10.55
C LYS E 162 -3.88 -25.48 -9.32
N PHE E 163 -4.18 -26.74 -9.00
CA PHE E 163 -5.04 -27.02 -7.85
C PHE E 163 -4.56 -28.19 -6.98
N ARG E 164 -4.94 -28.18 -5.70
CA ARG E 164 -4.54 -29.22 -4.77
C ARG E 164 -5.53 -30.38 -4.59
N GLY E 165 -6.58 -30.42 -5.42
CA GLY E 165 -7.54 -31.50 -5.25
C GLY E 165 -8.59 -31.58 -6.34
N VAL E 166 -9.49 -32.54 -6.21
CA VAL E 166 -10.53 -32.72 -7.20
C VAL E 166 -11.77 -33.35 -6.61
N GLU E 167 -12.93 -32.92 -7.11
CA GLU E 167 -14.20 -33.46 -6.66
C GLU E 167 -14.82 -34.08 -7.90
N PHE E 168 -15.40 -35.27 -7.77
CA PHE E 168 -15.97 -35.94 -8.92
C PHE E 168 -17.15 -36.86 -8.61
N VAL E 169 -17.79 -37.31 -9.68
CA VAL E 169 -18.94 -38.19 -9.58
C VAL E 169 -18.68 -39.44 -10.43
N CYS E 170 -18.73 -40.60 -9.80
CA CYS E 170 -18.52 -41.87 -10.48
C CYS E 170 -19.88 -42.49 -10.74
N CYS E 171 -20.04 -43.17 -11.87
CA CYS E 171 -21.30 -43.80 -12.21
C CYS E 171 -21.12 -45.22 -12.76
N PRO E 172 -22.21 -45.99 -12.81
CA PRO E 172 -22.14 -47.36 -13.33
C PRO E 172 -21.67 -47.34 -14.78
N LEU E 173 -20.78 -48.28 -15.12
CA LEU E 173 -20.22 -48.37 -16.47
C LEU E 173 -21.22 -48.43 -17.61
N ALA E 174 -22.10 -49.43 -17.61
CA ALA E 174 -23.11 -49.59 -18.68
C ALA E 174 -22.37 -49.74 -20.01
N ILE E 175 -21.32 -50.55 -20.00
CA ILE E 175 -20.50 -50.78 -21.18
C ILE E 175 -20.50 -52.25 -21.60
N GLU E 176 -20.63 -52.49 -22.91
CA GLU E 176 -20.63 -53.84 -23.44
C GLU E 176 -19.21 -54.39 -23.63
N GLY E 177 -18.77 -55.27 -22.75
CA GLY E 177 -17.44 -55.87 -22.90
C GLY E 177 -17.51 -57.10 -23.80
N ARG E 178 -16.46 -57.92 -23.78
CA ARG E 178 -16.43 -59.14 -24.60
C ARG E 178 -15.25 -60.04 -24.28
N LYS E 179 -15.26 -61.22 -24.89
CA LYS E 179 -14.20 -62.20 -24.72
C LYS E 179 -13.89 -62.79 -26.08
N LEU E 180 -12.91 -63.70 -26.14
CA LEU E 180 -12.55 -64.30 -27.41
C LEU E 180 -12.71 -65.82 -27.42
N ALA E 181 -13.47 -66.31 -28.39
CA ALA E 181 -13.69 -67.74 -28.56
C ALA E 181 -12.63 -68.17 -29.59
N ALA E 182 -11.55 -68.78 -29.13
CA ALA E 182 -10.48 -69.21 -30.03
C ALA E 182 -10.02 -70.63 -29.83
N ALA E 183 -9.51 -71.24 -30.89
CA ALA E 183 -9.02 -72.61 -30.85
C ALA E 183 -7.57 -72.63 -30.31
N LEU E 184 -7.37 -73.23 -29.13
CA LEU E 184 -6.03 -73.30 -28.56
C LEU E 184 -5.60 -74.72 -28.25
N GLU E 185 -4.91 -74.88 -27.12
CA GLU E 185 -4.42 -76.18 -26.69
C GLU E 185 -4.53 -76.39 -25.17
N HIS E 186 -3.84 -77.41 -24.69
CA HIS E 186 -3.82 -77.78 -23.28
C HIS E 186 -3.57 -76.56 -22.39
N LEU F 12 13.95 3.33 -7.54
CA LEU F 12 14.69 4.55 -7.07
C LEU F 12 16.05 4.22 -6.44
N LEU F 13 17.12 4.44 -7.20
CA LEU F 13 18.48 4.17 -6.72
C LEU F 13 19.13 5.41 -6.13
N ALA F 14 18.35 6.46 -5.91
CA ALA F 14 18.84 7.71 -5.35
C ALA F 14 17.65 8.57 -4.93
N GLU F 15 17.88 9.52 -4.03
CA GLU F 15 16.79 10.37 -3.58
C GLU F 15 16.60 11.52 -4.54
N PRO F 16 15.34 11.80 -4.89
CA PRO F 16 15.10 12.91 -5.82
C PRO F 16 15.43 14.25 -5.19
N GLN F 17 16.16 15.08 -5.92
CA GLN F 17 16.49 16.40 -5.41
C GLN F 17 16.85 17.42 -6.50
N ILE F 18 16.76 18.69 -6.12
CA ILE F 18 17.02 19.80 -7.02
C ILE F 18 18.21 20.60 -6.51
N ALA F 19 19.07 21.04 -7.42
CA ALA F 19 20.21 21.86 -7.03
C ALA F 19 20.15 23.07 -7.95
N MET F 20 20.43 24.24 -7.40
CA MET F 20 20.37 25.48 -8.18
C MET F 20 21.58 26.35 -8.00
N PHE F 21 21.86 27.17 -9.02
CA PHE F 21 22.97 28.12 -8.99
C PHE F 21 22.59 29.25 -9.92
N CYS F 22 22.03 30.31 -9.36
CA CYS F 22 21.60 31.42 -10.17
C CYS F 22 22.57 31.77 -11.28
N GLY F 23 22.03 31.88 -12.50
CA GLY F 23 22.86 32.19 -13.65
C GLY F 23 22.95 30.95 -14.52
N ARG F 24 22.69 29.80 -13.92
CA ARG F 24 22.74 28.53 -14.64
C ARG F 24 21.40 27.81 -14.60
N LEU F 25 21.25 26.79 -15.42
CA LEU F 25 20.02 26.02 -15.46
C LEU F 25 20.00 25.02 -14.31
N ASN F 26 18.82 24.86 -13.69
CA ASN F 26 18.68 23.96 -12.55
C ASN F 26 19.14 22.54 -12.81
N MET F 27 19.72 21.93 -11.79
CA MET F 27 20.18 20.54 -11.88
C MET F 27 19.22 19.73 -11.03
N HIS F 28 19.14 18.43 -11.28
CA HIS F 28 18.28 17.56 -10.50
C HIS F 28 18.85 16.15 -10.51
N MET F 29 18.68 15.45 -9.40
CA MET F 29 19.21 14.12 -9.26
C MET F 29 18.49 13.10 -10.11
N ASN F 30 19.25 12.35 -10.89
CA ASN F 30 18.69 11.31 -11.73
C ASN F 30 18.45 10.13 -10.80
N VAL F 31 17.19 9.81 -10.58
CA VAL F 31 16.78 8.72 -9.69
C VAL F 31 17.21 7.33 -10.14
N GLN F 32 17.55 7.17 -11.41
CA GLN F 32 17.97 5.86 -11.91
C GLN F 32 19.46 5.58 -11.69
N ASN F 33 20.33 6.46 -12.19
CA ASN F 33 21.76 6.23 -12.05
C ASN F 33 22.40 6.82 -10.79
N GLY F 34 21.99 8.03 -10.39
CA GLY F 34 22.57 8.64 -9.22
C GLY F 34 23.42 9.85 -9.54
N LYS F 35 23.31 10.35 -10.76
CA LYS F 35 24.07 11.51 -11.21
C LYS F 35 23.16 12.70 -11.49
N TRP F 36 23.74 13.89 -11.53
CA TRP F 36 22.98 15.09 -11.80
C TRP F 36 22.79 15.36 -13.29
N ASP F 37 21.58 15.75 -13.67
CA ASP F 37 21.26 16.10 -15.06
C ASP F 37 20.80 17.55 -15.01
N SER F 38 20.72 18.21 -16.16
CA SER F 38 20.30 19.59 -16.15
C SER F 38 18.83 19.69 -16.55
N ASP F 39 18.23 20.85 -16.31
CA ASP F 39 16.83 21.07 -16.62
C ASP F 39 16.41 20.52 -17.98
N PRO F 40 15.49 19.53 -17.99
CA PRO F 40 14.95 18.84 -19.17
C PRO F 40 14.60 19.71 -20.38
N SER F 41 14.05 20.89 -20.12
CA SER F 41 13.63 21.79 -21.19
C SER F 41 14.70 22.82 -21.49
N GLY F 42 15.81 22.76 -20.76
CA GLY F 42 16.89 23.70 -20.95
C GLY F 42 16.49 25.14 -20.76
N THR F 43 15.42 25.38 -20.02
CA THR F 43 14.97 26.75 -19.80
C THR F 43 14.80 27.24 -18.36
N LYS F 44 14.69 26.33 -17.40
CA LYS F 44 14.46 26.68 -15.99
C LYS F 44 15.66 27.09 -15.16
N THR F 45 15.62 28.30 -14.62
CA THR F 45 16.71 28.83 -13.80
C THR F 45 16.41 28.79 -12.28
N CYS F 46 17.36 29.24 -11.47
CA CYS F 46 17.21 29.21 -10.00
C CYS F 46 15.88 29.80 -9.56
N ILE F 47 15.28 29.20 -8.53
CA ILE F 47 13.96 29.59 -8.00
C ILE F 47 14.09 30.19 -6.60
N ASP F 48 13.26 31.17 -6.26
CA ASP F 48 13.43 31.76 -4.95
C ASP F 48 12.37 31.50 -3.89
N THR F 49 11.30 30.80 -4.22
CA THR F 49 10.32 30.52 -3.19
C THR F 49 10.19 29.02 -2.94
N LYS F 50 9.80 28.68 -1.72
CA LYS F 50 9.64 27.28 -1.38
C LYS F 50 8.51 26.66 -2.23
N GLU F 51 7.46 27.43 -2.48
CA GLU F 51 6.37 26.92 -3.30
C GLU F 51 6.86 26.70 -4.73
N GLY F 52 7.77 27.56 -5.17
CA GLY F 52 8.32 27.42 -6.51
C GLY F 52 9.21 26.20 -6.61
N ILE F 53 10.01 25.98 -5.58
CA ILE F 53 10.90 24.82 -5.57
C ILE F 53 10.09 23.54 -5.54
N LEU F 54 9.02 23.51 -4.76
CA LEU F 54 8.20 22.31 -4.70
C LEU F 54 7.63 22.03 -6.08
N GLN F 55 7.20 23.07 -6.78
CA GLN F 55 6.64 22.93 -8.13
C GLN F 55 7.67 22.33 -9.09
N TYR F 56 8.87 22.90 -9.05
CA TYR F 56 9.92 22.40 -9.91
C TYR F 56 10.17 20.91 -9.64
N CYS F 57 10.26 20.54 -8.35
CA CYS F 57 10.45 19.13 -7.96
C CYS F 57 9.36 18.27 -8.60
N GLN F 58 8.12 18.72 -8.52
CA GLN F 58 7.00 17.98 -9.08
C GLN F 58 7.05 17.92 -10.61
N GLU F 59 7.55 18.97 -11.24
CA GLU F 59 7.66 18.99 -12.70
C GLU F 59 8.70 17.99 -13.15
N VAL F 60 9.88 18.05 -12.52
CA VAL F 60 11.00 17.18 -12.82
C VAL F 60 10.79 15.69 -12.50
N TYR F 61 9.93 15.38 -11.53
CA TYR F 61 9.66 13.99 -11.13
C TYR F 61 8.15 13.70 -11.19
N PRO F 62 7.55 13.77 -12.38
CA PRO F 62 6.12 13.52 -12.53
C PRO F 62 5.62 12.15 -12.08
N GLU F 63 6.49 11.15 -12.02
CA GLU F 63 6.06 9.82 -11.59
C GLU F 63 6.09 9.63 -10.07
N LEU F 64 6.51 10.65 -9.32
CA LEU F 64 6.56 10.53 -7.88
C LEU F 64 5.64 11.56 -7.27
N GLN F 65 5.10 11.25 -6.09
CA GLN F 65 4.19 12.15 -5.40
C GLN F 65 5.02 13.05 -4.47
N ILE F 66 5.61 14.11 -5.01
CA ILE F 66 6.41 15.02 -4.19
C ILE F 66 5.42 15.83 -3.37
N THR F 67 5.59 15.84 -2.05
CA THR F 67 4.65 16.55 -1.20
C THR F 67 5.23 17.69 -0.40
N ASN F 68 6.54 17.84 -0.42
CA ASN F 68 7.18 18.91 0.34
C ASN F 68 8.64 18.93 -0.05
N VAL F 69 9.38 19.93 0.43
CA VAL F 69 10.81 20.01 0.14
C VAL F 69 11.53 20.48 1.40
N VAL F 70 12.84 20.26 1.44
CA VAL F 70 13.66 20.67 2.57
C VAL F 70 15.12 20.72 2.14
N GLU F 71 15.85 21.74 2.60
CA GLU F 71 17.26 21.86 2.27
C GLU F 71 18.00 20.63 2.78
N ALA F 72 19.07 20.25 2.07
CA ALA F 72 19.90 19.15 2.50
C ALA F 72 20.79 19.76 3.61
N ASN F 73 21.40 18.92 4.44
CA ASN F 73 22.21 19.45 5.52
C ASN F 73 23.63 19.85 5.10
N GLN F 74 24.08 19.38 3.95
CA GLN F 74 25.41 19.75 3.50
C GLN F 74 25.47 19.95 1.99
N PRO F 75 26.38 20.83 1.56
CA PRO F 75 26.55 21.12 0.13
C PRO F 75 27.18 19.97 -0.63
N VAL F 76 27.02 20.01 -1.94
CA VAL F 76 27.54 19.00 -2.85
C VAL F 76 28.22 19.79 -3.95
N THR F 77 29.17 19.17 -4.65
CA THR F 77 29.84 19.83 -5.76
C THR F 77 29.22 19.32 -7.05
N ILE F 78 28.80 20.24 -7.90
CA ILE F 78 28.19 19.88 -9.17
C ILE F 78 29.02 20.53 -10.28
N GLN F 79 29.31 19.76 -11.32
CA GLN F 79 30.09 20.23 -12.46
C GLN F 79 29.22 20.24 -13.71
N ASN F 80 29.66 20.98 -14.73
CA ASN F 80 28.96 21.03 -16.00
C ASN F 80 27.59 21.69 -16.01
N TRP F 81 27.50 22.86 -15.37
CA TRP F 81 26.24 23.58 -15.34
C TRP F 81 26.03 24.22 -16.72
N CYS F 82 24.83 24.09 -17.27
CA CYS F 82 24.55 24.69 -18.56
C CYS F 82 23.94 26.06 -18.32
N LYS F 83 23.98 26.93 -19.34
CA LYS F 83 23.41 28.26 -19.24
C LYS F 83 22.28 28.36 -20.26
N ARG F 84 21.18 29.00 -19.90
CA ARG F 84 20.06 29.15 -20.82
C ARG F 84 20.62 29.83 -22.06
N GLY F 85 20.39 29.25 -23.24
CA GLY F 85 20.89 29.83 -24.48
C GLY F 85 22.22 29.29 -24.95
N ARG F 86 23.21 29.26 -24.05
CA ARG F 86 24.56 28.78 -24.34
C ARG F 86 24.61 27.30 -24.74
N LYS F 87 25.43 26.98 -25.72
CA LYS F 87 25.57 25.60 -26.20
C LYS F 87 26.47 24.78 -25.29
N GLN F 88 27.56 25.39 -24.85
CA GLN F 88 28.53 24.72 -24.01
C GLN F 88 28.28 24.75 -22.51
N CYS F 89 28.23 23.57 -21.91
CA CYS F 89 28.05 23.44 -20.47
C CYS F 89 29.46 23.15 -19.95
N LYS F 90 30.19 24.22 -19.64
CA LYS F 90 31.56 24.09 -19.15
C LYS F 90 31.64 23.40 -17.80
N THR F 91 32.55 22.42 -17.69
CA THR F 91 32.77 21.70 -16.43
C THR F 91 33.40 22.70 -15.46
N HIS F 92 32.56 23.57 -14.90
CA HIS F 92 33.00 24.61 -13.98
C HIS F 92 32.34 24.42 -12.61
N PRO F 93 32.91 23.52 -11.78
CA PRO F 93 32.46 23.15 -10.44
C PRO F 93 31.90 24.20 -9.48
N HIS F 94 30.80 23.85 -8.83
CA HIS F 94 30.12 24.70 -7.85
C HIS F 94 29.67 23.86 -6.65
N PHE F 95 29.85 24.42 -5.46
CA PHE F 95 29.46 23.75 -4.22
C PHE F 95 28.12 24.37 -3.84
N VAL F 96 27.06 23.57 -3.83
CA VAL F 96 25.74 24.10 -3.50
C VAL F 96 24.96 23.17 -2.59
N ILE F 97 23.98 23.72 -1.88
CA ILE F 97 23.13 22.93 -0.99
C ILE F 97 21.87 22.58 -1.77
N PRO F 98 21.67 21.30 -2.09
CA PRO F 98 20.47 20.89 -2.82
C PRO F 98 19.21 20.96 -1.96
N TYR F 99 18.06 20.83 -2.61
CA TYR F 99 16.77 20.78 -1.94
C TYR F 99 16.26 19.37 -2.17
N ARG F 100 15.99 18.64 -1.09
CA ARG F 100 15.49 17.28 -1.22
C ARG F 100 14.00 17.32 -1.53
N CYS F 101 13.59 16.54 -2.51
CA CYS F 101 12.18 16.51 -2.88
C CYS F 101 11.56 15.42 -2.05
N LEU F 102 10.85 15.80 -0.97
CA LEU F 102 10.22 14.80 -0.11
C LEU F 102 9.05 14.11 -0.78
N VAL F 103 9.03 12.78 -0.68
CA VAL F 103 7.99 11.95 -1.32
C VAL F 103 6.94 11.36 -0.37
N GLY F 104 5.67 11.38 -0.80
CA GLY F 104 4.58 10.82 -0.02
C GLY F 104 4.40 11.31 1.41
N GLU F 105 3.90 10.42 2.27
CA GLU F 105 3.65 10.74 3.68
C GLU F 105 5.00 10.98 4.35
N PHE F 106 5.09 12.08 5.10
CA PHE F 106 6.33 12.43 5.74
C PHE F 106 6.76 11.51 6.87
N VAL F 107 8.05 11.22 6.90
CA VAL F 107 8.62 10.38 7.93
C VAL F 107 9.98 10.97 8.22
N SER F 108 10.28 11.20 9.49
CA SER F 108 11.55 11.81 9.86
C SER F 108 12.75 10.96 9.47
N ASP F 109 13.86 11.63 9.16
CA ASP F 109 15.09 10.96 8.74
C ASP F 109 15.61 10.01 9.80
N ALA F 110 16.17 8.88 9.37
CA ALA F 110 16.79 7.95 10.30
C ALA F 110 18.17 8.57 10.49
N LEU F 111 18.66 8.62 11.72
CA LEU F 111 19.96 9.23 11.96
C LEU F 111 20.89 8.20 12.57
N LEU F 112 22.16 8.23 12.17
CA LEU F 112 23.11 7.30 12.74
C LEU F 112 23.63 7.92 14.03
N VAL F 113 23.62 7.13 15.09
CA VAL F 113 24.11 7.62 16.36
C VAL F 113 25.40 6.90 16.72
N PRO F 114 26.56 7.53 16.48
CA PRO F 114 27.79 6.82 16.84
C PRO F 114 27.85 6.62 18.33
N ASP F 115 28.53 5.54 18.74
CA ASP F 115 28.65 5.19 20.15
C ASP F 115 29.02 6.33 21.07
N LYS F 116 28.35 6.38 22.23
CA LYS F 116 28.56 7.41 23.25
C LYS F 116 27.96 8.78 22.88
N CYS F 117 27.42 8.91 21.67
CA CYS F 117 26.78 10.17 21.28
C CYS F 117 25.32 10.00 21.68
N LYS F 118 24.56 11.08 21.68
CA LYS F 118 23.17 10.93 22.09
C LYS F 118 22.17 11.50 21.12
N PHE F 119 21.06 10.80 21.00
CA PHE F 119 19.97 11.23 20.13
C PHE F 119 18.98 12.07 20.92
N LEU F 120 18.79 13.31 20.47
CA LEU F 120 17.89 14.25 21.11
C LEU F 120 16.84 14.80 20.14
N HIS F 121 15.82 15.46 20.68
CA HIS F 121 14.77 16.08 19.85
C HIS F 121 14.01 17.18 20.60
N GLN F 122 13.63 18.23 19.89
CA GLN F 122 12.88 19.33 20.48
C GLN F 122 11.73 19.62 19.53
N GLU F 123 10.54 19.87 20.07
CA GLU F 123 9.35 20.16 19.27
C GLU F 123 8.50 21.14 20.02
N ARG F 124 7.58 21.79 19.30
CA ARG F 124 6.67 22.76 19.88
C ARG F 124 5.49 22.81 18.93
N MET F 125 4.35 22.29 19.38
CA MET F 125 3.17 22.28 18.52
C MET F 125 2.71 23.68 18.13
N ASP F 126 3.22 24.70 18.79
CA ASP F 126 2.81 26.06 18.45
C ASP F 126 3.84 26.90 17.73
N VAL F 127 4.78 26.27 17.04
CA VAL F 127 5.76 27.02 16.27
C VAL F 127 5.89 26.36 14.90
N CYS F 128 6.19 27.17 13.91
CA CYS F 128 6.35 26.67 12.55
C CYS F 128 7.56 27.44 11.98
N GLU F 129 8.71 26.79 12.02
CA GLU F 129 9.94 27.39 11.58
C GLU F 129 10.67 26.73 10.41
N THR F 130 11.76 27.38 10.01
CA THR F 130 12.59 26.98 8.89
C THR F 130 13.65 25.95 9.25
N HIS F 131 14.21 25.32 8.23
CA HIS F 131 15.25 24.32 8.39
C HIS F 131 16.44 24.99 9.07
N LEU F 132 16.70 26.22 8.67
CA LEU F 132 17.80 27.00 9.22
C LEU F 132 17.63 27.21 10.72
N HIS F 133 16.40 27.54 11.10
CA HIS F 133 16.05 27.78 12.49
C HIS F 133 16.35 26.55 13.37
N TRP F 134 15.82 25.40 12.94
CA TRP F 134 16.00 24.16 13.67
C TRP F 134 17.45 23.68 13.65
N HIS F 135 18.17 24.05 12.61
CA HIS F 135 19.57 23.66 12.52
C HIS F 135 20.28 24.38 13.67
N THR F 136 19.98 25.68 13.79
CA THR F 136 20.55 26.51 14.83
C THR F 136 20.21 25.99 16.22
N VAL F 137 18.93 25.65 16.42
CA VAL F 137 18.50 25.14 17.71
C VAL F 137 19.35 23.92 18.07
N ALA F 138 19.47 22.98 17.14
CA ALA F 138 20.24 21.76 17.38
C ALA F 138 21.70 22.11 17.68
N LYS F 139 22.27 23.01 16.88
CA LYS F 139 23.66 23.41 17.05
C LYS F 139 23.86 24.03 18.44
N GLU F 140 22.99 24.97 18.80
CA GLU F 140 23.04 25.62 20.10
C GLU F 140 23.02 24.57 21.21
N THR F 141 22.02 23.68 21.18
CA THR F 141 21.90 22.67 22.21
C THR F 141 23.16 21.84 22.43
N CYS F 142 23.76 21.34 21.35
CA CYS F 142 24.95 20.52 21.49
C CYS F 142 26.10 21.36 21.99
N SER F 143 26.19 22.57 21.46
CA SER F 143 27.25 23.50 21.83
C SER F 143 27.20 23.82 23.32
N GLU F 144 26.04 24.18 23.84
CA GLU F 144 25.91 24.49 25.25
C GLU F 144 26.28 23.27 26.13
N LYS F 145 26.07 22.06 25.60
CA LYS F 145 26.44 20.82 26.31
C LYS F 145 27.95 20.61 26.13
N SER F 146 28.59 21.50 25.38
CA SER F 146 30.01 21.34 25.06
C SER F 146 30.26 20.04 24.27
N THR F 147 29.46 19.83 23.23
CA THR F 147 29.60 18.64 22.42
C THR F 147 29.53 19.01 20.96
N ASN F 148 29.59 18.03 20.07
CA ASN F 148 29.52 18.30 18.63
C ASN F 148 28.23 17.82 17.99
N LEU F 149 27.65 18.65 17.14
CA LEU F 149 26.43 18.30 16.42
C LEU F 149 26.87 17.43 15.25
N HIS F 150 26.49 16.15 15.28
CA HIS F 150 26.89 15.23 14.22
C HIS F 150 25.86 15.07 13.10
N ASP F 151 24.58 15.26 13.41
CA ASP F 151 23.55 15.05 12.41
C ASP F 151 22.23 15.57 12.94
N TYR F 152 21.31 15.94 12.04
CA TYR F 152 20.00 16.43 12.46
C TYR F 152 18.95 16.26 11.37
N GLY F 153 17.69 16.24 11.78
CA GLY F 153 16.61 16.06 10.83
C GLY F 153 15.39 16.86 11.27
N MET F 154 14.54 17.22 10.32
CA MET F 154 13.33 17.96 10.64
C MET F 154 12.27 17.03 11.21
N LEU F 155 11.32 17.60 11.94
CA LEU F 155 10.22 16.86 12.54
C LEU F 155 8.91 17.64 12.34
N LEU F 156 7.80 16.91 12.19
CA LEU F 156 6.47 17.52 12.05
C LEU F 156 6.35 18.71 11.09
N PRO F 157 6.25 18.43 9.79
CA PRO F 157 6.14 19.54 8.83
C PRO F 157 4.81 20.29 9.01
N CYS F 158 4.85 21.62 8.95
CA CYS F 158 3.63 22.43 9.11
C CYS F 158 3.47 23.39 7.92
N GLY F 159 4.20 23.15 6.85
CA GLY F 159 4.10 23.98 5.66
C GLY F 159 5.19 23.59 4.67
N ILE F 160 5.25 24.26 3.53
CA ILE F 160 6.28 23.93 2.54
C ILE F 160 7.64 24.32 3.13
N ASP F 161 8.42 23.29 3.47
CA ASP F 161 9.75 23.50 4.04
C ASP F 161 9.69 24.29 5.34
N LYS F 162 8.74 23.90 6.18
CA LYS F 162 8.50 24.52 7.48
C LYS F 162 8.24 23.37 8.45
N PHE F 163 8.82 23.43 9.64
CA PHE F 163 8.63 22.33 10.58
C PHE F 163 8.43 22.76 12.02
N ARG F 164 7.89 21.86 12.84
CA ARG F 164 7.67 22.18 14.24
C ARG F 164 8.74 21.67 15.19
N GLY F 165 9.78 21.02 14.68
CA GLY F 165 10.81 20.51 15.56
C GLY F 165 12.03 19.96 14.86
N VAL F 166 12.94 19.40 15.65
CA VAL F 166 14.17 18.88 15.10
C VAL F 166 14.67 17.67 15.89
N GLU F 167 15.34 16.76 15.19
CA GLU F 167 15.91 15.59 15.86
C GLU F 167 17.38 15.69 15.51
N PHE F 168 18.24 15.45 16.48
CA PHE F 168 19.66 15.55 16.22
C PHE F 168 20.50 14.61 17.05
N VAL F 169 21.79 14.65 16.79
CA VAL F 169 22.72 13.79 17.49
C VAL F 169 23.87 14.65 17.99
N CYS F 170 24.14 14.57 19.29
CA CYS F 170 25.26 15.32 19.84
C CYS F 170 26.33 14.31 20.20
N CYS F 171 27.58 14.69 19.97
CA CYS F 171 28.72 13.81 20.26
C CYS F 171 29.77 14.42 21.17
N PRO F 172 30.33 13.59 22.07
CA PRO F 172 31.37 13.98 23.04
C PRO F 172 32.55 14.50 22.25
N LEU F 173 33.36 15.38 22.85
CA LEU F 173 34.54 15.85 22.15
C LEU F 173 35.52 14.68 22.16
N ALA F 174 35.35 13.78 23.12
CA ALA F 174 36.21 12.61 23.21
C ALA F 174 35.64 11.51 24.10
N ILE F 175 36.09 10.27 23.86
CA ILE F 175 35.66 9.13 24.65
C ILE F 175 36.88 8.52 25.34
N GLU F 176 36.83 8.46 26.67
CA GLU F 176 37.91 7.91 27.50
C GLU F 176 39.27 8.48 27.10
N GLY F 177 39.32 9.79 26.90
CA GLY F 177 40.58 10.42 26.54
C GLY F 177 40.81 10.64 25.05
N ARG F 178 40.50 9.64 24.22
CA ARG F 178 40.72 9.78 22.77
C ARG F 178 39.67 10.66 22.08
N LYS F 179 40.15 11.58 21.26
CA LYS F 179 39.33 12.52 20.51
C LYS F 179 38.38 11.81 19.52
N LEU F 180 37.18 12.36 19.35
CA LEU F 180 36.15 11.80 18.46
C LEU F 180 35.93 12.80 17.33
N ALA F 181 36.50 12.53 16.16
CA ALA F 181 36.39 13.44 15.02
C ALA F 181 35.57 12.96 13.84
N ALA F 182 35.28 13.88 12.93
CA ALA F 182 34.51 13.61 11.70
C ALA F 182 34.51 14.84 10.79
N ALA F 183 34.79 14.64 9.51
CA ALA F 183 34.79 15.76 8.55
C ALA F 183 33.47 15.81 7.80
N LEU F 184 32.94 17.01 7.62
CA LEU F 184 31.67 17.21 6.90
C LEU F 184 31.59 18.65 6.36
N GLU F 185 30.77 18.85 5.32
CA GLU F 185 30.57 20.17 4.70
C GLU F 185 31.79 21.10 4.63
N HIS F 186 32.56 20.97 3.55
CA HIS F 186 33.78 21.75 3.30
C HIS F 186 33.56 23.27 3.37
N LEU G 12 2.58 7.49 -23.95
CA LEU G 12 1.56 8.39 -24.56
C LEU G 12 2.00 8.96 -25.90
N LEU G 13 1.97 8.13 -26.94
CA LEU G 13 2.37 8.54 -28.28
C LEU G 13 1.15 8.95 -29.08
N ALA G 14 0.13 9.43 -28.39
CA ALA G 14 -1.12 9.87 -29.01
C ALA G 14 -2.06 10.31 -27.91
N GLU G 15 -2.88 11.31 -28.20
CA GLU G 15 -3.82 11.81 -27.20
C GLU G 15 -5.00 10.86 -27.08
N PRO G 16 -5.35 10.46 -25.86
CA PRO G 16 -6.48 9.55 -25.69
C PRO G 16 -7.80 10.23 -26.08
N GLN G 17 -8.64 9.50 -26.80
CA GLN G 17 -9.94 10.02 -27.19
C GLN G 17 -10.87 8.89 -27.61
N ILE G 18 -12.17 9.15 -27.61
CA ILE G 18 -13.12 8.12 -27.96
C ILE G 18 -14.01 8.66 -29.06
N ALA G 19 -14.44 7.76 -29.95
CA ALA G 19 -15.29 8.16 -31.04
C ALA G 19 -16.46 7.20 -31.07
N MET G 20 -17.64 7.71 -31.38
CA MET G 20 -18.82 6.86 -31.42
C MET G 20 -19.61 7.03 -32.71
N PHE G 21 -20.39 6.00 -33.03
CA PHE G 21 -21.26 6.00 -34.20
C PHE G 21 -22.39 5.05 -33.80
N CYS G 22 -23.49 5.62 -33.32
CA CYS G 22 -24.62 4.80 -32.88
C CYS G 22 -24.93 3.68 -33.84
N GLY G 23 -25.04 2.48 -33.28
CA GLY G 23 -25.32 1.30 -34.06
C GLY G 23 -24.08 0.45 -34.12
N ARG G 24 -22.94 1.05 -33.83
CA ARG G 24 -21.67 0.34 -33.85
C ARG G 24 -20.99 0.46 -32.50
N LEU G 25 -19.95 -0.34 -32.28
CA LEU G 25 -19.23 -0.30 -31.01
C LEU G 25 -18.28 0.89 -30.98
N ASN G 26 -18.18 1.52 -29.82
CA ASN G 26 -17.31 2.67 -29.62
C ASN G 26 -15.87 2.40 -29.99
N MET G 27 -15.20 3.42 -30.50
CA MET G 27 -13.81 3.33 -30.90
C MET G 27 -13.05 4.23 -29.94
N HIS G 28 -11.76 3.95 -29.77
CA HIS G 28 -10.94 4.78 -28.91
C HIS G 28 -9.51 4.79 -29.44
N MET G 29 -8.83 5.91 -29.26
CA MET G 29 -7.47 6.09 -29.71
C MET G 29 -6.48 5.22 -28.94
N ASN G 30 -5.67 4.45 -29.67
CA ASN G 30 -4.65 3.62 -29.04
C ASN G 30 -3.49 4.58 -28.74
N VAL G 31 -3.29 4.94 -27.47
CA VAL G 31 -2.23 5.88 -27.15
C VAL G 31 -0.81 5.40 -27.38
N GLN G 32 -0.65 4.13 -27.74
CA GLN G 32 0.70 3.59 -27.98
C GLN G 32 1.09 3.72 -29.46
N ASN G 33 0.28 3.16 -30.34
CA ASN G 33 0.57 3.23 -31.76
C ASN G 33 0.05 4.51 -32.41
N GLY G 34 -1.22 4.84 -32.16
CA GLY G 34 -1.79 6.03 -32.77
C GLY G 34 -2.97 5.71 -33.65
N LYS G 35 -3.45 4.48 -33.59
CA LYS G 35 -4.60 4.04 -34.39
C LYS G 35 -5.84 3.75 -33.55
N TRP G 36 -6.99 3.69 -34.22
CA TRP G 36 -8.26 3.43 -33.55
C TRP G 36 -8.52 1.96 -33.30
N ASP G 37 -8.93 1.64 -32.08
CA ASP G 37 -9.26 0.26 -31.70
C ASP G 37 -10.74 0.24 -31.35
N SER G 38 -11.33 -0.94 -31.27
CA SER G 38 -12.75 -1.03 -30.92
C SER G 38 -12.91 -1.34 -29.43
N ASP G 39 -14.13 -1.14 -28.91
CA ASP G 39 -14.43 -1.39 -27.50
C ASP G 39 -13.83 -2.71 -27.03
N PRO G 40 -12.95 -2.65 -26.03
CA PRO G 40 -12.26 -3.81 -25.43
C PRO G 40 -13.14 -5.02 -25.13
N SER G 41 -14.34 -4.76 -24.63
CA SER G 41 -15.24 -5.85 -24.27
C SER G 41 -16.14 -6.26 -25.42
N GLY G 42 -16.18 -5.46 -26.48
CA GLY G 42 -17.03 -5.78 -27.59
C GLY G 42 -18.50 -5.64 -27.26
N THR G 43 -18.83 -4.76 -26.31
CA THR G 43 -20.23 -4.56 -25.91
C THR G 43 -20.74 -3.12 -25.81
N LYS G 44 -19.84 -2.17 -25.58
CA LYS G 44 -20.23 -0.77 -25.41
C LYS G 44 -20.57 0.00 -26.69
N THR G 45 -21.76 0.58 -26.72
CA THR G 45 -22.20 1.35 -27.88
C THR G 45 -22.22 2.85 -27.59
N CYS G 46 -22.63 3.65 -28.56
CA CYS G 46 -22.66 5.10 -28.41
C CYS G 46 -23.33 5.56 -27.10
N ILE G 47 -22.72 6.55 -26.46
CA ILE G 47 -23.19 7.12 -25.19
C ILE G 47 -23.87 8.47 -25.47
N ASP G 48 -24.92 8.81 -24.72
CA ASP G 48 -25.57 10.09 -24.98
C ASP G 48 -25.45 11.17 -23.90
N THR G 49 -24.66 10.91 -22.87
CA THR G 49 -24.47 11.90 -21.80
C THR G 49 -22.99 12.19 -21.59
N LYS G 50 -22.66 13.45 -21.32
CA LYS G 50 -21.28 13.82 -21.10
C LYS G 50 -20.67 13.06 -19.94
N GLU G 51 -21.46 12.83 -18.88
CA GLU G 51 -20.97 12.08 -17.72
C GLU G 51 -20.69 10.65 -18.15
N GLY G 52 -21.51 10.15 -19.06
CA GLY G 52 -21.33 8.79 -19.56
C GLY G 52 -20.09 8.68 -20.43
N ILE G 53 -19.84 9.70 -21.26
CA ILE G 53 -18.67 9.71 -22.12
C ILE G 53 -17.42 9.79 -21.24
N LEU G 54 -17.43 10.66 -20.24
CA LEU G 54 -16.27 10.77 -19.36
C LEU G 54 -15.99 9.43 -18.70
N GLN G 55 -17.07 8.72 -18.37
CA GLN G 55 -16.95 7.41 -17.72
C GLN G 55 -16.27 6.42 -18.65
N TYR G 56 -16.75 6.37 -19.89
CA TYR G 56 -16.19 5.47 -20.90
C TYR G 56 -14.71 5.78 -21.09
N CYS G 57 -14.39 7.07 -21.15
CA CYS G 57 -13.00 7.50 -21.28
C CYS G 57 -12.19 6.86 -20.16
N GLN G 58 -12.65 7.04 -18.92
CA GLN G 58 -11.95 6.48 -17.76
C GLN G 58 -11.87 4.98 -17.79
N GLU G 59 -12.92 4.32 -18.31
CA GLU G 59 -12.88 2.88 -18.35
C GLU G 59 -11.85 2.37 -19.35
N VAL G 60 -11.82 2.94 -20.56
CA VAL G 60 -10.85 2.49 -21.57
C VAL G 60 -9.38 2.91 -21.30
N TYR G 61 -9.15 3.93 -20.48
CA TYR G 61 -7.78 4.36 -20.15
C TYR G 61 -7.55 4.32 -18.64
N PRO G 62 -7.65 3.13 -18.05
CA PRO G 62 -7.47 2.97 -16.59
C PRO G 62 -6.17 3.51 -16.03
N GLU G 63 -5.10 3.51 -16.83
CA GLU G 63 -3.81 3.98 -16.36
C GLU G 63 -3.67 5.49 -16.37
N LEU G 64 -4.68 6.18 -16.88
CA LEU G 64 -4.61 7.64 -16.94
C LEU G 64 -5.66 8.29 -16.07
N GLN G 65 -5.37 9.50 -15.61
CA GLN G 65 -6.31 10.23 -14.77
C GLN G 65 -7.19 11.12 -15.65
N ILE G 66 -8.17 10.53 -16.34
CA ILE G 66 -9.04 11.31 -17.18
C ILE G 66 -9.93 12.13 -16.26
N THR G 67 -9.91 13.45 -16.43
CA THR G 67 -10.64 14.35 -15.56
C THR G 67 -11.78 15.13 -16.19
N ASN G 68 -11.91 15.05 -17.51
CA ASN G 68 -12.98 15.78 -18.19
C ASN G 68 -12.97 15.36 -19.66
N VAL G 69 -13.89 15.88 -20.45
CA VAL G 69 -13.94 15.58 -21.88
C VAL G 69 -14.36 16.82 -22.64
N VAL G 70 -14.05 16.87 -23.93
CA VAL G 70 -14.39 18.00 -24.79
C VAL G 70 -14.42 17.48 -26.21
N GLU G 71 -15.35 17.96 -27.02
CA GLU G 71 -15.40 17.49 -28.40
C GLU G 71 -14.18 18.01 -29.16
N ALA G 72 -13.77 17.27 -30.17
CA ALA G 72 -12.65 17.68 -31.01
C ALA G 72 -13.23 18.75 -31.94
N ASN G 73 -12.39 19.66 -32.41
CA ASN G 73 -12.87 20.74 -33.28
C ASN G 73 -13.15 20.27 -34.70
N GLN G 74 -12.58 19.14 -35.10
CA GLN G 74 -12.80 18.65 -36.45
C GLN G 74 -13.01 17.15 -36.53
N PRO G 75 -13.90 16.72 -37.43
CA PRO G 75 -14.21 15.30 -37.63
C PRO G 75 -13.05 14.53 -38.24
N VAL G 76 -13.03 13.23 -37.96
CA VAL G 76 -11.99 12.36 -38.46
C VAL G 76 -12.71 11.19 -39.11
N THR G 77 -12.03 10.52 -40.02
CA THR G 77 -12.62 9.41 -40.74
C THR G 77 -12.12 8.11 -40.11
N ILE G 78 -13.06 7.25 -39.70
CA ILE G 78 -12.72 5.97 -39.07
C ILE G 78 -13.34 4.83 -39.84
N GLN G 79 -12.57 3.77 -40.03
CA GLN G 79 -13.04 2.59 -40.76
C GLN G 79 -12.98 1.35 -39.87
N ASN G 80 -13.71 0.32 -40.29
CA ASN G 80 -13.74 -0.97 -39.60
C ASN G 80 -14.48 -0.95 -38.27
N TRP G 81 -15.64 -0.31 -38.25
CA TRP G 81 -16.43 -0.27 -37.05
C TRP G 81 -17.08 -1.63 -36.87
N CYS G 82 -17.03 -2.17 -35.66
CA CYS G 82 -17.64 -3.46 -35.41
C CYS G 82 -19.05 -3.24 -34.86
N LYS G 83 -19.89 -4.27 -34.96
CA LYS G 83 -21.26 -4.19 -34.47
C LYS G 83 -21.39 -5.21 -33.34
N ARG G 84 -22.06 -4.84 -32.26
CA ARG G 84 -22.22 -5.77 -31.15
C ARG G 84 -22.88 -7.02 -31.70
N GLY G 85 -22.27 -8.18 -31.42
CA GLY G 85 -22.82 -9.43 -31.89
C GLY G 85 -22.25 -9.94 -33.19
N ARG G 86 -22.16 -9.06 -34.19
CA ARG G 86 -21.63 -9.41 -35.51
C ARG G 86 -20.12 -9.69 -35.46
N LYS G 87 -19.68 -10.70 -36.19
CA LYS G 87 -18.25 -11.04 -36.19
C LYS G 87 -17.42 -10.24 -37.18
N GLN G 88 -18.01 -9.82 -38.30
CA GLN G 88 -17.26 -9.06 -39.27
C GLN G 88 -17.40 -7.56 -39.09
N CYS G 89 -16.25 -6.88 -38.98
CA CYS G 89 -16.21 -5.44 -38.83
C CYS G 89 -15.85 -4.89 -40.21
N LYS G 90 -16.86 -4.68 -41.03
CA LYS G 90 -16.68 -4.17 -42.37
C LYS G 90 -15.97 -2.82 -42.43
N THR G 91 -14.96 -2.72 -43.30
CA THR G 91 -14.22 -1.48 -43.49
C THR G 91 -15.18 -0.54 -44.19
N HIS G 92 -16.14 0.01 -43.44
CA HIS G 92 -17.15 0.93 -43.97
C HIS G 92 -17.03 2.29 -43.31
N PRO G 93 -16.08 3.12 -43.79
CA PRO G 93 -15.75 4.47 -43.34
C PRO G 93 -16.87 5.38 -42.86
N HIS G 94 -16.60 6.06 -41.75
CA HIS G 94 -17.52 7.02 -41.15
C HIS G 94 -16.72 8.24 -40.70
N PHE G 95 -17.30 9.42 -40.89
CA PHE G 95 -16.67 10.67 -40.51
C PHE G 95 -17.32 11.08 -39.20
N VAL G 96 -16.56 11.12 -38.12
CA VAL G 96 -17.15 11.49 -36.83
C VAL G 96 -16.25 12.41 -36.01
N ILE G 97 -16.89 13.16 -35.11
CA ILE G 97 -16.18 14.08 -34.23
C ILE G 97 -15.89 13.37 -32.92
N PRO G 98 -14.63 13.01 -32.68
CA PRO G 98 -14.26 12.32 -31.44
C PRO G 98 -14.45 13.21 -30.22
N TYR G 99 -14.31 12.59 -29.05
CA TYR G 99 -14.37 13.32 -27.80
C TYR G 99 -12.96 13.12 -27.24
N ARG G 100 -12.31 14.22 -26.91
CA ARG G 100 -10.98 14.13 -26.35
C ARG G 100 -11.07 13.86 -24.85
N CYS G 101 -10.40 12.83 -24.39
CA CYS G 101 -10.38 12.49 -22.97
C CYS G 101 -9.29 13.33 -22.29
N LEU G 102 -9.68 14.49 -21.77
CA LEU G 102 -8.76 15.40 -21.09
C LEU G 102 -8.13 14.75 -19.85
N VAL G 103 -6.81 14.89 -19.71
CA VAL G 103 -6.07 14.28 -18.61
C VAL G 103 -5.52 15.25 -17.56
N GLY G 104 -5.56 14.82 -16.30
CA GLY G 104 -5.06 15.60 -15.17
C GLY G 104 -5.55 17.02 -15.01
N GLU G 105 -4.68 17.89 -14.49
CA GLU G 105 -5.01 19.29 -14.28
C GLU G 105 -5.19 19.95 -15.64
N PHE G 106 -6.31 20.63 -15.81
CA PHE G 106 -6.61 21.27 -17.08
C PHE G 106 -5.64 22.38 -17.45
N VAL G 107 -5.28 22.39 -18.74
CA VAL G 107 -4.42 23.40 -19.32
C VAL G 107 -5.00 23.69 -20.68
N SER G 108 -5.13 24.97 -21.01
CA SER G 108 -5.68 25.39 -22.28
C SER G 108 -4.82 24.88 -23.45
N ASP G 109 -5.46 24.54 -24.57
CA ASP G 109 -4.73 24.08 -25.77
C ASP G 109 -3.79 25.17 -26.27
N ALA G 110 -2.60 24.76 -26.72
CA ALA G 110 -1.66 25.72 -27.29
C ALA G 110 -2.17 25.87 -28.72
N LEU G 111 -2.22 27.10 -29.23
CA LEU G 111 -2.71 27.31 -30.58
C LEU G 111 -1.65 27.90 -31.48
N LEU G 112 -1.64 27.47 -32.74
CA LEU G 112 -0.68 28.02 -33.68
C LEU G 112 -1.28 29.29 -34.26
N VAL G 113 -0.50 30.37 -34.18
CA VAL G 113 -0.95 31.64 -34.72
C VAL G 113 -0.14 31.96 -35.99
N PRO G 114 -0.75 31.76 -37.18
CA PRO G 114 0.03 32.08 -38.37
C PRO G 114 0.22 33.57 -38.49
N ASP G 115 1.36 33.97 -39.04
CA ASP G 115 1.72 35.37 -39.22
C ASP G 115 0.56 36.27 -39.62
N LYS G 116 0.50 37.44 -38.99
CA LYS G 116 -0.54 38.44 -39.29
C LYS G 116 -1.91 38.10 -38.74
N CYS G 117 -2.06 36.91 -38.16
CA CYS G 117 -3.35 36.56 -37.57
C CYS G 117 -3.24 36.99 -36.12
N LYS G 118 -4.37 37.02 -35.43
CA LYS G 118 -4.38 37.45 -34.03
C LYS G 118 -4.91 36.43 -33.04
N PHE G 119 -4.27 36.37 -31.88
CA PHE G 119 -4.69 35.49 -30.81
C PHE G 119 -5.65 36.29 -29.92
N LEU G 120 -6.86 35.77 -29.73
CA LEU G 120 -7.86 36.45 -28.91
C LEU G 120 -8.51 35.47 -27.96
N HIS G 121 -9.11 35.98 -26.88
CA HIS G 121 -9.79 35.14 -25.91
C HIS G 121 -10.90 35.89 -25.19
N GLN G 122 -11.96 35.17 -24.82
CA GLN G 122 -13.09 35.76 -24.15
C GLN G 122 -13.58 34.83 -23.05
N GLU G 123 -13.94 35.41 -21.91
CA GLU G 123 -14.45 34.62 -20.79
C GLU G 123 -15.41 35.43 -19.93
N ARG G 124 -16.15 34.72 -19.10
CA ARG G 124 -17.11 35.30 -18.18
C ARG G 124 -17.20 34.37 -16.98
N MET G 125 -16.79 34.83 -15.81
CA MET G 125 -16.85 34.00 -14.62
C MET G 125 -18.29 33.64 -14.26
N ASP G 126 -19.22 34.34 -14.92
CA ASP G 126 -20.65 34.15 -14.70
C ASP G 126 -21.39 33.23 -15.68
N VAL G 127 -20.68 32.61 -16.61
CA VAL G 127 -21.34 31.70 -17.54
C VAL G 127 -20.63 30.37 -17.69
N CYS G 128 -21.41 29.31 -17.93
CA CYS G 128 -20.85 27.99 -18.10
C CYS G 128 -21.57 27.30 -19.26
N GLU G 129 -20.99 27.40 -20.45
CA GLU G 129 -21.57 26.81 -21.65
C GLU G 129 -20.79 25.67 -22.30
N THR G 130 -21.33 25.20 -23.42
CA THR G 130 -20.78 24.09 -24.18
C THR G 130 -19.77 24.47 -25.27
N HIS G 131 -19.12 23.43 -25.79
CA HIS G 131 -18.12 23.55 -26.84
C HIS G 131 -18.72 24.27 -28.05
N LEU G 132 -19.92 23.84 -28.43
CA LEU G 132 -20.61 24.45 -29.56
C LEU G 132 -20.82 25.93 -29.32
N HIS G 133 -21.24 26.28 -28.11
CA HIS G 133 -21.47 27.69 -27.79
C HIS G 133 -20.22 28.53 -28.06
N TRP G 134 -19.11 28.18 -27.42
CA TRP G 134 -17.86 28.91 -27.59
C TRP G 134 -17.33 28.90 -29.01
N HIS G 135 -17.57 27.80 -29.74
CA HIS G 135 -17.13 27.74 -31.12
C HIS G 135 -17.82 28.91 -31.85
N THR G 136 -19.13 28.97 -31.71
CA THR G 136 -19.93 30.02 -32.34
C THR G 136 -19.45 31.40 -31.90
N VAL G 137 -19.16 31.56 -30.61
CA VAL G 137 -18.69 32.84 -30.10
C VAL G 137 -17.47 33.29 -30.90
N ALA G 138 -16.45 32.42 -30.94
CA ALA G 138 -15.21 32.71 -31.65
C ALA G 138 -15.45 32.94 -33.14
N LYS G 139 -16.28 32.10 -33.75
CA LYS G 139 -16.55 32.28 -35.17
C LYS G 139 -17.19 33.64 -35.45
N GLU G 140 -18.23 33.96 -34.69
CA GLU G 140 -18.92 35.24 -34.89
C GLU G 140 -17.98 36.43 -34.61
N THR G 141 -17.08 36.28 -33.64
CA THR G 141 -16.15 37.36 -33.34
C THR G 141 -15.19 37.64 -34.49
N CYS G 142 -14.70 36.60 -35.15
CA CYS G 142 -13.79 36.80 -36.28
C CYS G 142 -14.62 37.24 -37.50
N SER G 143 -15.82 36.68 -37.62
CA SER G 143 -16.72 37.02 -38.74
C SER G 143 -17.00 38.53 -38.69
N GLU G 144 -17.32 39.02 -37.51
CA GLU G 144 -17.59 40.44 -37.31
C GLU G 144 -16.46 41.31 -37.88
N LYS G 145 -15.22 40.99 -37.53
CA LYS G 145 -14.08 41.78 -38.00
C LYS G 145 -13.73 41.46 -39.46
N SER G 146 -14.60 40.70 -40.13
CA SER G 146 -14.33 40.31 -41.51
C SER G 146 -13.03 39.54 -41.61
N THR G 147 -12.92 38.47 -40.83
CA THR G 147 -11.72 37.62 -40.80
C THR G 147 -12.14 36.16 -40.75
N ASN G 148 -11.15 35.27 -40.71
CA ASN G 148 -11.43 33.85 -40.66
C ASN G 148 -10.99 33.21 -39.35
N LEU G 149 -11.82 32.30 -38.85
CA LEU G 149 -11.50 31.58 -37.62
C LEU G 149 -10.59 30.43 -38.01
N HIS G 150 -9.35 30.46 -37.54
CA HIS G 150 -8.39 29.43 -37.88
C HIS G 150 -8.25 28.33 -36.84
N ASP G 151 -8.49 28.65 -35.57
CA ASP G 151 -8.34 27.66 -34.52
C ASP G 151 -8.92 28.23 -33.23
N TYR G 152 -9.38 27.35 -32.34
CA TYR G 152 -9.93 27.78 -31.06
C TYR G 152 -9.81 26.68 -30.01
N GLY G 153 -9.93 27.08 -28.75
CA GLY G 153 -9.84 26.12 -27.66
C GLY G 153 -10.66 26.59 -26.47
N MET G 154 -11.06 25.64 -25.62
CA MET G 154 -11.85 25.98 -24.45
C MET G 154 -10.94 26.54 -23.33
N LEU G 155 -11.55 27.35 -22.46
CA LEU G 155 -10.86 27.95 -21.32
C LEU G 155 -11.71 27.75 -20.06
N LEU G 156 -11.07 27.73 -18.90
CA LEU G 156 -11.77 27.56 -17.63
C LEU G 156 -12.92 26.54 -17.60
N PRO G 157 -12.59 25.26 -17.40
CA PRO G 157 -13.72 24.32 -17.36
C PRO G 157 -14.52 24.53 -16.05
N CYS G 158 -15.85 24.42 -16.14
CA CYS G 158 -16.74 24.61 -14.99
C CYS G 158 -17.67 23.41 -14.82
N GLY G 159 -17.38 22.35 -15.56
CA GLY G 159 -18.21 21.16 -15.49
C GLY G 159 -17.82 20.15 -16.55
N ILE G 160 -18.47 18.99 -16.53
CA ILE G 160 -18.21 17.94 -17.49
C ILE G 160 -18.48 18.48 -18.91
N ASP G 161 -17.40 18.82 -19.61
CA ASP G 161 -17.49 19.36 -20.97
C ASP G 161 -18.26 20.68 -21.03
N LYS G 162 -17.95 21.57 -20.10
CA LYS G 162 -18.58 22.88 -20.04
C LYS G 162 -17.45 23.84 -19.69
N PHE G 163 -17.44 25.03 -20.31
CA PHE G 163 -16.36 26.00 -20.08
C PHE G 163 -16.82 27.46 -19.98
N ARG G 164 -16.04 28.27 -19.28
CA ARG G 164 -16.36 29.69 -19.09
C ARG G 164 -15.78 30.62 -20.14
N GLY G 165 -15.05 30.07 -21.10
CA GLY G 165 -14.45 30.93 -22.11
C GLY G 165 -13.89 30.20 -23.31
N VAL G 166 -13.27 30.96 -24.20
CA VAL G 166 -12.70 30.43 -25.43
C VAL G 166 -11.49 31.24 -25.87
N GLU G 167 -10.48 30.53 -26.37
CA GLU G 167 -9.28 31.16 -26.92
C GLU G 167 -9.37 30.85 -28.42
N PHE G 168 -9.05 31.80 -29.27
CA PHE G 168 -9.16 31.53 -30.69
C PHE G 168 -8.18 32.34 -31.52
N VAL G 169 -8.10 32.03 -32.81
CA VAL G 169 -7.20 32.74 -33.69
C VAL G 169 -7.98 33.25 -34.87
N CYS G 170 -7.85 34.54 -35.15
CA CYS G 170 -8.54 35.14 -36.29
C CYS G 170 -7.50 35.47 -37.34
N CYS G 171 -7.87 35.28 -38.60
CA CYS G 171 -6.95 35.57 -39.69
C CYS G 171 -7.50 36.46 -40.78
N PRO G 172 -6.63 37.30 -41.36
CA PRO G 172 -6.97 38.23 -42.43
C PRO G 172 -7.40 37.42 -43.64
N LEU G 173 -8.31 37.96 -44.45
CA LEU G 173 -8.73 37.25 -45.64
C LEU G 173 -7.53 37.23 -46.61
N ALA G 174 -6.61 38.17 -46.42
CA ALA G 174 -5.40 38.25 -47.26
C ALA G 174 -4.33 39.13 -46.64
N ILE G 175 -3.09 38.93 -47.06
CA ILE G 175 -1.96 39.70 -46.56
C ILE G 175 -1.23 40.35 -47.75
N GLU G 176 -1.11 41.68 -47.71
CA GLU G 176 -0.46 42.44 -48.77
C GLU G 176 -0.97 42.06 -50.16
N GLY G 177 -2.28 41.81 -50.28
CA GLY G 177 -2.84 41.44 -51.57
C GLY G 177 -3.09 39.97 -51.79
N ARG G 178 -2.15 39.14 -51.34
CA ARG G 178 -2.32 37.70 -51.51
C ARG G 178 -3.20 37.02 -50.48
N LYS G 179 -4.19 36.28 -50.98
CA LYS G 179 -5.13 35.55 -50.15
C LYS G 179 -4.40 34.60 -49.20
N LEU G 180 -4.95 34.42 -48.00
CA LEU G 180 -4.38 33.51 -47.00
C LEU G 180 -5.36 32.36 -46.81
N ALA G 181 -5.07 31.21 -47.42
CA ALA G 181 -5.97 30.05 -47.33
C ALA G 181 -5.53 28.88 -46.45
N ALA G 182 -6.41 27.88 -46.35
CA ALA G 182 -6.19 26.65 -45.59
C ALA G 182 -7.49 25.84 -45.55
N ALA G 183 -7.39 24.54 -45.83
CA ALA G 183 -8.57 23.67 -45.81
C ALA G 183 -8.73 23.05 -44.42
N LEU G 184 -9.96 23.01 -43.92
CA LEU G 184 -10.23 22.46 -42.58
C LEU G 184 -11.11 21.20 -42.68
N GLU G 185 -12.00 21.04 -41.69
CA GLU G 185 -12.96 19.92 -41.57
C GLU G 185 -12.98 18.90 -42.71
N ALA H 10 1.88 39.73 -29.67
CA ALA H 10 1.59 39.48 -28.24
C ALA H 10 2.75 38.70 -27.60
N GLY H 11 2.42 37.82 -26.65
CA GLY H 11 3.43 37.01 -25.99
C GLY H 11 3.49 35.63 -26.63
N LEU H 12 3.67 35.62 -27.95
CA LEU H 12 3.74 34.40 -28.75
C LEU H 12 5.16 33.87 -28.80
N LEU H 13 5.31 32.56 -28.77
CA LEU H 13 6.65 31.99 -28.84
C LEU H 13 6.90 31.20 -30.13
N ALA H 14 8.19 30.94 -30.41
CA ALA H 14 8.59 30.20 -31.60
C ALA H 14 8.03 28.77 -31.64
N GLU H 15 7.62 28.30 -32.80
CA GLU H 15 7.07 26.95 -32.92
C GLU H 15 8.10 25.91 -32.48
N PRO H 16 7.71 25.00 -31.58
CA PRO H 16 8.65 23.97 -31.11
C PRO H 16 9.08 22.99 -32.21
N GLN H 17 10.38 22.70 -32.27
CA GLN H 17 10.88 21.78 -33.28
C GLN H 17 12.27 21.24 -32.94
N ILE H 18 12.60 20.05 -33.45
CA ILE H 18 13.90 19.47 -33.19
C ILE H 18 14.64 19.21 -34.50
N ALA H 19 15.96 19.30 -34.43
CA ALA H 19 16.82 19.09 -35.59
C ALA H 19 17.94 18.11 -35.22
N MET H 20 18.19 17.15 -36.10
CA MET H 20 19.22 16.14 -35.86
C MET H 20 20.32 16.06 -36.93
N PHE H 21 21.48 15.58 -36.50
CA PHE H 21 22.62 15.39 -37.39
C PHE H 21 23.52 14.35 -36.76
N CYS H 22 23.31 13.09 -37.16
CA CYS H 22 24.07 11.98 -36.61
C CYS H 22 25.52 12.31 -36.35
N GLY H 23 26.01 11.90 -35.18
CA GLY H 23 27.37 12.18 -34.80
C GLY H 23 27.44 13.40 -33.92
N ARG H 24 26.28 14.01 -33.68
CA ARG H 24 26.19 15.19 -32.84
C ARG H 24 24.92 15.11 -32.00
N LEU H 25 24.82 15.98 -31.00
CA LEU H 25 23.66 16.01 -30.13
C LEU H 25 22.52 16.74 -30.82
N ASN H 26 21.30 16.24 -30.63
CA ASN H 26 20.14 16.87 -31.23
C ASN H 26 20.02 18.34 -30.86
N MET H 27 19.27 19.07 -31.65
CA MET H 27 19.04 20.48 -31.40
C MET H 27 17.54 20.64 -31.32
N HIS H 28 17.08 21.67 -30.60
CA HIS H 28 15.64 21.91 -30.53
C HIS H 28 15.52 23.42 -30.47
N MET H 29 14.39 23.92 -30.94
CA MET H 29 14.10 25.34 -30.95
C MET H 29 13.71 25.87 -29.55
N ASN H 30 14.43 26.87 -29.07
CA ASN H 30 14.13 27.48 -27.79
C ASN H 30 12.91 28.37 -28.11
N VAL H 31 11.71 27.90 -27.77
CA VAL H 31 10.49 28.66 -28.08
C VAL H 31 10.42 30.09 -27.54
N GLN H 32 11.28 30.42 -26.58
CA GLN H 32 11.26 31.76 -25.98
C GLN H 32 12.07 32.81 -26.73
N ASN H 33 13.26 32.43 -27.21
CA ASN H 33 14.15 33.35 -27.91
C ASN H 33 14.31 33.08 -29.41
N GLY H 34 13.69 32.03 -29.91
CA GLY H 34 13.80 31.73 -31.33
C GLY H 34 15.07 31.07 -31.85
N LYS H 35 16.10 30.95 -31.01
CA LYS H 35 17.36 30.33 -31.42
C LYS H 35 17.42 28.84 -31.09
N TRP H 36 18.37 28.12 -31.68
CA TRP H 36 18.50 26.69 -31.41
C TRP H 36 19.35 26.43 -30.18
N ASP H 37 19.00 25.37 -29.46
CA ASP H 37 19.74 24.96 -28.26
C ASP H 37 20.08 23.50 -28.44
N SER H 38 21.14 23.05 -27.78
CA SER H 38 21.53 21.64 -27.87
C SER H 38 20.71 20.76 -26.91
N ASP H 39 21.00 19.47 -26.89
CA ASP H 39 20.30 18.54 -26.01
C ASP H 39 20.52 18.92 -24.54
N PRO H 40 19.43 19.12 -23.77
CA PRO H 40 19.52 19.49 -22.35
C PRO H 40 20.32 18.51 -21.50
N SER H 41 20.22 17.21 -21.80
CA SER H 41 20.95 16.21 -21.03
C SER H 41 22.34 15.95 -21.59
N GLY H 42 22.62 16.51 -22.76
CA GLY H 42 23.92 16.34 -23.37
C GLY H 42 24.24 14.92 -23.82
N THR H 43 23.24 14.13 -24.17
CA THR H 43 23.51 12.76 -24.61
C THR H 43 22.59 12.22 -25.69
N LYS H 44 21.44 12.85 -25.89
CA LYS H 44 20.52 12.36 -26.91
C LYS H 44 21.07 12.72 -28.30
N THR H 45 21.06 11.74 -29.21
CA THR H 45 21.56 11.97 -30.56
C THR H 45 20.52 11.55 -31.60
N CYS H 46 20.85 11.72 -32.87
CA CYS H 46 19.94 11.41 -33.97
C CYS H 46 19.05 10.19 -33.74
N ILE H 47 17.76 10.37 -34.00
CA ILE H 47 16.74 9.34 -33.82
C ILE H 47 16.41 8.77 -35.18
N ASP H 48 15.95 7.52 -35.24
CA ASP H 48 15.61 6.91 -36.52
C ASP H 48 14.22 6.33 -36.59
N THR H 49 13.33 6.88 -35.78
CA THR H 49 11.94 6.45 -35.75
C THR H 49 11.04 7.66 -35.52
N LYS H 50 9.89 7.67 -36.17
CA LYS H 50 8.94 8.75 -36.02
C LYS H 50 8.55 8.79 -34.55
N GLU H 51 8.19 7.63 -34.01
CA GLU H 51 7.80 7.48 -32.61
C GLU H 51 8.89 8.06 -31.70
N GLY H 52 10.15 7.75 -32.04
CA GLY H 52 11.26 8.24 -31.27
C GLY H 52 11.43 9.73 -31.33
N ILE H 53 11.12 10.32 -32.48
CA ILE H 53 11.23 11.77 -32.63
C ILE H 53 10.12 12.43 -31.79
N LEU H 54 8.94 11.82 -31.81
CA LEU H 54 7.81 12.33 -31.06
C LEU H 54 8.17 12.36 -29.58
N GLN H 55 8.72 11.26 -29.09
CA GLN H 55 9.12 11.15 -27.69
C GLN H 55 10.21 12.14 -27.31
N TYR H 56 11.13 12.42 -28.24
CA TYR H 56 12.20 13.37 -27.93
C TYR H 56 11.60 14.78 -27.83
N CYS H 57 10.60 15.07 -28.66
CA CYS H 57 9.95 16.38 -28.62
C CYS H 57 9.36 16.57 -27.21
N GLN H 58 8.60 15.56 -26.76
CA GLN H 58 7.98 15.59 -25.44
C GLN H 58 9.01 15.82 -24.34
N GLU H 59 10.17 15.19 -24.48
CA GLU H 59 11.23 15.33 -23.48
C GLU H 59 11.79 16.76 -23.33
N VAL H 60 12.01 17.47 -24.43
CA VAL H 60 12.59 18.82 -24.35
C VAL H 60 11.53 19.92 -24.25
N TYR H 61 10.26 19.53 -24.42
CA TYR H 61 9.13 20.44 -24.31
C TYR H 61 8.10 19.81 -23.35
N PRO H 62 8.55 19.51 -22.10
CA PRO H 62 7.68 18.89 -21.09
C PRO H 62 6.39 19.65 -20.78
N GLU H 63 6.42 20.97 -20.89
CA GLU H 63 5.23 21.76 -20.60
C GLU H 63 4.28 21.92 -21.78
N LEU H 64 4.49 21.17 -22.86
CA LEU H 64 3.60 21.25 -24.01
C LEU H 64 3.03 19.87 -24.29
N GLN H 65 1.80 19.81 -24.79
CA GLN H 65 1.20 18.53 -25.13
C GLN H 65 1.51 18.19 -26.59
N ILE H 66 2.66 17.59 -26.82
CA ILE H 66 3.06 17.23 -28.18
C ILE H 66 2.35 15.94 -28.58
N THR H 67 1.55 16.02 -29.63
CA THR H 67 0.76 14.89 -30.09
C THR H 67 1.12 14.31 -31.46
N ASN H 68 2.19 14.81 -32.06
CA ASN H 68 2.62 14.33 -33.35
C ASN H 68 3.80 15.12 -33.85
N VAL H 69 4.40 14.64 -34.94
CA VAL H 69 5.54 15.32 -35.53
C VAL H 69 5.38 15.29 -37.04
N VAL H 70 6.04 16.23 -37.69
CA VAL H 70 6.01 16.38 -39.14
C VAL H 70 7.26 17.12 -39.57
N GLU H 71 7.82 16.70 -40.69
CA GLU H 71 9.01 17.32 -41.24
C GLU H 71 8.68 18.74 -41.69
N ALA H 72 9.61 19.66 -41.49
CA ALA H 72 9.43 21.02 -41.96
C ALA H 72 9.58 20.86 -43.48
N ASN H 73 9.09 21.81 -44.27
CA ASN H 73 9.22 21.69 -45.72
C ASN H 73 10.63 21.96 -46.26
N GLN H 74 11.34 22.93 -45.68
CA GLN H 74 12.66 23.24 -46.16
C GLN H 74 13.74 23.12 -45.09
N PRO H 75 14.96 22.72 -45.48
CA PRO H 75 16.04 22.59 -44.51
C PRO H 75 16.50 23.97 -44.03
N VAL H 76 17.14 24.00 -42.87
CA VAL H 76 17.66 25.26 -42.33
C VAL H 76 19.11 25.03 -41.94
N THR H 77 19.89 26.09 -41.85
CA THR H 77 21.27 25.92 -41.47
C THR H 77 21.46 26.24 -39.99
N ILE H 78 22.01 25.26 -39.27
CA ILE H 78 22.21 25.38 -37.84
C ILE H 78 23.68 25.32 -37.48
N GLN H 79 24.15 26.34 -36.77
CA GLN H 79 25.54 26.42 -36.39
C GLN H 79 25.88 25.88 -35.00
N ASN H 80 27.14 25.50 -34.84
CA ASN H 80 27.67 25.01 -33.58
C ASN H 80 26.95 23.82 -32.95
N TRP H 81 27.14 22.63 -33.51
CA TRP H 81 26.55 21.45 -32.95
C TRP H 81 27.48 20.95 -31.85
N CYS H 82 26.98 20.12 -30.94
CA CYS H 82 27.80 19.60 -29.86
C CYS H 82 27.97 18.08 -29.90
N LYS H 83 29.06 17.62 -29.30
CA LYS H 83 29.34 16.19 -29.20
C LYS H 83 28.90 15.82 -27.79
N ARG H 84 28.64 14.53 -27.55
CA ARG H 84 28.19 14.08 -26.23
C ARG H 84 28.89 14.81 -25.08
N GLY H 85 28.11 15.27 -24.10
CA GLY H 85 28.70 15.96 -22.96
C GLY H 85 28.79 17.46 -23.07
N ARG H 86 28.48 17.98 -24.25
CA ARG H 86 28.49 19.43 -24.50
C ARG H 86 29.71 20.22 -24.00
N LYS H 87 30.90 19.65 -24.19
CA LYS H 87 32.09 20.37 -23.78
C LYS H 87 32.83 20.91 -25.02
N GLN H 88 32.51 20.37 -26.19
CA GLN H 88 33.07 20.81 -27.47
C GLN H 88 31.90 21.17 -28.39
N CYS H 89 31.58 22.45 -28.53
CA CYS H 89 30.46 22.85 -29.38
C CYS H 89 30.77 23.83 -30.51
N LYS H 90 32.04 24.06 -30.80
CA LYS H 90 32.42 24.95 -31.90
C LYS H 90 32.45 24.05 -33.14
N THR H 91 31.53 24.25 -34.06
CA THR H 91 31.48 23.41 -35.24
C THR H 91 31.01 24.06 -36.53
N HIS H 92 31.22 23.31 -37.60
CA HIS H 92 30.89 23.63 -38.98
C HIS H 92 29.37 23.59 -39.16
N PRO H 93 28.76 24.70 -39.62
CA PRO H 93 27.30 24.76 -39.84
C PRO H 93 26.76 23.54 -40.56
N HIS H 94 25.48 23.26 -40.41
CA HIS H 94 24.87 22.10 -41.08
C HIS H 94 23.52 22.42 -41.64
N PHE H 95 23.25 21.90 -42.83
CA PHE H 95 21.98 22.12 -43.51
C PHE H 95 21.12 20.90 -43.17
N VAL H 96 20.12 21.07 -42.32
CA VAL H 96 19.25 19.97 -41.92
C VAL H 96 17.77 20.35 -42.00
N ILE H 97 16.91 19.36 -42.18
CA ILE H 97 15.47 19.60 -42.25
C ILE H 97 14.90 19.27 -40.87
N PRO H 98 14.48 20.30 -40.12
CA PRO H 98 13.92 20.10 -38.79
C PRO H 98 12.60 19.35 -38.77
N TYR H 99 12.20 18.92 -37.58
CA TYR H 99 10.92 18.25 -37.39
C TYR H 99 10.09 19.19 -36.52
N ARG H 100 8.90 19.52 -36.97
CA ARG H 100 8.04 20.38 -36.17
C ARG H 100 7.35 19.48 -35.14
N CYS H 101 7.41 19.90 -33.88
CA CYS H 101 6.75 19.16 -32.79
C CYS H 101 5.33 19.71 -32.79
N LEU H 102 4.36 18.93 -33.22
CA LEU H 102 2.99 19.44 -33.25
C LEU H 102 2.32 19.35 -31.87
N VAL H 103 1.75 20.46 -31.43
CA VAL H 103 1.09 20.49 -30.13
C VAL H 103 -0.43 20.45 -30.15
N GLY H 104 -1.00 19.81 -29.14
CA GLY H 104 -2.44 19.75 -29.03
C GLY H 104 -3.23 19.17 -30.17
N GLU H 105 -4.30 19.85 -30.55
CA GLU H 105 -5.19 19.38 -31.63
C GLU H 105 -4.70 19.92 -32.97
N PHE H 106 -4.61 19.04 -33.96
CA PHE H 106 -4.10 19.39 -35.29
C PHE H 106 -5.05 20.22 -36.13
N VAL H 107 -4.51 21.28 -36.71
CA VAL H 107 -5.26 22.14 -37.60
C VAL H 107 -4.34 22.47 -38.80
N SER H 108 -4.90 22.37 -40.01
CA SER H 108 -4.17 22.64 -41.24
C SER H 108 -3.41 23.95 -41.21
N ASP H 109 -2.21 23.97 -41.77
CA ASP H 109 -1.44 25.20 -41.81
C ASP H 109 -2.13 26.19 -42.74
N ALA H 110 -1.89 27.47 -42.51
CA ALA H 110 -2.46 28.49 -43.36
C ALA H 110 -1.42 28.71 -44.44
N LEU H 111 -1.85 28.76 -45.69
CA LEU H 111 -0.93 28.97 -46.82
C LEU H 111 -1.18 30.27 -47.56
N LEU H 112 -0.10 30.99 -47.84
CA LEU H 112 -0.21 32.23 -48.60
C LEU H 112 -0.29 31.88 -50.08
N VAL H 113 -1.27 32.47 -50.77
CA VAL H 113 -1.43 32.24 -52.21
C VAL H 113 -0.95 33.49 -52.95
N PRO H 114 0.34 33.54 -53.31
CA PRO H 114 0.82 34.73 -54.03
C PRO H 114 0.18 34.92 -55.41
N ASP H 115 0.41 36.10 -56.00
CA ASP H 115 -0.14 36.49 -57.30
C ASP H 115 0.04 35.47 -58.42
N LYS H 116 -1.07 35.19 -59.11
CA LYS H 116 -1.09 34.25 -60.22
C LYS H 116 -1.04 32.78 -59.83
N CYS H 117 -0.98 32.49 -58.53
CA CYS H 117 -0.96 31.09 -58.11
C CYS H 117 -2.35 30.66 -57.66
N LYS H 118 -2.55 29.36 -57.46
CA LYS H 118 -3.83 28.87 -56.99
C LYS H 118 -3.66 27.90 -55.81
N PHE H 119 -4.70 27.85 -54.97
CA PHE H 119 -4.71 27.00 -53.80
C PHE H 119 -5.46 25.70 -54.11
N LEU H 120 -4.82 24.57 -53.83
CA LEU H 120 -5.40 23.26 -54.09
C LEU H 120 -5.22 22.33 -52.90
N HIS H 121 -6.10 21.35 -52.80
CA HIS H 121 -6.00 20.39 -51.71
C HIS H 121 -6.53 19.06 -52.18
N GLN H 122 -5.97 17.99 -51.65
CA GLN H 122 -6.39 16.66 -52.02
C GLN H 122 -6.40 15.78 -50.77
N GLU H 123 -7.48 15.03 -50.60
CA GLU H 123 -7.62 14.15 -49.46
C GLU H 123 -8.28 12.83 -49.80
N ARG H 124 -7.58 11.74 -49.52
CA ARG H 124 -8.12 10.41 -49.78
C ARG H 124 -8.35 9.75 -48.41
N MET H 125 -9.62 9.61 -48.03
CA MET H 125 -9.98 9.03 -46.72
C MET H 125 -9.66 7.54 -46.57
N ASP H 126 -9.28 6.91 -47.67
CA ASP H 126 -8.96 5.49 -47.70
C ASP H 126 -7.46 5.18 -47.59
N VAL H 127 -6.62 6.22 -47.61
CA VAL H 127 -5.18 6.02 -47.53
C VAL H 127 -4.57 6.70 -46.31
N CYS H 128 -3.38 6.26 -45.90
CA CYS H 128 -2.69 6.85 -44.77
C CYS H 128 -1.19 6.83 -45.07
N GLU H 129 -0.75 7.86 -45.77
CA GLU H 129 0.64 8.00 -46.22
C GLU H 129 1.56 8.88 -45.42
N THR H 130 2.82 8.90 -45.82
CA THR H 130 3.83 9.70 -45.14
C THR H 130 3.88 11.11 -45.70
N HIS H 131 4.73 11.93 -45.11
CA HIS H 131 4.90 13.31 -45.53
C HIS H 131 5.46 13.35 -46.94
N LEU H 132 6.48 12.53 -47.18
CA LEU H 132 7.11 12.43 -48.50
C LEU H 132 6.09 12.10 -49.58
N HIS H 133 5.21 11.14 -49.32
CA HIS H 133 4.21 10.76 -50.30
C HIS H 133 3.41 11.99 -50.73
N TRP H 134 2.88 12.72 -49.75
CA TRP H 134 2.06 13.89 -50.03
C TRP H 134 2.83 15.03 -50.65
N HIS H 135 4.11 15.12 -50.34
CA HIS H 135 4.96 16.15 -50.95
C HIS H 135 4.93 15.85 -52.45
N THR H 136 5.20 14.59 -52.78
CA THR H 136 5.23 14.11 -54.14
C THR H 136 3.90 14.31 -54.83
N VAL H 137 2.80 13.91 -54.18
CA VAL H 137 1.48 14.09 -54.76
C VAL H 137 1.25 15.56 -55.12
N ALA H 138 1.73 16.46 -54.26
CA ALA H 138 1.55 17.89 -54.49
C ALA H 138 2.43 18.38 -55.65
N LYS H 139 3.70 17.98 -55.62
CA LYS H 139 4.65 18.38 -56.64
C LYS H 139 4.18 17.95 -58.02
N GLU H 140 3.76 16.69 -58.11
CA GLU H 140 3.27 16.12 -59.34
C GLU H 140 2.01 16.80 -59.83
N THR H 141 1.11 17.11 -58.92
CA THR H 141 -0.16 17.74 -59.29
C THR H 141 0.06 19.09 -59.93
N CYS H 142 1.05 19.83 -59.43
CA CYS H 142 1.35 21.13 -59.99
C CYS H 142 1.99 20.95 -61.36
N SER H 143 2.86 19.94 -61.47
CA SER H 143 3.55 19.64 -62.73
C SER H 143 2.52 19.30 -63.82
N GLU H 144 1.57 18.42 -63.50
CA GLU H 144 0.54 18.01 -64.45
C GLU H 144 -0.12 19.21 -65.12
N LYS H 145 -0.22 20.31 -64.38
CA LYS H 145 -0.86 21.51 -64.90
C LYS H 145 0.20 22.53 -65.28
N SER H 146 1.39 22.03 -65.60
CA SER H 146 2.50 22.88 -65.99
C SER H 146 2.69 24.09 -65.09
N THR H 147 2.79 23.84 -63.80
CA THR H 147 3.02 24.88 -62.82
C THR H 147 4.00 24.31 -61.81
N ASN H 148 4.37 25.13 -60.84
CA ASN H 148 5.33 24.70 -59.83
C ASN H 148 4.76 24.73 -58.38
N LEU H 149 5.21 23.79 -57.55
CA LEU H 149 4.75 23.71 -56.17
C LEU H 149 5.47 24.78 -55.38
N HIS H 150 4.71 25.72 -54.82
CA HIS H 150 5.27 26.81 -54.05
C HIS H 150 5.32 26.53 -52.54
N ASP H 151 4.24 25.96 -52.02
CA ASP H 151 4.17 25.62 -50.61
C ASP H 151 3.09 24.56 -50.40
N TYR H 152 3.15 23.90 -49.26
CA TYR H 152 2.17 22.88 -48.97
C TYR H 152 2.16 22.54 -47.48
N GLY H 153 1.10 21.83 -47.06
CA GLY H 153 0.96 21.43 -45.68
C GLY H 153 0.15 20.15 -45.60
N MET H 154 0.33 19.40 -44.52
CA MET H 154 -0.39 18.13 -44.35
C MET H 154 -1.85 18.31 -43.93
N LEU H 155 -2.68 17.32 -44.26
CA LEU H 155 -4.09 17.34 -43.88
C LEU H 155 -4.48 16.01 -43.23
N LEU H 156 -5.53 16.04 -42.41
CA LEU H 156 -6.06 14.85 -41.74
C LEU H 156 -5.06 13.84 -41.19
N PRO H 157 -4.44 14.10 -40.03
CA PRO H 157 -3.49 13.10 -39.52
C PRO H 157 -4.17 11.75 -39.22
N CYS H 158 -3.44 10.65 -39.44
CA CYS H 158 -3.95 9.29 -39.22
C CYS H 158 -2.89 8.42 -38.56
N GLY H 159 -1.81 9.03 -38.08
CA GLY H 159 -0.77 8.27 -37.41
C GLY H 159 0.39 9.18 -37.07
N ILE H 160 1.44 8.66 -36.45
CA ILE H 160 2.58 9.51 -36.09
C ILE H 160 3.30 9.87 -37.39
N ASP H 161 3.16 11.12 -37.80
CA ASP H 161 3.74 11.63 -39.04
C ASP H 161 3.15 10.88 -40.24
N LYS H 162 1.86 10.62 -40.19
CA LYS H 162 1.14 9.93 -41.27
C LYS H 162 -0.14 10.73 -41.53
N PHE H 163 -0.39 11.09 -42.79
CA PHE H 163 -1.59 11.88 -43.11
C PHE H 163 -2.47 11.36 -44.23
N ARG H 164 -3.71 11.84 -44.28
CA ARG H 164 -4.69 11.44 -45.28
C ARG H 164 -4.84 12.41 -46.45
N GLY H 165 -4.06 13.49 -46.46
CA GLY H 165 -4.19 14.46 -47.53
C GLY H 165 -3.12 15.52 -47.55
N VAL H 166 -3.30 16.48 -48.45
CA VAL H 166 -2.36 17.59 -48.61
C VAL H 166 -3.03 18.81 -49.21
N GLU H 167 -2.59 19.98 -48.76
CA GLU H 167 -3.10 21.25 -49.26
C GLU H 167 -1.84 21.93 -49.83
N PHE H 168 -1.96 22.53 -51.01
CA PHE H 168 -0.79 23.16 -51.59
C PHE H 168 -1.14 24.34 -52.49
N VAL H 169 -0.10 25.08 -52.88
CA VAL H 169 -0.26 26.23 -53.77
C VAL H 169 0.67 26.08 -54.97
N CYS H 170 0.08 26.07 -56.16
CA CYS H 170 0.86 25.94 -57.39
C CYS H 170 1.08 27.34 -57.98
N CYS H 171 2.25 27.55 -58.58
CA CYS H 171 2.59 28.84 -59.17
C CYS H 171 3.18 28.73 -60.58
N PRO H 172 3.25 29.86 -61.31
CA PRO H 172 3.79 29.93 -62.67
C PRO H 172 5.24 29.48 -62.63
N LEU H 173 5.63 28.60 -63.53
CA LEU H 173 7.00 28.10 -63.52
C LEU H 173 8.11 29.16 -63.60
N ALA H 174 8.02 30.06 -64.57
CA ALA H 174 9.03 31.11 -64.77
C ALA H 174 10.42 30.51 -64.88
N ILE H 175 10.54 29.48 -65.72
CA ILE H 175 11.82 28.81 -65.90
C ILE H 175 12.25 28.75 -67.36
N GLU H 176 13.53 28.94 -67.59
CA GLU H 176 14.11 28.92 -68.95
C GLU H 176 14.37 27.52 -69.50
N GLY H 177 13.56 27.08 -70.45
CA GLY H 177 13.80 25.77 -71.04
C GLY H 177 14.87 25.86 -72.12
N ARG H 178 15.03 24.81 -72.91
CA ARG H 178 16.03 24.79 -73.97
C ARG H 178 15.87 23.64 -74.95
N LYS H 179 16.50 23.79 -76.11
CA LYS H 179 16.49 22.75 -77.12
C LYS H 179 17.89 22.58 -77.66
N LEU H 180 18.06 21.57 -78.52
CA LEU H 180 19.36 21.25 -79.12
C LEU H 180 19.39 21.43 -80.65
N ALA H 181 20.41 22.15 -81.14
CA ALA H 181 20.62 22.35 -82.59
C ALA H 181 21.72 21.32 -82.90
N ALA H 182 21.38 20.24 -83.59
CA ALA H 182 22.37 19.21 -83.88
C ALA H 182 22.34 18.72 -85.32
N ALA H 183 23.50 18.26 -85.80
CA ALA H 183 23.66 17.74 -87.16
C ALA H 183 22.49 16.87 -87.62
N LEU H 184 22.36 15.67 -87.03
CA LEU H 184 21.29 14.70 -87.35
C LEU H 184 20.73 14.69 -88.78
#